data_8RP0
#
_entry.id   8RP0
#
_cell.length_a   80.184
_cell.length_b   109.946
_cell.length_c   175.619
_cell.angle_alpha   90.000
_cell.angle_beta   90.000
_cell.angle_gamma   90.000
#
_symmetry.space_group_name_H-M   'P 21 21 21'
#
loop_
_entity.id
_entity.type
_entity.pdbx_description
1 polymer 'Aminodeoxychorismate synthase component 2'
2 polymer 'Aminodeoxychorismate synthase component 1'
3 non-polymer 'GLUTAMIC ACID'
4 non-polymer GLYCEROL
5 non-polymer 'SULFATE ION'
6 non-polymer '(3R,4R)-3-[(1-carboxyethenyl)oxy]-4-hydroxycyclohexa-1,5-diene-1-carboxylic acid'
7 non-polymer TRYPTOPHAN
8 non-polymer 'MAGNESIUM ION'
9 non-polymer 'CHLORIDE ION'
10 water water
#
loop_
_entity_poly.entity_id
_entity_poly.type
_entity_poly.pdbx_seq_one_letter_code
_entity_poly.pdbx_strand_id
1 'polypeptide(L)'
;GGMILLIDNYDSFTWNLYQYFCELGADVLVKRNDALTLADIDALKPQKIVISPGPCTPDEAGISLDVIRHYAGRLPILGV
CLGHQAMAQAFGGKVVRAAKVMHGKTSPITHNGEGVFRGLANPLTVTRYHSLVVEPDSLPACFDVTAWSETREIMGIRHR
QWDLEGVQFHPESILSEQGHQLLANFLHR
;
AAA,BBB
2 'polypeptide(L)'
;GHMKTLSPAVITLLWRQDAAEFYFSRLSHLPWAMLLHSGYADHPYSRFDIVVAEPICTLTTFGKETVVSESEKRTTTTDD
PLQVLQQVLDRADIRPTHNEDLPFQGGALGLFGYDLGRRFESLPEIAEQDIVLPDMAVGIYDWALIVDHQRHTVSLLSHN
DVNARRAWLESQQFSPQEDFTLTSDWQSNMTREQYGEKFRQVQEYLHSGDCYQVNLAQRFHATYSGDEWQAFLQLNQANR
APFSAFLRLEQGAILSLSPERFILCDNSEIQTRPIKGTLPRLPDPQEDSKQAVKLANSAKDRAENLMIVDLMRNDIGRVA
VAGSVKVPELFVVEPFPAVHHLVSTITAQLPEQLHASDLLRAAFPGGSITGAPKVRAMEIIDELEPQRRNAWCGSIGYLS
FCGNMDTSITIRTLTAINGQIFCSAGGGIVADSQEEAEYQETFDKVNRILKQLEK
;
CCC,DDD
#
# COMPACT_ATOMS: atom_id res chain seq x y z
N GLY A 2 7.98 20.30 -13.70
CA GLY A 2 6.66 19.67 -13.98
C GLY A 2 6.72 18.60 -15.07
N MET A 3 7.70 18.69 -15.99
CA MET A 3 7.87 17.91 -17.26
C MET A 3 8.77 16.66 -17.04
N ILE A 4 8.20 15.45 -17.10
CA ILE A 4 8.93 14.17 -16.85
C ILE A 4 9.04 13.40 -18.17
N LEU A 5 10.25 13.01 -18.54
CA LEU A 5 10.49 12.16 -19.71
C LEU A 5 10.60 10.71 -19.21
N LEU A 6 9.69 9.88 -19.69
CA LEU A 6 9.64 8.43 -19.40
C LEU A 6 10.19 7.72 -20.64
N ILE A 7 11.35 7.11 -20.47
CA ILE A 7 12.01 6.27 -21.51
C ILE A 7 11.42 4.86 -21.47
N ASP A 8 10.73 4.48 -22.55
CA ASP A 8 10.00 3.20 -22.67
C ASP A 8 10.91 2.15 -23.29
N ASN A 9 11.29 1.14 -22.51
CA ASN A 9 12.09 -0.03 -22.97
C ASN A 9 11.17 -1.12 -23.55
N TYR A 10 10.32 -0.74 -24.51
CA TYR A 10 9.39 -1.66 -25.24
C TYR A 10 8.60 -2.54 -24.28
N ASP A 11 8.12 -1.92 -23.22
CA ASP A 11 7.58 -2.65 -22.04
C ASP A 11 6.06 -2.61 -22.05
N SER A 12 5.46 -3.48 -21.25
CA SER A 12 4.01 -3.59 -21.06
C SER A 12 3.57 -3.11 -19.67
N PHE A 13 4.45 -2.39 -18.96
CA PHE A 13 4.09 -1.72 -17.68
C PHE A 13 4.38 -0.22 -17.72
N THR A 14 5.14 0.30 -18.69
CA THR A 14 5.49 1.74 -18.78
C THR A 14 4.30 2.67 -18.62
N TRP A 15 3.15 2.34 -19.22
CA TRP A 15 2.01 3.29 -19.20
C TRP A 15 1.30 3.25 -17.84
N ASN A 16 1.57 2.24 -16.98
CA ASN A 16 1.10 2.31 -15.57
C ASN A 16 1.90 3.42 -14.86
N LEU A 17 3.20 3.51 -15.13
CA LEU A 17 4.01 4.64 -14.57
C LEU A 17 3.52 5.99 -15.09
N TYR A 18 3.22 6.07 -16.39
CA TYR A 18 2.60 7.27 -16.98
C TYR A 18 1.32 7.63 -16.22
N GLN A 19 0.41 6.66 -16.04
CA GLN A 19 -0.88 6.94 -15.38
C GLN A 19 -0.64 7.47 -13.95
N TYR A 20 0.21 6.82 -13.17
CA TYR A 20 0.43 7.27 -11.77
C TYR A 20 1.03 8.67 -11.74
N PHE A 21 2.03 8.96 -12.57
CA PHE A 21 2.63 10.32 -12.57
C PHE A 21 1.61 11.37 -13.04
N CYS A 22 0.81 11.07 -14.08
CA CYS A 22 -0.27 12.00 -14.49
C CYS A 22 -1.28 12.20 -13.38
N GLU A 23 -1.65 11.17 -12.62
CA GLU A 23 -2.59 11.34 -11.51
C GLU A 23 -2.02 12.27 -10.45
N LEU A 24 -0.69 12.25 -10.27
CA LEU A 24 0.00 13.08 -9.28
C LEU A 24 0.08 14.52 -9.78
N GLY A 25 -0.26 14.79 -11.04
CA GLY A 25 -0.26 16.17 -11.59
C GLY A 25 0.95 16.46 -12.45
N ALA A 26 1.79 15.48 -12.75
CA ALA A 26 2.94 15.66 -13.68
C ALA A 26 2.49 15.74 -15.15
N ASP A 27 3.23 16.47 -15.99
CA ASP A 27 3.20 16.36 -17.46
C ASP A 27 4.21 15.30 -17.89
N VAL A 28 3.78 14.27 -18.60
CA VAL A 28 4.67 13.11 -18.85
C VAL A 28 4.77 12.86 -20.36
N LEU A 29 6.00 12.83 -20.87
CA LEU A 29 6.24 12.46 -22.30
C LEU A 29 6.86 11.07 -22.34
N VAL A 30 6.24 10.14 -23.06
CA VAL A 30 6.76 8.75 -23.20
C VAL A 30 7.44 8.63 -24.56
N LYS A 31 8.70 8.19 -24.54
CA LYS A 31 9.47 7.91 -25.78
C LYS A 31 10.14 6.56 -25.68
N ARG A 32 10.06 5.80 -26.77
CA ARG A 32 10.75 4.50 -26.82
C ARG A 32 12.27 4.74 -26.80
N ASN A 33 13.02 3.74 -26.36
CA ASN A 33 14.47 3.81 -26.02
C ASN A 33 15.32 3.95 -27.30
N ASP A 34 14.71 3.84 -28.50
CA ASP A 34 15.43 4.04 -29.78
C ASP A 34 14.76 5.16 -30.60
N ALA A 35 13.92 5.98 -29.99
CA ALA A 35 13.17 7.04 -30.70
C ALA A 35 13.75 8.43 -30.41
N LEU A 36 14.85 8.52 -29.65
CA LEU A 36 15.42 9.77 -29.10
C LEU A 36 16.93 9.63 -29.13
N THR A 37 17.65 10.72 -29.34
CA THR A 37 19.11 10.86 -29.09
C THR A 37 19.29 11.72 -27.84
N LEU A 38 20.50 11.81 -27.30
CA LEU A 38 20.82 12.75 -26.18
C LEU A 38 20.53 14.19 -26.59
N ALA A 39 20.86 14.58 -27.83
CA ALA A 39 20.63 15.94 -28.35
C ALA A 39 19.13 16.25 -28.28
N ASP A 40 18.29 15.28 -28.70
CA ASP A 40 16.82 15.42 -28.66
C ASP A 40 16.41 15.72 -27.21
N ILE A 41 17.03 15.07 -26.22
CA ILE A 41 16.61 15.23 -24.79
C ILE A 41 16.99 16.63 -24.33
N ASP A 42 18.18 17.11 -24.71
CA ASP A 42 18.62 18.48 -24.37
C ASP A 42 17.58 19.49 -24.90
N ALA A 43 17.02 19.32 -26.09
CA ALA A 43 16.04 20.29 -26.65
C ALA A 43 14.70 20.20 -25.90
N LEU A 44 14.29 19.00 -25.43
CA LEU A 44 13.00 18.80 -24.71
C LEU A 44 13.06 19.42 -23.31
N LYS A 45 14.24 19.49 -22.70
CA LYS A 45 14.46 20.14 -21.39
C LYS A 45 13.56 19.51 -20.31
N PRO A 46 13.54 18.16 -20.16
CA PRO A 46 12.74 17.57 -19.07
C PRO A 46 13.28 18.01 -17.70
N GLN A 47 12.43 18.06 -16.67
CA GLN A 47 12.85 18.40 -15.26
C GLN A 47 13.39 17.12 -14.62
N LYS A 48 12.84 15.96 -14.98
CA LYS A 48 13.28 14.65 -14.43
C LYS A 48 13.14 13.58 -15.50
N ILE A 49 13.83 12.46 -15.30
CA ILE A 49 13.80 11.34 -16.25
C ILE A 49 13.48 10.07 -15.46
N VAL A 50 12.64 9.24 -16.04
CA VAL A 50 12.33 7.88 -15.50
C VAL A 50 12.71 6.87 -16.56
N ILE A 51 13.46 5.84 -16.16
CA ILE A 51 13.85 4.71 -17.04
C ILE A 51 12.94 3.54 -16.73
N SER A 52 12.14 3.13 -17.72
CA SER A 52 11.06 2.12 -17.55
C SER A 52 11.62 0.72 -17.35
N PRO A 53 10.73 -0.20 -16.93
CA PRO A 53 11.01 -1.65 -16.96
C PRO A 53 11.18 -2.13 -18.39
N GLY A 54 11.65 -3.37 -18.57
CA GLY A 54 11.55 -4.00 -19.89
C GLY A 54 12.18 -5.37 -19.92
N PRO A 55 12.13 -6.03 -21.10
CA PRO A 55 12.69 -7.37 -21.28
C PRO A 55 14.20 -7.28 -21.36
N CYS A 56 14.85 -8.42 -21.14
CA CYS A 56 16.30 -8.61 -21.36
C CYS A 56 17.13 -7.78 -20.36
N THR A 57 18.29 -7.26 -20.77
CA THR A 57 19.31 -6.68 -19.87
C THR A 57 19.52 -5.21 -20.24
N PRO A 58 20.21 -4.41 -19.40
CA PRO A 58 20.49 -3.03 -19.77
C PRO A 58 21.18 -2.88 -21.13
N ASP A 59 21.96 -3.85 -21.56
CA ASP A 59 22.68 -3.74 -22.87
C ASP A 59 21.66 -3.68 -24.01
N GLU A 60 20.46 -4.21 -23.84
CA GLU A 60 19.42 -4.23 -24.90
C GLU A 60 18.44 -3.07 -24.68
N ALA A 61 18.71 -2.12 -23.78
CA ALA A 61 17.78 -1.03 -23.38
C ALA A 61 18.01 0.27 -24.17
N GLY A 62 18.46 0.21 -25.43
CA GLY A 62 18.64 1.42 -26.26
C GLY A 62 19.47 2.49 -25.58
N ILE A 63 19.00 3.74 -25.55
CA ILE A 63 19.75 4.93 -25.03
C ILE A 63 19.82 4.93 -23.46
N SER A 64 19.18 3.99 -22.75
CA SER A 64 18.96 4.12 -21.26
C SER A 64 20.30 4.31 -20.52
N LEU A 65 21.33 3.50 -20.80
CA LEU A 65 22.64 3.60 -20.10
C LEU A 65 23.31 4.96 -20.35
N ASP A 66 23.28 5.42 -21.59
CA ASP A 66 23.86 6.74 -21.96
C ASP A 66 23.12 7.86 -21.26
N VAL A 67 21.78 7.77 -21.18
CA VAL A 67 21.00 8.82 -20.50
C VAL A 67 21.46 8.87 -19.02
N ILE A 68 21.57 7.71 -18.37
CA ILE A 68 21.94 7.63 -16.93
C ILE A 68 23.32 8.28 -16.72
N ARG A 69 24.28 7.92 -17.58
CA ARG A 69 25.68 8.40 -17.42
C ARG A 69 25.73 9.90 -17.64
N HIS A 70 25.00 10.43 -18.61
CA HIS A 70 25.08 11.87 -18.98
C HIS A 70 24.33 12.73 -17.96
N TYR A 71 23.14 12.33 -17.52
CA TYR A 71 22.30 13.26 -16.73
C TYR A 71 22.49 13.06 -15.23
N ALA A 72 23.27 12.05 -14.83
CA ALA A 72 23.67 11.82 -13.42
C ALA A 72 24.19 13.11 -12.82
N GLY A 73 23.53 13.61 -11.78
CA GLY A 73 23.91 14.86 -11.09
C GLY A 73 23.35 16.12 -11.74
N ARG A 74 22.75 16.02 -12.93
CA ARG A 74 22.22 17.16 -13.72
C ARG A 74 20.69 17.26 -13.55
N LEU A 75 20.01 16.12 -13.68
CA LEU A 75 18.52 16.00 -13.53
C LEU A 75 18.28 14.80 -12.64
N PRO A 76 17.22 14.83 -11.78
CA PRO A 76 16.82 13.63 -11.07
C PRO A 76 16.47 12.50 -12.03
N ILE A 77 16.90 11.27 -11.70
CA ILE A 77 16.56 10.05 -12.46
C ILE A 77 16.04 8.97 -11.50
N LEU A 78 14.91 8.37 -11.89
CA LEU A 78 14.32 7.17 -11.24
C LEU A 78 14.43 6.00 -12.22
N GLY A 79 14.93 4.85 -11.77
CA GLY A 79 15.00 3.60 -12.54
C GLY A 79 14.09 2.54 -11.95
N VAL A 80 13.19 1.97 -12.76
CA VAL A 80 12.21 0.93 -12.32
C VAL A 80 12.55 -0.40 -12.99
N CYS A 81 12.93 -1.38 -12.17
CA CYS A 81 13.26 -2.77 -12.61
C CYS A 81 14.47 -2.74 -13.56
N LEU A 82 14.28 -2.90 -14.87
CA LEU A 82 15.42 -2.72 -15.83
C LEU A 82 16.11 -1.38 -15.60
N GLY A 83 15.35 -0.31 -15.30
CA GLY A 83 15.95 1.02 -15.09
C GLY A 83 16.90 1.01 -13.89
N HIS A 84 16.53 0.27 -12.85
CA HIS A 84 17.35 0.11 -11.60
C HIS A 84 18.63 -0.70 -11.92
N GLN A 85 18.50 -1.79 -12.65
CA GLN A 85 19.62 -2.63 -13.11
C GLN A 85 20.58 -1.77 -13.93
N ALA A 86 20.03 -0.94 -14.82
CA ALA A 86 20.84 -0.07 -15.71
C ALA A 86 21.62 0.93 -14.85
N MET A 87 21.01 1.45 -13.81
CA MET A 87 21.66 2.44 -12.94
C MET A 87 22.88 1.83 -12.25
N ALA A 88 22.73 0.63 -11.71
CA ALA A 88 23.84 -0.11 -11.09
C ALA A 88 24.93 -0.38 -12.16
N GLN A 89 24.53 -0.84 -13.35
CA GLN A 89 25.52 -1.18 -14.43
C GLN A 89 26.24 0.07 -14.88
N ALA A 90 25.56 1.21 -14.99
CA ALA A 90 26.16 2.47 -15.49
C ALA A 90 27.37 2.89 -14.64
N PHE A 91 27.40 2.60 -13.35
CA PHE A 91 28.50 3.01 -12.43
C PHE A 91 29.43 1.83 -12.15
N GLY A 92 29.25 0.69 -12.84
CA GLY A 92 30.18 -0.46 -12.80
C GLY A 92 29.66 -1.65 -12.01
N GLY A 93 28.38 -1.69 -11.67
CA GLY A 93 27.79 -2.88 -11.01
C GLY A 93 27.51 -3.97 -12.03
N LYS A 94 27.00 -5.12 -11.59
CA LYS A 94 26.76 -6.28 -12.50
C LYS A 94 25.34 -6.83 -12.29
N VAL A 95 24.70 -7.23 -13.39
CA VAL A 95 23.30 -7.74 -13.38
C VAL A 95 23.37 -9.25 -13.63
N VAL A 96 22.83 -10.05 -12.70
CA VAL A 96 23.00 -11.53 -12.65
C VAL A 96 21.61 -12.15 -12.45
N ARG A 97 21.46 -13.44 -12.75
CA ARG A 97 20.21 -14.19 -12.52
C ARG A 97 19.97 -14.22 -11.01
N ALA A 98 18.72 -14.00 -10.60
CA ALA A 98 18.24 -14.26 -9.23
C ALA A 98 18.23 -15.76 -8.95
N ALA A 99 18.28 -16.12 -7.67
CA ALA A 99 18.11 -17.51 -7.18
C ALA A 99 16.79 -18.07 -7.69
N LYS A 100 15.71 -17.28 -7.60
CA LYS A 100 14.34 -17.67 -8.02
C LYS A 100 13.76 -16.52 -8.84
N VAL A 101 13.31 -16.80 -10.07
CA VAL A 101 12.55 -15.78 -10.84
C VAL A 101 11.25 -15.48 -10.07
N MET A 102 10.81 -14.23 -10.15
CA MET A 102 9.56 -13.77 -9.50
C MET A 102 8.75 -12.93 -10.50
N HIS A 103 7.71 -13.52 -11.06
CA HIS A 103 6.90 -12.95 -12.18
C HIS A 103 5.44 -12.97 -11.77
N GLY A 104 4.86 -11.81 -11.44
CA GLY A 104 3.46 -11.73 -11.03
C GLY A 104 3.26 -12.35 -9.66
N LYS A 105 4.30 -12.17 -8.82
CA LYS A 105 4.26 -12.62 -7.39
C LYS A 105 4.66 -11.42 -6.51
N THR A 106 3.97 -11.24 -5.39
CA THR A 106 4.33 -10.19 -4.40
C THR A 106 5.35 -10.75 -3.41
N SER A 107 6.11 -9.86 -2.80
CA SER A 107 7.14 -10.19 -1.77
C SER A 107 7.12 -9.08 -0.74
N PRO A 108 7.31 -9.38 0.56
CA PRO A 108 7.53 -8.33 1.55
C PRO A 108 8.99 -7.88 1.54
N ILE A 109 9.22 -6.58 1.36
CA ILE A 109 10.61 -6.02 1.38
C ILE A 109 10.75 -5.16 2.62
N THR A 110 11.96 -5.12 3.15
CA THR A 110 12.29 -4.24 4.29
C THR A 110 13.13 -3.09 3.76
N HIS A 111 12.87 -1.90 4.26
CA HIS A 111 13.58 -0.70 3.78
C HIS A 111 13.96 0.18 4.97
N ASN A 112 14.78 1.19 4.70
CA ASN A 112 15.36 2.10 5.72
C ASN A 112 14.58 3.42 5.80
N GLY A 113 13.45 3.59 5.11
CA GLY A 113 12.68 4.83 5.16
C GLY A 113 13.39 6.00 4.51
N GLU A 114 14.35 5.74 3.66
CA GLU A 114 15.09 6.80 2.92
C GLU A 114 14.78 6.80 1.43
N GLY A 115 15.12 7.90 0.76
CA GLY A 115 14.86 8.04 -0.68
C GLY A 115 13.36 7.90 -0.92
N VAL A 116 12.98 7.13 -1.94
CA VAL A 116 11.52 7.03 -2.28
C VAL A 116 10.75 6.27 -1.20
N PHE A 117 11.43 5.67 -0.21
CA PHE A 117 10.75 4.99 0.94
C PHE A 117 10.41 5.98 2.03
N ARG A 118 10.73 7.26 1.91
CA ARG A 118 10.37 8.26 2.94
C ARG A 118 8.88 8.19 3.25
N GLY A 119 8.54 7.94 4.51
CA GLY A 119 7.13 7.98 4.93
C GLY A 119 6.38 6.71 4.69
N LEU A 120 6.99 5.67 4.10
CA LEU A 120 6.26 4.43 3.79
C LEU A 120 6.34 3.46 4.98
N ALA A 121 5.30 2.69 5.17
CA ALA A 121 5.31 1.59 6.17
C ALA A 121 6.42 0.61 5.83
N ASN A 122 6.93 -0.09 6.86
CA ASN A 122 8.00 -1.12 6.76
C ASN A 122 7.55 -2.32 7.54
N PRO A 123 7.50 -3.55 6.98
CA PRO A 123 7.85 -3.83 5.58
C PRO A 123 6.75 -3.38 4.61
N LEU A 124 7.05 -3.52 3.29
CA LEU A 124 6.17 -3.12 2.17
C LEU A 124 5.97 -4.31 1.24
N THR A 125 4.72 -4.67 0.90
CA THR A 125 4.43 -5.78 -0.04
C THR A 125 4.42 -5.18 -1.46
N VAL A 126 5.22 -5.78 -2.34
CA VAL A 126 5.45 -5.21 -3.70
C VAL A 126 5.44 -6.36 -4.72
N THR A 127 4.97 -6.04 -5.91
CA THR A 127 4.92 -7.01 -7.02
C THR A 127 6.25 -7.02 -7.75
N ARG A 128 6.73 -8.23 -8.04
CA ARG A 128 7.97 -8.46 -8.78
C ARG A 128 7.66 -9.07 -10.16
N TYR A 129 8.40 -8.57 -11.14
CA TYR A 129 8.43 -9.05 -12.54
C TYR A 129 9.88 -9.08 -12.99
N HIS A 130 10.74 -9.95 -12.42
CA HIS A 130 12.18 -9.93 -12.76
C HIS A 130 12.82 -11.30 -12.57
N SER A 131 13.69 -11.64 -13.49
CA SER A 131 14.54 -12.85 -13.46
C SER A 131 15.94 -12.48 -12.97
N LEU A 132 16.31 -11.21 -13.00
CA LEU A 132 17.68 -10.75 -12.70
C LEU A 132 17.73 -9.76 -11.51
N VAL A 133 18.88 -9.66 -10.87
CA VAL A 133 19.14 -8.73 -9.74
C VAL A 133 20.50 -8.10 -9.90
N VAL A 134 20.71 -7.03 -9.17
CA VAL A 134 22.03 -6.35 -9.03
C VAL A 134 22.84 -7.21 -8.08
N GLU A 135 24.05 -7.59 -8.49
CA GLU A 135 24.94 -8.45 -7.66
C GLU A 135 25.45 -7.60 -6.49
N PRO A 136 25.17 -8.01 -5.23
CA PRO A 136 25.48 -7.17 -4.08
C PRO A 136 26.97 -6.85 -3.89
N ASP A 137 27.87 -7.81 -4.17
CA ASP A 137 29.35 -7.67 -4.01
C ASP A 137 29.93 -6.56 -4.89
N SER A 138 29.45 -6.40 -6.13
CA SER A 138 29.99 -5.41 -7.12
C SER A 138 29.19 -4.10 -7.11
N LEU A 139 28.21 -3.93 -6.21
CA LEU A 139 27.46 -2.65 -6.15
C LEU A 139 28.46 -1.51 -5.99
N PRO A 140 28.50 -0.53 -6.91
CA PRO A 140 29.39 0.62 -6.74
C PRO A 140 29.21 1.32 -5.39
N ALA A 141 30.33 1.83 -4.85
CA ALA A 141 30.42 2.47 -3.52
C ALA A 141 29.56 3.74 -3.46
N CYS A 142 29.30 4.36 -4.60
CA CYS A 142 28.45 5.58 -4.69
C CYS A 142 26.97 5.29 -4.36
N PHE A 143 26.58 4.02 -4.26
CA PHE A 143 25.16 3.62 -3.94
C PHE A 143 24.99 3.08 -2.51
N ASP A 144 23.90 3.50 -1.84
CA ASP A 144 23.41 2.88 -0.58
C ASP A 144 22.28 1.92 -0.98
N VAL A 145 22.24 0.71 -0.45
CA VAL A 145 21.06 -0.17 -0.61
C VAL A 145 19.94 0.38 0.28
N THR A 146 18.77 0.62 -0.30
CA THR A 146 17.62 1.24 0.39
C THR A 146 16.61 0.18 0.82
N ALA A 147 16.64 -1.01 0.21
CA ALA A 147 15.60 -2.05 0.42
C ALA A 147 16.15 -3.45 0.07
N TRP A 148 15.68 -4.44 0.82
CA TRP A 148 16.14 -5.85 0.72
C TRP A 148 14.95 -6.77 0.63
N SER A 149 15.10 -7.89 -0.06
CA SER A 149 14.11 -8.98 -0.02
C SER A 149 14.37 -9.85 1.24
N GLU A 150 13.48 -10.79 1.51
CA GLU A 150 13.62 -11.75 2.63
C GLU A 150 14.92 -12.54 2.48
N THR A 151 15.42 -12.73 1.25
CA THR A 151 16.68 -13.48 1.00
C THR A 151 17.84 -12.52 0.72
N ARG A 152 17.75 -11.26 1.17
CA ARG A 152 18.81 -10.22 1.10
C ARG A 152 19.19 -9.94 -0.36
N GLU A 153 18.23 -9.99 -1.29
CA GLU A 153 18.44 -9.46 -2.66
C GLU A 153 18.22 -7.94 -2.60
N ILE A 154 18.97 -7.19 -3.40
CA ILE A 154 18.83 -5.72 -3.48
C ILE A 154 17.47 -5.42 -4.11
N MET A 155 16.65 -4.65 -3.43
CA MET A 155 15.32 -4.25 -3.95
C MET A 155 15.30 -2.73 -4.23
N GLY A 156 16.34 -2.00 -3.81
CA GLY A 156 16.42 -0.54 -4.06
C GLY A 156 17.85 -0.05 -3.85
N ILE A 157 18.23 0.99 -4.57
CA ILE A 157 19.54 1.66 -4.37
C ILE A 157 19.32 3.15 -4.52
N ARG A 158 20.14 3.95 -3.86
CA ARG A 158 20.10 5.41 -4.08
C ARG A 158 21.52 5.97 -4.02
N HIS A 159 21.80 6.90 -4.92
CA HIS A 159 23.14 7.52 -4.99
C HIS A 159 23.33 8.39 -3.76
N ARG A 160 24.56 8.39 -3.22
CA ARG A 160 24.92 9.11 -1.97
C ARG A 160 24.95 10.64 -2.22
N GLN A 161 25.26 11.09 -3.44
CA GLN A 161 25.49 12.52 -3.78
C GLN A 161 24.29 13.11 -4.56
N TRP A 162 23.76 12.38 -5.51
CA TRP A 162 22.83 12.91 -6.54
C TRP A 162 21.45 12.27 -6.40
N ASP A 163 20.45 12.93 -6.99
CA ASP A 163 19.07 12.37 -7.06
C ASP A 163 19.08 11.34 -8.20
N LEU A 164 19.43 10.10 -7.88
CA LEU A 164 19.60 8.99 -8.80
C LEU A 164 19.25 7.70 -8.05
N GLU A 165 18.07 7.12 -8.32
CA GLU A 165 17.49 6.11 -7.41
C GLU A 165 16.83 5.02 -8.23
N GLY A 166 16.95 3.77 -7.76
CA GLY A 166 16.38 2.59 -8.45
C GLY A 166 15.53 1.78 -7.50
N VAL A 167 14.48 1.15 -8.04
CA VAL A 167 13.73 0.08 -7.32
C VAL A 167 13.64 -1.13 -8.25
N GLN A 168 13.76 -2.33 -7.72
CA GLN A 168 13.80 -3.59 -8.52
C GLN A 168 12.35 -4.05 -8.80
N PHE A 169 11.41 -3.62 -7.99
CA PHE A 169 9.99 -4.05 -8.02
C PHE A 169 9.16 -2.99 -8.75
N HIS A 170 7.84 -3.23 -8.82
CA HIS A 170 6.91 -2.35 -9.56
C HIS A 170 6.00 -1.61 -8.63
N PRO A 171 6.31 -0.36 -8.25
CA PRO A 171 5.37 0.41 -7.41
C PRO A 171 3.98 0.56 -8.09
N GLU A 172 3.97 0.50 -9.41
CA GLU A 172 2.74 0.80 -10.23
C GLU A 172 1.87 -0.44 -10.42
N SER A 173 2.24 -1.61 -9.91
CA SER A 173 1.42 -2.85 -9.97
C SER A 173 0.18 -2.71 -9.07
N ILE A 174 -0.96 -3.32 -9.49
CA ILE A 174 -2.21 -3.25 -8.71
C ILE A 174 -2.02 -3.87 -7.32
N LEU A 175 -1.08 -4.78 -7.12
CA LEU A 175 -0.95 -5.43 -5.77
C LEU A 175 0.21 -4.81 -4.98
N SER A 176 0.91 -3.80 -5.49
CA SER A 176 1.99 -3.14 -4.68
C SER A 176 1.37 -2.17 -3.68
N GLU A 177 1.95 -2.07 -2.49
CA GLU A 177 1.49 -1.13 -1.45
C GLU A 177 2.16 0.22 -1.66
N GLN A 178 1.38 1.27 -1.49
CA GLN A 178 1.82 2.67 -1.37
C GLN A 178 2.63 3.08 -2.62
N GLY A 179 2.28 2.56 -3.80
CA GLY A 179 3.07 2.89 -5.01
C GLY A 179 2.85 4.33 -5.43
N HIS A 180 1.65 4.93 -5.28
CA HIS A 180 1.45 6.37 -5.61
C HIS A 180 2.37 7.22 -4.72
N GLN A 181 2.40 6.93 -3.41
CA GLN A 181 3.18 7.75 -2.44
C GLN A 181 4.70 7.61 -2.78
N LEU A 182 5.14 6.41 -3.08
CA LEU A 182 6.54 6.11 -3.45
C LEU A 182 6.90 7.03 -4.62
N LEU A 183 6.12 7.02 -5.69
CA LEU A 183 6.43 7.85 -6.87
C LEU A 183 6.28 9.32 -6.53
N ALA A 184 5.32 9.72 -5.71
CA ALA A 184 5.14 11.09 -5.23
C ALA A 184 6.45 11.59 -4.58
N ASN A 185 7.14 10.75 -3.81
CA ASN A 185 8.42 11.13 -3.19
C ASN A 185 9.40 11.63 -4.27
N PHE A 186 9.53 10.87 -5.38
CA PHE A 186 10.45 11.24 -6.48
C PHE A 186 9.92 12.54 -7.13
N LEU A 187 8.62 12.64 -7.39
CA LEU A 187 8.03 13.80 -8.08
C LEU A 187 8.22 15.09 -7.28
N HIS A 188 8.00 15.08 -5.96
CA HIS A 188 7.85 16.32 -5.17
C HIS A 188 9.07 16.67 -4.32
N ARG A 189 10.08 15.80 -4.24
CA ARG A 189 11.20 16.09 -3.34
C ARG A 189 12.11 17.14 -3.97
N GLY B 1 33.36 0.56 38.39
CA GLY B 1 32.29 0.13 37.44
C GLY B 1 32.44 -1.31 37.00
N GLY B 2 32.06 -1.61 35.78
CA GLY B 2 31.59 -2.98 35.46
C GLY B 2 32.76 -3.87 35.12
N MET B 3 32.74 -4.54 33.97
CA MET B 3 33.86 -4.29 33.04
C MET B 3 33.75 -2.77 32.85
N ILE B 4 32.59 -2.17 32.48
CA ILE B 4 32.56 -0.75 32.00
C ILE B 4 31.69 0.10 32.92
N LEU B 5 32.26 1.16 33.50
CA LEU B 5 31.53 2.06 34.41
C LEU B 5 31.02 3.25 33.62
N LEU B 6 29.68 3.40 33.55
CA LEU B 6 29.00 4.53 32.89
C LEU B 6 28.59 5.50 34.00
N ILE B 7 29.26 6.64 34.06
CA ILE B 7 28.88 7.74 34.99
C ILE B 7 27.75 8.53 34.37
N ASP B 8 26.58 8.50 35.03
CA ASP B 8 25.35 9.16 34.56
C ASP B 8 25.28 10.58 35.11
N ASN B 9 25.39 11.57 34.22
CA ASN B 9 25.29 13.02 34.53
C ASN B 9 23.85 13.50 34.37
N TYR B 10 22.86 12.64 34.63
CA TYR B 10 21.41 12.94 34.72
C TYR B 10 20.91 13.41 33.34
N ASP B 11 21.33 12.69 32.30
CA ASP B 11 20.90 12.97 30.90
C ASP B 11 19.54 12.32 30.65
N SER B 12 18.81 12.86 29.68
CA SER B 12 17.53 12.29 29.19
C SER B 12 17.76 11.01 28.40
N PHE B 13 18.98 10.72 27.94
CA PHE B 13 19.25 9.61 27.00
C PHE B 13 20.30 8.62 27.49
N THR B 14 20.66 8.66 28.79
CA THR B 14 21.68 7.72 29.34
C THR B 14 21.40 6.27 29.03
N TRP B 15 20.15 5.82 29.10
CA TRP B 15 19.83 4.39 28.91
C TRP B 15 19.97 3.97 27.44
N ASN B 16 19.92 4.93 26.51
CA ASN B 16 20.23 4.64 25.09
C ASN B 16 21.74 4.31 24.97
N LEU B 17 22.60 5.03 25.71
CA LEU B 17 24.05 4.70 25.72
C LEU B 17 24.26 3.31 26.33
N TYR B 18 23.64 3.06 27.47
CA TYR B 18 23.66 1.73 28.10
C TYR B 18 23.23 0.63 27.09
N GLN B 19 22.06 0.83 26.47
CA GLN B 19 21.49 -0.17 25.53
C GLN B 19 22.43 -0.43 24.34
N TYR B 20 23.01 0.59 23.73
CA TYR B 20 23.98 0.37 22.63
C TYR B 20 25.17 -0.47 23.10
N PHE B 21 25.70 -0.16 24.28
CA PHE B 21 26.84 -0.93 24.86
C PHE B 21 26.41 -2.38 25.12
N CYS B 22 25.19 -2.61 25.62
CA CYS B 22 24.66 -3.98 25.82
C CYS B 22 24.59 -4.72 24.48
N GLU B 23 24.18 -4.06 23.42
CA GLU B 23 24.10 -4.72 22.08
C GLU B 23 25.50 -5.14 21.64
N LEU B 24 26.53 -4.39 22.04
CA LEU B 24 27.93 -4.67 21.68
C LEU B 24 28.52 -5.70 22.62
N GLY B 25 27.75 -6.24 23.55
CA GLY B 25 28.17 -7.35 24.43
C GLY B 25 28.94 -6.86 25.66
N ALA B 26 28.85 -5.57 25.99
CA ALA B 26 29.52 -5.00 27.17
C ALA B 26 28.76 -5.32 28.46
N ASP B 27 29.49 -5.44 29.56
CA ASP B 27 28.93 -5.49 30.93
C ASP B 27 29.06 -4.09 31.53
N VAL B 28 27.95 -3.40 31.68
CA VAL B 28 27.97 -1.97 32.04
C VAL B 28 27.32 -1.78 33.42
N LEU B 29 28.03 -1.07 34.30
CA LEU B 29 27.47 -0.60 35.59
C LEU B 29 27.16 0.88 35.48
N VAL B 30 25.91 1.29 35.69
CA VAL B 30 25.48 2.70 35.57
C VAL B 30 25.38 3.28 36.99
N LYS B 31 26.10 4.37 37.25
CA LYS B 31 26.03 5.09 38.55
C LYS B 31 25.92 6.58 38.29
N ARG B 32 25.04 7.24 39.03
CA ARG B 32 24.89 8.71 38.99
C ARG B 32 26.22 9.36 39.44
N ASN B 33 26.42 10.59 39.02
CA ASN B 33 27.70 11.34 39.20
C ASN B 33 27.86 11.74 40.69
N ASP B 34 26.84 11.52 41.51
CA ASP B 34 26.88 11.85 42.96
C ASP B 34 26.62 10.60 43.81
N ALA B 35 26.74 9.40 43.24
CA ALA B 35 26.47 8.14 43.96
C ALA B 35 27.76 7.36 44.22
N LEU B 36 28.93 7.90 43.87
CA LEU B 36 30.22 7.18 43.90
C LEU B 36 31.29 8.16 44.37
N THR B 37 32.28 7.68 45.10
CA THR B 37 33.56 8.38 45.37
C THR B 37 34.67 7.73 44.52
N LEU B 38 35.85 8.33 44.45
CA LEU B 38 37.01 7.70 43.76
C LEU B 38 37.37 6.38 44.43
N ALA B 39 37.32 6.31 45.76
CA ALA B 39 37.64 5.07 46.51
C ALA B 39 36.66 3.96 46.08
N ASP B 40 35.38 4.31 45.97
CA ASP B 40 34.33 3.35 45.51
C ASP B 40 34.73 2.80 44.14
N ILE B 41 35.22 3.66 43.23
CA ILE B 41 35.58 3.22 41.84
C ILE B 41 36.74 2.24 41.92
N ASP B 42 37.77 2.54 42.74
CA ASP B 42 38.94 1.64 42.90
C ASP B 42 38.46 0.24 43.31
N ALA B 43 37.49 0.12 44.22
CA ALA B 43 37.04 -1.22 44.71
C ALA B 43 36.24 -1.96 43.62
N LEU B 44 35.50 -1.24 42.78
CA LEU B 44 34.68 -1.83 41.67
C LEU B 44 35.57 -2.32 40.51
N LYS B 45 36.76 -1.74 40.32
CA LYS B 45 37.76 -2.22 39.32
C LYS B 45 37.14 -2.24 37.91
N PRO B 46 36.59 -1.12 37.43
CA PRO B 46 36.16 -1.02 36.03
C PRO B 46 37.37 -1.18 35.10
N GLN B 47 37.19 -1.77 33.92
CA GLN B 47 38.27 -1.90 32.89
C GLN B 47 38.29 -0.63 32.05
N LYS B 48 37.13 0.01 31.85
CA LYS B 48 37.04 1.33 31.18
C LYS B 48 35.94 2.16 31.82
N ILE B 49 35.96 3.45 31.57
CA ILE B 49 34.98 4.41 32.13
C ILE B 49 34.43 5.23 30.97
N VAL B 50 33.13 5.49 31.01
CA VAL B 50 32.45 6.41 30.08
C VAL B 50 31.80 7.51 30.90
N ILE B 51 32.00 8.75 30.51
CA ILE B 51 31.41 9.94 31.19
C ILE B 51 30.27 10.41 30.30
N SER B 52 29.03 10.28 30.77
CA SER B 52 27.80 10.48 29.98
C SER B 52 27.56 11.95 29.69
N PRO B 53 26.69 12.23 28.71
CA PRO B 53 26.14 13.57 28.52
C PRO B 53 25.32 14.00 29.74
N GLY B 54 24.95 15.28 29.79
CA GLY B 54 24.05 15.79 30.83
C GLY B 54 23.83 17.28 30.64
N PRO B 55 22.81 17.85 31.30
CA PRO B 55 22.42 19.25 31.08
C PRO B 55 23.34 20.24 31.81
N CYS B 56 24.23 19.77 32.68
CA CYS B 56 25.00 20.67 33.55
C CYS B 56 26.33 21.05 32.88
N THR B 57 27.13 21.86 33.59
CA THR B 57 28.53 22.21 33.21
C THR B 57 29.49 21.19 33.82
N PRO B 58 30.74 21.06 33.35
CA PRO B 58 31.66 20.10 33.97
C PRO B 58 31.80 20.30 35.49
N ASP B 59 31.78 21.56 35.96
CA ASP B 59 31.97 21.87 37.41
C ASP B 59 30.85 21.23 38.21
N GLU B 60 29.64 21.18 37.65
CA GLU B 60 28.42 20.72 38.34
C GLU B 60 28.20 19.23 38.07
N ALA B 61 29.10 18.53 37.36
CA ALA B 61 28.93 17.12 36.93
C ALA B 61 29.40 16.11 38.00
N GLY B 62 29.16 16.37 39.28
CA GLY B 62 29.56 15.45 40.37
C GLY B 62 31.02 15.05 40.28
N ILE B 63 31.34 13.76 40.34
CA ILE B 63 32.73 13.24 40.33
C ILE B 63 33.40 13.27 38.94
N SER B 64 32.75 13.69 37.85
CA SER B 64 33.27 13.48 36.47
C SER B 64 34.70 14.03 36.28
N LEU B 65 34.94 15.26 36.72
CA LEU B 65 36.28 15.93 36.58
C LEU B 65 37.33 15.18 37.40
N ASP B 66 36.98 14.78 38.62
CA ASP B 66 37.91 14.03 39.50
C ASP B 66 38.24 12.68 38.87
N VAL B 67 37.25 12.01 38.28
CA VAL B 67 37.50 10.70 37.62
C VAL B 67 38.51 10.92 36.49
N ILE B 68 38.32 11.93 35.66
CA ILE B 68 39.23 12.17 34.49
C ILE B 68 40.66 12.44 35.01
N ARG B 69 40.81 13.27 36.03
CA ARG B 69 42.16 13.62 36.59
C ARG B 69 42.82 12.36 37.17
N HIS B 70 42.06 11.53 37.89
CA HIS B 70 42.61 10.39 38.64
C HIS B 70 42.95 9.22 37.73
N TYR B 71 42.13 8.95 36.68
CA TYR B 71 42.27 7.70 35.89
C TYR B 71 42.91 7.96 34.52
N ALA B 72 43.08 9.23 34.10
CA ALA B 72 43.77 9.57 32.83
C ALA B 72 45.12 8.85 32.78
N GLY B 73 45.34 7.99 31.78
CA GLY B 73 46.57 7.21 31.62
C GLY B 73 46.55 5.90 32.41
N ARG B 74 45.52 5.65 33.23
CA ARG B 74 45.41 4.42 34.06
C ARG B 74 44.38 3.47 33.42
N LEU B 75 43.22 3.99 33.01
CA LEU B 75 42.13 3.23 32.35
C LEU B 75 41.66 3.99 31.12
N PRO B 76 41.19 3.31 30.05
CA PRO B 76 40.56 4.02 28.94
C PRO B 76 39.30 4.78 29.40
N ILE B 77 39.18 6.01 28.91
CA ILE B 77 38.01 6.89 29.21
C ILE B 77 37.45 7.45 27.91
N LEU B 78 36.12 7.33 27.75
CA LEU B 78 35.35 7.96 26.65
C LEU B 78 34.45 9.04 27.28
N GLY B 79 34.53 10.26 26.79
CA GLY B 79 33.65 11.37 27.18
C GLY B 79 32.65 11.70 26.09
N VAL B 80 31.36 11.72 26.43
CA VAL B 80 30.29 12.04 25.44
C VAL B 80 29.58 13.33 25.83
N CYS B 81 29.62 14.34 24.95
CA CYS B 81 28.94 15.66 25.13
C CYS B 81 29.53 16.39 26.36
N LEU B 82 28.81 16.46 27.47
CA LEU B 82 29.36 16.98 28.75
C LEU B 82 30.68 16.25 29.08
N GLY B 83 30.77 14.93 28.85
CA GLY B 83 31.97 14.15 29.18
C GLY B 83 33.17 14.62 28.38
N HIS B 84 32.94 15.00 27.13
CA HIS B 84 33.97 15.48 26.19
C HIS B 84 34.47 16.85 26.67
N GLN B 85 33.53 17.72 27.03
CA GLN B 85 33.89 19.08 27.52
C GLN B 85 34.68 18.94 28.82
N ALA B 86 34.26 18.03 29.70
CA ALA B 86 34.92 17.81 31.01
C ALA B 86 36.37 17.35 30.77
N MET B 87 36.57 16.50 29.78
CA MET B 87 37.90 15.95 29.45
C MET B 87 38.83 17.11 29.01
N ALA B 88 38.36 18.01 28.13
CA ALA B 88 39.14 19.19 27.69
C ALA B 88 39.42 20.08 28.92
N GLN B 89 38.40 20.37 29.74
CA GLN B 89 38.57 21.26 30.93
C GLN B 89 39.58 20.65 31.91
N ALA B 90 39.58 19.34 32.12
CA ALA B 90 40.50 18.69 33.11
C ALA B 90 41.97 18.98 32.79
N PHE B 91 42.33 19.13 31.52
CA PHE B 91 43.73 19.35 31.07
C PHE B 91 44.01 20.84 30.84
N GLY B 92 43.04 21.71 31.12
CA GLY B 92 43.19 23.18 31.08
C GLY B 92 42.53 23.82 29.88
N GLY B 93 41.71 23.09 29.11
CA GLY B 93 40.90 23.69 28.02
C GLY B 93 39.74 24.51 28.56
N LYS B 94 38.98 25.14 27.68
CA LYS B 94 37.85 26.04 28.04
C LYS B 94 36.62 25.69 27.18
N VAL B 95 35.42 25.94 27.71
CA VAL B 95 34.11 25.70 27.02
C VAL B 95 33.50 27.07 26.71
N VAL B 96 33.07 27.30 25.45
CA VAL B 96 32.44 28.59 25.00
C VAL B 96 31.14 28.29 24.25
N ARG B 97 30.31 29.31 24.03
CA ARG B 97 29.03 29.18 23.29
C ARG B 97 29.33 28.77 21.84
N ALA B 98 28.54 27.84 21.31
CA ALA B 98 28.54 27.46 19.88
C ALA B 98 27.90 28.58 19.06
N ALA B 99 28.20 28.62 17.77
CA ALA B 99 27.54 29.51 16.77
C ALA B 99 26.02 29.35 16.86
N LYS B 100 25.56 28.11 16.87
CA LYS B 100 24.12 27.73 16.81
C LYS B 100 23.84 26.68 17.88
N VAL B 101 22.89 26.95 18.76
CA VAL B 101 22.34 25.97 19.73
C VAL B 101 21.63 24.85 18.94
N MET B 102 21.86 23.59 19.32
CA MET B 102 21.40 22.41 18.56
C MET B 102 20.84 21.38 19.55
N HIS B 103 19.53 21.18 19.51
CA HIS B 103 18.79 20.15 20.30
C HIS B 103 17.98 19.26 19.35
N GLY B 104 18.42 18.00 19.19
CA GLY B 104 17.72 17.01 18.36
C GLY B 104 17.84 17.34 16.89
N LYS B 105 18.94 17.98 16.51
CA LYS B 105 19.21 18.39 15.11
C LYS B 105 20.47 17.69 14.65
N THR B 106 20.44 17.15 13.44
CA THR B 106 21.56 16.38 12.86
C THR B 106 22.45 17.35 12.08
N SER B 107 23.74 17.06 12.06
CA SER B 107 24.77 17.88 11.39
C SER B 107 25.74 16.92 10.72
N PRO B 108 26.25 17.27 9.51
CA PRO B 108 27.36 16.49 8.94
C PRO B 108 28.69 16.97 9.52
N ILE B 109 29.49 16.03 10.01
CA ILE B 109 30.83 16.35 10.58
C ILE B 109 31.87 15.65 9.72
N THR B 110 33.08 16.20 9.67
CA THR B 110 34.25 15.61 8.98
C THR B 110 35.27 15.19 10.03
N HIS B 111 35.94 14.07 9.83
CA HIS B 111 36.86 13.48 10.83
C HIS B 111 38.14 12.93 10.18
N ASN B 112 39.11 12.51 11.00
CA ASN B 112 40.46 12.09 10.51
C ASN B 112 40.56 10.56 10.45
N GLY B 113 39.46 9.82 10.66
CA GLY B 113 39.46 8.35 10.58
C GLY B 113 40.31 7.72 11.65
N GLU B 114 40.56 8.44 12.75
CA GLU B 114 41.39 7.93 13.86
C GLU B 114 40.55 7.79 15.14
N GLY B 115 41.07 7.07 16.13
CA GLY B 115 40.36 6.80 17.39
C GLY B 115 39.01 6.18 17.10
N VAL B 116 37.94 6.67 17.72
CA VAL B 116 36.59 6.05 17.55
C VAL B 116 36.08 6.23 16.09
N PHE B 117 36.71 7.09 15.28
CA PHE B 117 36.32 7.30 13.87
C PHE B 117 36.98 6.26 12.93
N ARG B 118 37.80 5.33 13.44
CA ARG B 118 38.45 4.29 12.60
C ARG B 118 37.37 3.57 11.78
N GLY B 119 37.46 3.67 10.46
CA GLY B 119 36.62 2.89 9.53
C GLY B 119 35.25 3.51 9.33
N LEU B 120 34.95 4.70 9.89
CA LEU B 120 33.61 5.30 9.72
C LEU B 120 33.56 6.10 8.42
N ALA B 121 32.36 6.20 7.86
CA ALA B 121 32.05 7.07 6.70
C ALA B 121 32.45 8.50 7.02
N ASN B 122 32.89 9.24 6.01
CA ASN B 122 33.31 10.66 6.12
C ASN B 122 32.71 11.38 4.93
N PRO B 123 31.90 12.44 5.11
CA PRO B 123 31.42 12.90 6.41
C PRO B 123 30.39 11.97 7.06
N LEU B 124 30.10 12.25 8.34
CA LEU B 124 29.24 11.43 9.25
C LEU B 124 28.10 12.30 9.75
N THR B 125 26.85 11.83 9.64
CA THR B 125 25.70 12.62 10.15
C THR B 125 25.52 12.22 11.63
N VAL B 126 25.43 13.21 12.49
CA VAL B 126 25.33 12.98 13.95
C VAL B 126 24.29 13.91 14.56
N THR B 127 23.64 13.43 15.60
CA THR B 127 22.65 14.21 16.35
C THR B 127 23.33 14.98 17.47
N ARG B 128 23.01 16.25 17.54
CA ARG B 128 23.55 17.20 18.53
C ARG B 128 22.49 17.62 19.54
N TYR B 129 22.93 17.70 20.79
CA TYR B 129 22.22 18.26 21.96
C TYR B 129 23.21 19.05 22.81
N HIS B 130 23.57 20.27 22.40
CA HIS B 130 24.57 21.09 23.13
C HIS B 130 24.47 22.56 22.72
N SER B 131 24.74 23.44 23.69
CA SER B 131 24.81 24.91 23.57
C SER B 131 26.26 25.36 23.45
N LEU B 132 27.21 24.55 23.94
CA LEU B 132 28.64 24.97 24.08
C LEU B 132 29.55 24.03 23.28
N VAL B 133 30.75 24.51 22.94
CA VAL B 133 31.80 23.67 22.32
C VAL B 133 33.12 23.96 23.03
N VAL B 134 34.09 23.08 22.84
CA VAL B 134 35.48 23.28 23.33
C VAL B 134 36.16 24.37 22.47
N GLU B 135 36.73 25.37 23.14
CA GLU B 135 37.40 26.53 22.49
C GLU B 135 38.66 26.05 21.79
N PRO B 136 38.78 26.23 20.45
CA PRO B 136 39.91 25.67 19.70
C PRO B 136 41.30 26.19 20.09
N ASP B 137 41.42 27.48 20.41
CA ASP B 137 42.73 28.14 20.66
C ASP B 137 43.37 27.65 21.97
N SER B 138 42.57 27.33 22.99
CA SER B 138 43.05 26.88 24.33
C SER B 138 43.11 25.35 24.42
N LEU B 139 42.76 24.62 23.38
CA LEU B 139 42.76 23.13 23.49
C LEU B 139 44.16 22.70 23.90
N PRO B 140 44.34 21.99 25.02
CA PRO B 140 45.66 21.50 25.42
C PRO B 140 46.36 20.71 24.30
N ALA B 141 47.68 20.86 24.21
CA ALA B 141 48.50 20.35 23.09
C ALA B 141 48.51 18.82 23.12
N CYS B 142 48.22 18.21 24.28
CA CYS B 142 48.14 16.72 24.42
C CYS B 142 46.96 16.14 23.60
N PHE B 143 46.02 16.97 23.14
CA PHE B 143 44.83 16.53 22.35
C PHE B 143 44.99 16.83 20.84
N ASP B 144 44.63 15.86 20.00
CA ASP B 144 44.37 16.04 18.54
C ASP B 144 42.87 16.29 18.37
N VAL B 145 42.48 17.26 17.53
CA VAL B 145 41.05 17.37 17.10
C VAL B 145 40.80 16.25 16.09
N THR B 146 39.80 15.41 16.35
CA THR B 146 39.51 14.23 15.53
C THR B 146 38.36 14.52 14.57
N ALA B 147 37.55 15.55 14.82
CA ALA B 147 36.30 15.82 14.09
C ALA B 147 35.90 17.28 14.23
N TRP B 148 35.31 17.80 13.15
CA TRP B 148 34.94 19.23 12.98
C TRP B 148 33.51 19.32 12.49
N SER B 149 32.78 20.33 12.91
CA SER B 149 31.46 20.69 12.32
C SER B 149 31.70 21.44 11.00
N GLU B 150 30.65 21.69 10.24
CA GLU B 150 30.73 22.45 8.97
C GLU B 150 31.25 23.86 9.26
N THR B 151 31.07 24.39 10.47
CA THR B 151 31.58 25.73 10.86
C THR B 151 32.86 25.62 11.71
N ARG B 152 33.61 24.52 11.57
CA ARG B 152 34.93 24.26 12.21
C ARG B 152 34.83 24.28 13.74
N GLU B 153 33.71 23.86 14.33
CA GLU B 153 33.61 23.64 15.80
C GLU B 153 34.21 22.26 16.11
N ILE B 154 34.84 22.12 17.26
CA ILE B 154 35.42 20.82 17.70
C ILE B 154 34.24 19.86 17.95
N MET B 155 34.26 18.72 17.28
CA MET B 155 33.24 17.64 17.47
C MET B 155 33.87 16.39 18.09
N GLY B 156 35.20 16.33 18.20
CA GLY B 156 35.91 15.15 18.72
C GLY B 156 37.34 15.52 19.11
N ILE B 157 37.87 14.92 20.17
CA ILE B 157 39.32 15.05 20.55
C ILE B 157 39.86 13.68 20.97
N ARG B 158 41.16 13.45 20.84
CA ARG B 158 41.79 12.21 21.35
C ARG B 158 43.16 12.58 21.91
N HIS B 159 43.50 12.01 23.06
CA HIS B 159 44.82 12.22 23.71
C HIS B 159 45.88 11.51 22.86
N ARG B 160 47.05 12.14 22.71
CA ARG B 160 48.14 11.66 21.81
C ARG B 160 48.88 10.47 22.45
N GLN B 161 48.89 10.36 23.78
CA GLN B 161 49.65 9.30 24.54
C GLN B 161 48.69 8.22 25.06
N TRP B 162 47.53 8.62 25.57
CA TRP B 162 46.65 7.74 26.39
C TRP B 162 45.35 7.43 25.67
N ASP B 163 44.66 6.40 26.16
CA ASP B 163 43.33 6.00 25.62
C ASP B 163 42.32 6.91 26.32
N LEU B 164 42.15 8.11 25.80
CA LEU B 164 41.34 9.18 26.42
C LEU B 164 40.74 9.98 25.26
N GLU B 165 39.42 9.84 25.02
CA GLU B 165 38.80 10.37 23.79
C GLU B 165 37.42 10.97 24.08
N GLY B 166 37.07 12.05 23.38
CA GLY B 166 35.82 12.80 23.55
C GLY B 166 35.07 12.94 22.22
N VAL B 167 33.73 12.91 22.23
CA VAL B 167 32.89 13.33 21.07
C VAL B 167 31.82 14.29 21.61
N GLN B 168 31.47 15.32 20.85
CA GLN B 168 30.59 16.41 21.32
C GLN B 168 29.10 16.02 21.08
N PHE B 169 28.86 15.12 20.14
CA PHE B 169 27.51 14.71 19.69
C PHE B 169 27.07 13.45 20.46
N HIS B 170 25.84 12.99 20.20
CA HIS B 170 25.22 11.78 20.83
C HIS B 170 25.30 10.62 19.84
N PRO B 171 26.30 9.74 19.94
CA PRO B 171 26.47 8.66 18.98
C PRO B 171 25.29 7.67 19.02
N GLU B 172 24.58 7.65 20.13
CA GLU B 172 23.53 6.64 20.41
C GLU B 172 22.16 7.17 19.98
N SER B 173 22.05 8.39 19.49
CA SER B 173 20.77 8.88 18.88
C SER B 173 20.45 8.00 17.65
N ILE B 174 19.17 7.74 17.36
CA ILE B 174 18.82 6.80 16.28
C ILE B 174 19.23 7.40 14.92
N LEU B 175 19.39 8.70 14.79
CA LEU B 175 19.83 9.28 13.48
C LEU B 175 21.34 9.62 13.47
N SER B 176 22.10 9.25 14.50
CA SER B 176 23.58 9.29 14.42
C SER B 176 24.07 8.08 13.62
N GLU B 177 24.81 8.36 12.56
CA GLU B 177 25.34 7.32 11.64
C GLU B 177 26.43 6.50 12.30
N GLN B 178 26.34 5.19 12.19
CA GLN B 178 27.37 4.22 12.62
C GLN B 178 27.73 4.44 14.11
N GLY B 179 26.76 4.81 14.96
CA GLY B 179 26.96 4.94 16.41
C GLY B 179 27.42 3.65 17.06
N HIS B 180 26.92 2.48 16.65
CA HIS B 180 27.39 1.18 17.22
C HIS B 180 28.86 0.99 16.90
N GLN B 181 29.29 1.21 15.66
CA GLN B 181 30.69 0.93 15.27
C GLN B 181 31.61 1.92 16.01
N LEU B 182 31.20 3.17 16.13
CA LEU B 182 31.94 4.21 16.89
C LEU B 182 32.18 3.70 18.32
N LEU B 183 31.14 3.26 19.03
CA LEU B 183 31.32 2.77 20.43
C LEU B 183 32.15 1.48 20.41
N ALA B 184 31.97 0.60 19.43
CA ALA B 184 32.76 -0.65 19.32
C ALA B 184 34.26 -0.35 19.22
N ASN B 185 34.61 0.74 18.52
CA ASN B 185 36.03 1.18 18.41
C ASN B 185 36.60 1.47 19.82
N PHE B 186 35.82 2.10 20.70
CA PHE B 186 36.26 2.40 22.10
C PHE B 186 36.37 1.08 22.87
N LEU B 187 35.38 0.20 22.74
CA LEU B 187 35.35 -1.09 23.48
C LEU B 187 36.55 -1.96 23.10
N HIS B 188 36.91 -2.02 21.82
CA HIS B 188 37.96 -2.93 21.28
C HIS B 188 38.99 -2.07 20.53
N ARG B 189 40.11 -1.74 21.17
CA ARG B 189 41.25 -1.05 20.49
C ARG B 189 42.21 -2.12 19.94
N HIS C 2 -4.93 -23.88 43.35
CA HIS C 2 -4.79 -22.39 43.38
C HIS C 2 -4.98 -21.83 41.96
N MET C 3 -3.90 -21.58 41.21
CA MET C 3 -3.97 -20.84 39.92
C MET C 3 -4.90 -21.59 38.98
N LYS C 4 -5.88 -20.89 38.38
CA LYS C 4 -6.70 -21.38 37.24
C LYS C 4 -5.89 -21.14 35.96
N THR C 5 -5.36 -22.18 35.32
CA THR C 5 -4.54 -22.09 34.10
C THR C 5 -5.36 -22.53 32.88
N LEU C 6 -6.54 -23.10 33.11
CA LEU C 6 -7.50 -23.51 32.06
C LEU C 6 -7.86 -22.30 31.17
N SER C 7 -7.84 -22.48 29.87
CA SER C 7 -8.24 -21.42 28.92
C SER C 7 -9.70 -21.05 29.16
N PRO C 8 -10.11 -19.80 28.93
CA PRO C 8 -11.53 -19.45 29.11
C PRO C 8 -12.36 -20.19 28.06
N ALA C 9 -13.60 -20.51 28.39
CA ALA C 9 -14.57 -21.09 27.43
C ALA C 9 -15.00 -20.02 26.43
N VAL C 10 -15.15 -20.38 25.16
CA VAL C 10 -15.49 -19.45 24.04
C VAL C 10 -16.73 -19.94 23.28
N ILE C 11 -17.64 -19.04 22.98
CA ILE C 11 -18.79 -19.25 22.04
C ILE C 11 -18.57 -18.29 20.89
N THR C 12 -18.77 -18.72 19.64
CA THR C 12 -18.73 -17.79 18.48
C THR C 12 -20.14 -17.31 18.21
N LEU C 13 -20.33 -16.01 18.08
CA LEU C 13 -21.62 -15.36 17.74
C LEU C 13 -21.65 -15.07 16.23
N LEU C 14 -22.79 -14.63 15.70
CA LEU C 14 -22.96 -14.35 14.26
C LEU C 14 -21.96 -13.25 13.89
N TRP C 15 -21.19 -13.46 12.84
CA TRP C 15 -20.31 -12.39 12.29
C TRP C 15 -21.17 -11.26 11.72
N ARG C 16 -20.98 -10.05 12.22
CA ARG C 16 -21.39 -8.79 11.55
C ARG C 16 -20.32 -7.74 11.83
N GLN C 17 -20.02 -6.90 10.84
CA GLN C 17 -18.89 -5.94 10.93
C GLN C 17 -19.12 -5.01 12.14
N ASP C 18 -20.39 -4.68 12.42
CA ASP C 18 -20.81 -3.71 13.46
C ASP C 18 -21.14 -4.41 14.79
N ALA C 19 -20.66 -5.63 15.01
CA ALA C 19 -21.01 -6.43 16.19
C ALA C 19 -20.70 -5.65 17.49
N ALA C 20 -19.56 -4.96 17.60
CA ALA C 20 -19.20 -4.30 18.88
C ALA C 20 -20.19 -3.17 19.20
N GLU C 21 -20.45 -2.28 18.26
CA GLU C 21 -21.43 -1.18 18.49
C GLU C 21 -22.85 -1.78 18.67
N PHE C 22 -23.19 -2.83 17.94
CA PHE C 22 -24.50 -3.53 18.06
C PHE C 22 -24.72 -3.99 19.50
N TYR C 23 -23.81 -4.81 20.06
CA TYR C 23 -23.93 -5.35 21.43
C TYR C 23 -23.74 -4.23 22.45
N PHE C 24 -22.83 -3.29 22.21
CA PHE C 24 -22.50 -2.29 23.25
C PHE C 24 -23.68 -1.32 23.43
N SER C 25 -24.45 -1.09 22.37
CA SER C 25 -25.66 -0.24 22.45
C SER C 25 -26.54 -0.64 23.65
N ARG C 26 -26.67 -1.92 23.95
CA ARG C 26 -27.58 -2.31 25.08
C ARG C 26 -26.86 -2.28 26.43
N LEU C 27 -25.59 -1.92 26.46
CA LEU C 27 -24.79 -1.85 27.70
C LEU C 27 -24.37 -0.42 28.03
N SER C 28 -24.54 0.54 27.10
CA SER C 28 -23.76 1.81 27.12
C SER C 28 -24.13 2.70 28.31
N HIS C 29 -25.30 2.44 28.94
CA HIS C 29 -25.76 3.22 30.11
C HIS C 29 -25.22 2.70 31.43
N LEU C 30 -24.59 1.53 31.46
CA LEU C 30 -24.15 0.86 32.70
C LEU C 30 -22.78 1.41 33.11
N PRO C 31 -22.61 1.95 34.33
CA PRO C 31 -21.27 2.23 34.84
C PRO C 31 -20.41 0.95 34.74
N TRP C 32 -19.18 1.15 34.28
CA TRP C 32 -18.13 0.13 34.10
C TRP C 32 -18.36 -0.71 32.83
N ALA C 33 -19.28 -0.32 31.96
CA ALA C 33 -19.35 -0.86 30.60
C ALA C 33 -18.31 -0.12 29.75
N MET C 34 -17.47 -0.85 29.03
CA MET C 34 -16.34 -0.23 28.30
C MET C 34 -16.22 -0.89 26.94
N LEU C 35 -15.86 -0.05 25.97
CA LEU C 35 -15.64 -0.46 24.56
C LEU C 35 -14.27 0.05 24.10
N LEU C 36 -13.42 -0.85 23.59
CA LEU C 36 -12.24 -0.46 22.79
C LEU C 36 -12.61 -0.75 21.34
N HIS C 37 -12.51 0.24 20.47
CA HIS C 37 -12.98 0.10 19.08
C HIS C 37 -11.83 0.51 18.15
N SER C 38 -11.60 -0.31 17.10
CA SER C 38 -10.53 0.00 16.11
C SER C 38 -11.05 0.97 15.03
N GLY C 39 -12.23 1.58 15.21
CA GLY C 39 -12.73 2.69 14.37
C GLY C 39 -13.08 2.27 12.95
N TYR C 40 -13.22 0.97 12.72
CA TYR C 40 -13.39 0.36 11.38
C TYR C 40 -12.23 0.81 10.48
N ALA C 41 -11.06 1.12 11.05
CA ALA C 41 -9.95 1.75 10.29
C ALA C 41 -9.32 0.70 9.38
N ASP C 42 -8.85 1.16 8.23
CA ASP C 42 -7.93 0.37 7.37
C ASP C 42 -6.52 0.80 7.77
N HIS C 43 -5.92 0.05 8.68
CA HIS C 43 -4.68 0.44 9.37
C HIS C 43 -3.98 -0.82 9.84
N PRO C 44 -2.65 -0.84 9.94
CA PRO C 44 -1.95 -2.04 10.37
C PRO C 44 -2.32 -2.54 11.78
N TYR C 45 -2.77 -1.64 12.64
CA TYR C 45 -3.10 -1.96 14.06
C TYR C 45 -4.57 -1.64 14.34
N SER C 46 -5.40 -1.96 13.35
CA SER C 46 -6.89 -2.02 13.44
C SER C 46 -7.30 -3.45 13.16
N ARG C 47 -7.62 -4.22 14.18
CA ARG C 47 -8.03 -5.63 14.08
C ARG C 47 -9.14 -5.88 15.08
N PHE C 48 -9.00 -5.43 16.32
CA PHE C 48 -9.89 -5.90 17.41
C PHE C 48 -10.80 -4.77 17.92
N ASP C 49 -12.05 -5.16 18.20
CA ASP C 49 -12.94 -4.34 19.08
C ASP C 49 -13.16 -5.21 20.31
N ILE C 50 -13.24 -4.62 21.50
CA ILE C 50 -13.35 -5.38 22.77
C ILE C 50 -14.44 -4.72 23.61
N VAL C 51 -15.37 -5.54 24.10
CA VAL C 51 -16.50 -5.09 24.97
C VAL C 51 -16.42 -5.82 26.30
N VAL C 52 -16.55 -5.08 27.39
CA VAL C 52 -16.64 -5.61 28.77
C VAL C 52 -17.73 -4.85 29.52
N ALA C 53 -18.24 -5.47 30.56
CA ALA C 53 -19.17 -4.84 31.51
C ALA C 53 -19.31 -5.75 32.74
N GLU C 54 -19.91 -5.23 33.80
CA GLU C 54 -20.17 -6.02 35.03
C GLU C 54 -18.85 -6.55 35.59
N PRO C 55 -17.96 -5.65 36.05
CA PRO C 55 -16.69 -6.07 36.60
C PRO C 55 -16.88 -6.82 37.93
N ILE C 56 -15.97 -7.73 38.20
CA ILE C 56 -15.96 -8.45 39.51
C ILE C 56 -15.28 -7.58 40.58
N CYS C 57 -14.47 -6.61 40.20
CA CYS C 57 -13.73 -5.71 41.10
C CYS C 57 -13.52 -4.38 40.36
N THR C 58 -13.54 -3.28 41.09
CA THR C 58 -13.24 -1.94 40.54
C THR C 58 -12.12 -1.30 41.33
N LEU C 59 -11.33 -0.46 40.65
CA LEU C 59 -10.27 0.35 41.30
C LEU C 59 -10.48 1.78 40.87
N THR C 60 -10.62 2.70 41.83
CA THR C 60 -10.84 4.14 41.62
C THR C 60 -9.77 4.90 42.38
N THR C 61 -8.89 5.63 41.70
CA THR C 61 -7.84 6.46 42.31
C THR C 61 -8.20 7.94 42.17
N PHE C 62 -8.24 8.67 43.30
CA PHE C 62 -8.28 10.15 43.34
C PHE C 62 -7.09 10.63 44.15
N GLY C 63 -6.07 11.20 43.52
CA GLY C 63 -4.87 11.67 44.24
C GLY C 63 -4.16 10.55 44.95
N LYS C 64 -3.91 10.69 46.26
CA LYS C 64 -3.14 9.70 47.05
C LYS C 64 -3.92 8.43 47.40
N GLU C 65 -5.24 8.40 47.17
CA GLU C 65 -6.08 7.27 47.63
C GLU C 65 -6.63 6.45 46.45
N THR C 66 -6.50 5.15 46.55
CA THR C 66 -7.17 4.15 45.66
C THR C 66 -8.18 3.35 46.47
N VAL C 67 -9.41 3.27 46.00
CA VAL C 67 -10.50 2.47 46.59
C VAL C 67 -10.68 1.23 45.72
N VAL C 68 -10.51 0.06 46.31
CA VAL C 68 -10.67 -1.24 45.64
C VAL C 68 -11.98 -1.84 46.12
N SER C 69 -12.92 -2.01 45.21
CA SER C 69 -14.31 -2.44 45.56
C SER C 69 -14.58 -3.82 44.97
N GLU C 70 -14.90 -4.80 45.85
CA GLU C 70 -15.24 -6.19 45.46
C GLU C 70 -16.49 -6.60 46.23
N SER C 71 -17.15 -7.67 45.82
CA SER C 71 -18.42 -8.18 46.40
C SER C 71 -18.32 -8.10 47.92
N GLU C 72 -19.11 -7.20 48.53
CA GLU C 72 -19.17 -6.97 49.99
C GLU C 72 -17.74 -6.86 50.56
N LYS C 73 -16.91 -5.96 50.00
CA LYS C 73 -15.56 -5.65 50.54
C LYS C 73 -14.99 -4.41 49.84
N ARG C 74 -14.60 -3.40 50.59
CA ARG C 74 -14.12 -2.09 50.10
C ARG C 74 -12.86 -1.78 50.88
N THR C 75 -11.73 -1.56 50.21
CA THR C 75 -10.40 -1.31 50.80
C THR C 75 -9.90 0.02 50.24
N THR C 76 -9.32 0.86 51.09
CA THR C 76 -8.69 2.13 50.69
C THR C 76 -7.19 2.02 50.96
N THR C 77 -6.34 2.48 50.05
CA THR C 77 -4.88 2.36 50.18
C THR C 77 -4.22 3.59 49.58
N THR C 78 -3.09 4.02 50.17
CA THR C 78 -2.20 5.07 49.61
C THR C 78 -1.09 4.46 48.76
N ASP C 79 -1.05 3.14 48.59
CA ASP C 79 0.06 2.46 47.85
C ASP C 79 0.01 2.86 46.35
N ASP C 80 1.15 2.74 45.69
CA ASP C 80 1.32 3.00 44.24
C ASP C 80 0.14 2.35 43.50
N PRO C 81 -0.65 3.10 42.71
CA PRO C 81 -1.86 2.54 42.11
C PRO C 81 -1.65 1.42 41.12
N LEU C 82 -0.54 1.42 40.40
CA LEU C 82 -0.26 0.32 39.45
C LEU C 82 0.26 -0.92 40.19
N GLN C 83 0.94 -0.74 41.31
CA GLN C 83 1.31 -1.89 42.20
C GLN C 83 0.03 -2.51 42.76
N VAL C 84 -0.92 -1.70 43.18
CA VAL C 84 -2.24 -2.19 43.73
C VAL C 84 -2.97 -2.92 42.62
N LEU C 85 -3.01 -2.35 41.40
CA LEU C 85 -3.66 -3.01 40.25
C LEU C 85 -3.00 -4.37 39.98
N GLN C 86 -1.69 -4.47 39.99
CA GLN C 86 -1.04 -5.78 39.69
C GLN C 86 -1.38 -6.78 40.81
N GLN C 87 -1.42 -6.33 42.06
CA GLN C 87 -1.77 -7.21 43.22
C GLN C 87 -3.18 -7.77 43.01
N VAL C 88 -4.15 -6.93 42.62
CA VAL C 88 -5.55 -7.34 42.36
C VAL C 88 -5.57 -8.35 41.22
N LEU C 89 -4.84 -8.09 40.12
CA LEU C 89 -4.76 -9.04 39.01
C LEU C 89 -4.21 -10.39 39.49
N ASP C 90 -3.12 -10.38 40.22
CA ASP C 90 -2.46 -11.62 40.69
C ASP C 90 -3.43 -12.40 41.58
N ARG C 91 -4.15 -11.72 42.48
CA ARG C 91 -5.03 -12.39 43.49
C ARG C 91 -6.23 -13.03 42.84
N ALA C 92 -6.60 -12.65 41.61
CA ALA C 92 -7.70 -13.29 40.88
C ALA C 92 -7.36 -14.78 40.63
N ASP C 93 -6.07 -15.15 40.63
CA ASP C 93 -5.57 -16.53 40.35
C ASP C 93 -6.15 -17.02 39.02
N ILE C 94 -6.09 -16.18 37.99
CA ILE C 94 -6.45 -16.54 36.60
C ILE C 94 -5.18 -16.31 35.77
N ARG C 95 -4.59 -17.39 35.27
CA ARG C 95 -3.20 -17.34 34.72
C ARG C 95 -3.20 -18.15 33.42
N PRO C 96 -3.96 -17.74 32.39
CA PRO C 96 -4.02 -18.47 31.13
C PRO C 96 -2.73 -18.23 30.33
N THR C 97 -2.44 -19.14 29.42
CA THR C 97 -1.38 -18.94 28.40
C THR C 97 -1.89 -17.91 27.36
N HIS C 98 -0.96 -17.28 26.67
CA HIS C 98 -1.27 -16.34 25.55
C HIS C 98 -2.03 -17.05 24.42
N ASN C 99 -2.92 -16.32 23.75
CA ASN C 99 -3.64 -16.72 22.53
C ASN C 99 -3.59 -15.53 21.57
N GLU C 100 -2.95 -15.67 20.41
CA GLU C 100 -2.79 -14.54 19.47
C GLU C 100 -4.15 -14.12 18.91
N ASP C 101 -5.18 -14.96 19.00
CA ASP C 101 -6.50 -14.55 18.49
C ASP C 101 -7.34 -13.90 19.60
N LEU C 102 -6.92 -13.99 20.87
CA LEU C 102 -7.69 -13.39 21.99
C LEU C 102 -6.70 -12.65 22.86
N PRO C 103 -6.24 -11.44 22.45
CA PRO C 103 -5.10 -10.79 23.13
C PRO C 103 -5.49 -10.33 24.54
N PHE C 104 -6.80 -10.18 24.80
CA PHE C 104 -7.34 -9.88 26.15
C PHE C 104 -8.19 -11.05 26.60
N GLN C 105 -7.79 -11.75 27.67
CA GLN C 105 -8.50 -12.98 28.12
C GLN C 105 -9.17 -12.70 29.45
N GLY C 106 -9.84 -11.55 29.53
CA GLY C 106 -10.17 -11.00 30.85
C GLY C 106 -8.97 -10.34 31.50
N GLY C 107 -9.23 -9.61 32.56
CA GLY C 107 -8.25 -8.81 33.29
C GLY C 107 -8.73 -7.37 33.52
N ALA C 108 -7.79 -6.45 33.58
CA ALA C 108 -8.04 -5.03 33.88
C ALA C 108 -8.31 -4.29 32.58
N LEU C 109 -9.26 -3.36 32.61
CA LEU C 109 -9.56 -2.50 31.46
C LEU C 109 -10.06 -1.17 31.98
N GLY C 110 -9.55 -0.05 31.47
CA GLY C 110 -10.11 1.27 31.79
C GLY C 110 -9.11 2.40 31.54
N LEU C 111 -9.20 3.41 32.38
CA LEU C 111 -8.60 4.74 32.21
C LEU C 111 -7.46 4.95 33.17
N PHE C 112 -6.33 5.40 32.62
CA PHE C 112 -5.17 5.96 33.34
C PHE C 112 -5.07 7.43 32.98
N GLY C 113 -5.59 8.31 33.83
CA GLY C 113 -5.64 9.75 33.48
C GLY C 113 -4.27 10.39 33.62
N TYR C 114 -4.01 11.47 32.89
CA TYR C 114 -2.73 12.18 32.87
C TYR C 114 -2.24 12.48 34.29
N ASP C 115 -3.14 12.89 35.18
CA ASP C 115 -2.73 13.35 36.53
C ASP C 115 -2.40 12.15 37.44
N LEU C 116 -2.62 10.91 37.00
CA LEU C 116 -1.99 9.74 37.64
C LEU C 116 -0.46 9.86 37.63
N GLY C 117 0.12 10.57 36.67
CA GLY C 117 1.58 10.75 36.60
C GLY C 117 2.15 11.41 37.85
N ARG C 118 1.33 12.14 38.59
CA ARG C 118 1.74 12.84 39.84
C ARG C 118 2.08 11.80 40.92
N ARG C 119 1.65 10.56 40.76
CA ARG C 119 2.00 9.46 41.72
C ARG C 119 3.40 8.94 41.42
N PHE C 120 3.99 9.28 40.26
CA PHE C 120 5.26 8.66 39.82
C PHE C 120 6.40 9.69 39.77
N GLU C 121 6.08 10.98 39.78
CA GLU C 121 7.07 12.09 39.73
C GLU C 121 6.54 13.19 40.63
N SER C 122 7.43 13.96 41.22
CA SER C 122 7.08 15.13 42.07
C SER C 122 6.92 16.34 41.14
N LEU C 123 5.69 16.85 41.04
CA LEU C 123 5.33 17.93 40.10
C LEU C 123 4.67 19.09 40.83
N PRO C 124 4.75 20.31 40.27
CA PRO C 124 4.12 21.46 40.90
C PRO C 124 2.59 21.37 40.81
N GLU C 125 1.90 22.27 41.53
CA GLU C 125 0.44 22.23 41.71
C GLU C 125 -0.16 23.59 41.36
N ILE C 126 0.18 24.15 40.20
CA ILE C 126 -0.23 25.53 39.79
C ILE C 126 -1.54 25.42 38.99
N ALA C 127 -1.63 24.53 38.00
CA ALA C 127 -2.84 24.39 37.17
C ALA C 127 -4.01 24.01 38.07
N GLU C 128 -5.20 24.50 37.72
CA GLU C 128 -6.43 24.29 38.52
C GLU C 128 -7.03 22.89 38.28
N GLN C 129 -7.48 22.25 39.35
CA GLN C 129 -8.18 20.95 39.30
C GLN C 129 -9.68 21.20 39.19
N ASP C 130 -10.23 21.45 37.99
CA ASP C 130 -11.64 21.85 37.82
C ASP C 130 -12.51 20.71 37.28
N ILE C 131 -11.97 19.50 37.11
CA ILE C 131 -12.75 18.31 36.69
C ILE C 131 -12.58 17.25 37.77
N VAL C 132 -13.71 16.76 38.30
CA VAL C 132 -13.71 15.66 39.30
C VAL C 132 -14.01 14.35 38.59
N LEU C 133 -12.92 13.68 38.16
CA LEU C 133 -13.03 12.38 37.50
C LEU C 133 -11.75 11.64 37.86
N PRO C 134 -11.83 10.33 38.18
CA PRO C 134 -10.69 9.64 38.75
C PRO C 134 -9.42 9.68 37.90
N ASP C 135 -8.27 9.72 38.56
CA ASP C 135 -6.94 9.51 37.92
C ASP C 135 -6.76 8.07 37.45
N MET C 136 -7.43 7.11 38.07
CA MET C 136 -7.47 5.72 37.57
C MET C 136 -8.89 5.22 37.76
N ALA C 137 -9.49 4.67 36.73
CA ALA C 137 -10.82 4.04 36.78
C ALA C 137 -10.76 2.76 35.98
N VAL C 138 -10.51 1.67 36.66
CA VAL C 138 -10.22 0.35 36.06
C VAL C 138 -11.16 -0.70 36.65
N GLY C 139 -11.78 -1.47 35.75
CA GLY C 139 -12.54 -2.66 36.08
C GLY C 139 -11.67 -3.90 35.93
N ILE C 140 -12.00 -4.93 36.72
CA ILE C 140 -11.49 -6.31 36.55
C ILE C 140 -12.62 -7.17 35.99
N TYR C 141 -12.43 -7.74 34.81
CA TYR C 141 -13.46 -8.49 34.07
C TYR C 141 -13.02 -9.95 33.90
N ASP C 142 -13.96 -10.87 34.13
CA ASP C 142 -13.64 -12.30 33.97
C ASP C 142 -14.27 -12.83 32.69
N TRP C 143 -14.66 -11.94 31.78
CA TRP C 143 -15.22 -12.28 30.46
C TRP C 143 -14.95 -11.11 29.51
N ALA C 144 -15.12 -11.36 28.23
CA ALA C 144 -15.08 -10.29 27.22
C ALA C 144 -15.79 -10.75 25.95
N LEU C 145 -16.19 -9.77 25.16
CA LEU C 145 -16.64 -9.96 23.77
C LEU C 145 -15.58 -9.38 22.84
N ILE C 146 -15.00 -10.23 21.98
CA ILE C 146 -13.88 -9.85 21.09
C ILE C 146 -14.38 -9.92 19.65
N VAL C 147 -14.33 -8.80 18.92
CA VAL C 147 -14.61 -8.76 17.47
C VAL C 147 -13.27 -8.73 16.72
N ASP C 148 -13.03 -9.73 15.86
CA ASP C 148 -11.76 -9.88 15.14
C ASP C 148 -12.00 -9.60 13.65
N HIS C 149 -11.59 -8.42 13.15
CA HIS C 149 -11.84 -8.01 11.75
C HIS C 149 -10.90 -8.72 10.80
N GLN C 150 -9.85 -9.39 11.28
CA GLN C 150 -8.92 -10.13 10.40
C GLN C 150 -9.53 -11.50 10.11
N ARG C 151 -10.01 -12.19 11.14
CA ARG C 151 -10.62 -13.56 11.03
C ARG C 151 -12.12 -13.49 10.74
N HIS C 152 -12.78 -12.33 10.81
CA HIS C 152 -14.27 -12.19 10.76
C HIS C 152 -14.92 -13.13 11.77
N THR C 153 -14.50 -13.00 13.03
CA THR C 153 -15.08 -13.81 14.13
C THR C 153 -15.49 -12.90 15.27
N VAL C 154 -16.63 -13.20 15.88
CA VAL C 154 -17.09 -12.60 17.14
C VAL C 154 -17.02 -13.70 18.18
N SER C 155 -16.16 -13.52 19.19
CA SER C 155 -15.89 -14.49 20.26
C SER C 155 -16.39 -13.94 21.58
N LEU C 156 -17.18 -14.75 22.30
CA LEU C 156 -17.57 -14.44 23.69
C LEU C 156 -16.79 -15.38 24.58
N LEU C 157 -15.88 -14.85 25.42
CA LEU C 157 -15.07 -15.68 26.33
C LEU C 157 -15.48 -15.43 27.78
N SER C 158 -15.40 -16.47 28.62
CA SER C 158 -15.60 -16.33 30.06
C SER C 158 -14.81 -17.38 30.82
N HIS C 159 -14.21 -16.95 31.91
CA HIS C 159 -13.63 -17.80 32.95
C HIS C 159 -14.71 -18.40 33.88
N ASN C 160 -15.96 -17.96 33.77
CA ASN C 160 -17.03 -18.33 34.74
C ASN C 160 -18.41 -18.42 34.04
N ASP C 161 -18.62 -19.48 33.29
CA ASP C 161 -19.90 -19.93 32.66
C ASP C 161 -20.27 -19.07 31.45
N VAL C 162 -19.72 -19.43 30.31
CA VAL C 162 -19.88 -18.63 29.08
C VAL C 162 -21.32 -18.71 28.57
N ASN C 163 -22.01 -19.83 28.80
CA ASN C 163 -23.43 -19.96 28.36
C ASN C 163 -24.29 -18.99 29.14
N ALA C 164 -24.08 -18.87 30.44
CA ALA C 164 -24.82 -17.90 31.30
C ALA C 164 -24.51 -16.46 30.86
N ARG C 165 -23.25 -16.15 30.54
CA ARG C 165 -22.87 -14.80 30.05
C ARG C 165 -23.55 -14.51 28.71
N ARG C 166 -23.63 -15.49 27.79
CA ARG C 166 -24.34 -15.33 26.51
C ARG C 166 -25.83 -15.05 26.75
N ALA C 167 -26.50 -15.79 27.63
CA ALA C 167 -27.96 -15.57 27.93
C ALA C 167 -28.13 -14.17 28.53
N TRP C 168 -27.21 -13.76 29.41
CA TRP C 168 -27.20 -12.40 30.01
C TRP C 168 -27.11 -11.37 28.88
N LEU C 169 -26.18 -11.54 27.94
CA LEU C 169 -25.98 -10.54 26.86
C LEU C 169 -27.23 -10.45 26.00
N GLU C 170 -27.79 -11.60 25.62
CA GLU C 170 -28.97 -11.67 24.70
C GLU C 170 -30.18 -11.07 25.42
N SER C 171 -30.22 -11.03 26.75
CA SER C 171 -31.39 -10.50 27.52
C SER C 171 -31.33 -8.98 27.66
N GLN C 172 -30.16 -8.34 27.42
CA GLN C 172 -30.01 -6.87 27.59
C GLN C 172 -30.78 -6.15 26.48
N GLN C 173 -31.45 -5.05 26.79
CA GLN C 173 -32.29 -4.29 25.82
C GLN C 173 -31.73 -2.87 25.69
N PHE C 174 -31.77 -2.34 24.47
CA PHE C 174 -31.28 -0.99 24.08
C PHE C 174 -32.36 0.01 24.45
N SER C 175 -32.25 0.57 25.66
CA SER C 175 -33.24 1.45 26.34
C SER C 175 -33.11 2.89 25.82
N PRO C 176 -33.97 3.30 24.86
CA PRO C 176 -33.69 4.46 24.02
C PRO C 176 -33.71 5.77 24.82
N GLN C 177 -32.93 6.74 24.35
CA GLN C 177 -32.66 8.01 25.08
C GLN C 177 -32.76 9.16 24.06
N GLU C 178 -32.99 10.37 24.55
CA GLU C 178 -32.84 11.61 23.76
C GLU C 178 -31.45 11.60 23.09
N ASP C 179 -31.44 11.91 21.81
CA ASP C 179 -30.24 12.24 21.01
C ASP C 179 -29.36 13.25 21.76
N PHE C 180 -28.09 13.22 21.44
CA PHE C 180 -27.09 14.15 21.95
C PHE C 180 -27.33 15.51 21.29
N THR C 181 -27.36 16.59 22.06
CA THR C 181 -27.38 17.95 21.49
C THR C 181 -26.42 18.82 22.26
N LEU C 182 -25.56 19.58 21.57
CA LEU C 182 -24.81 20.67 22.22
C LEU C 182 -25.81 21.77 22.57
N THR C 183 -25.68 22.41 23.72
CA THR C 183 -26.64 23.45 24.18
C THR C 183 -25.88 24.76 24.33
N SER C 184 -24.62 24.83 23.88
CA SER C 184 -23.84 26.09 23.81
C SER C 184 -22.91 26.00 22.61
N ASP C 185 -22.27 27.11 22.27
CA ASP C 185 -21.10 27.10 21.37
C ASP C 185 -19.92 26.52 22.16
N TRP C 186 -18.89 26.07 21.43
CA TRP C 186 -17.57 25.77 22.02
C TRP C 186 -16.87 27.06 22.40
N GLN C 187 -16.17 27.05 23.51
CA GLN C 187 -15.27 28.16 23.92
C GLN C 187 -13.93 27.59 24.36
N SER C 188 -12.84 28.29 24.13
CA SER C 188 -11.51 27.88 24.65
C SER C 188 -11.27 28.43 26.05
N ASN C 189 -10.37 27.78 26.77
CA ASN C 189 -9.84 28.23 28.08
C ASN C 189 -8.78 29.33 27.91
N MET C 190 -8.37 29.63 26.68
CA MET C 190 -7.40 30.73 26.43
C MET C 190 -7.72 31.42 25.10
N THR C 191 -7.49 32.73 25.06
CA THR C 191 -7.58 33.53 23.81
C THR C 191 -6.33 33.28 22.96
N ARG C 192 -6.39 33.70 21.71
CA ARG C 192 -5.20 33.71 20.82
C ARG C 192 -4.05 34.45 21.52
N GLU C 193 -4.34 35.55 22.23
CA GLU C 193 -3.27 36.37 22.83
C GLU C 193 -2.60 35.60 23.98
N GLN C 194 -3.40 34.98 24.84
CA GLN C 194 -2.93 34.18 25.99
C GLN C 194 -2.11 32.99 25.47
N TYR C 195 -2.59 32.28 24.44
CA TYR C 195 -1.81 31.19 23.82
C TYR C 195 -0.45 31.73 23.43
N GLY C 196 -0.42 32.90 22.79
CA GLY C 196 0.83 33.51 22.30
C GLY C 196 1.82 33.76 23.42
N GLU C 197 1.35 34.32 24.52
CA GLU C 197 2.17 34.59 25.73
C GLU C 197 2.80 33.27 26.21
N LYS C 198 1.98 32.22 26.27
CA LYS C 198 2.44 30.89 26.79
C LYS C 198 3.44 30.28 25.79
N PHE C 199 3.18 30.39 24.48
CA PHE C 199 4.08 29.89 23.41
C PHE C 199 5.44 30.57 23.58
N ARG C 200 5.43 31.89 23.78
CA ARG C 200 6.69 32.67 23.90
C ARG C 200 7.44 32.27 25.17
N GLN C 201 6.74 31.99 26.26
CA GLN C 201 7.38 31.52 27.51
C GLN C 201 8.02 30.14 27.27
N VAL C 202 7.35 29.23 26.55
CA VAL C 202 7.96 27.90 26.24
C VAL C 202 9.26 28.14 25.46
N GLN C 203 9.23 29.01 24.46
CA GLN C 203 10.42 29.22 23.59
C GLN C 203 11.55 29.84 24.43
N GLU C 204 11.26 30.68 25.42
CA GLU C 204 12.31 31.20 26.37
C GLU C 204 12.94 30.04 27.13
N TYR C 205 12.13 29.10 27.62
CA TYR C 205 12.63 27.90 28.36
C TYR C 205 13.44 26.99 27.42
N LEU C 206 13.06 26.89 26.15
CA LEU C 206 13.83 26.08 25.16
C LEU C 206 15.21 26.71 24.91
N HIS C 207 15.29 28.04 24.77
CA HIS C 207 16.52 28.75 24.30
C HIS C 207 17.60 28.78 25.38
N SER C 208 17.23 28.61 26.65
CA SER C 208 18.18 28.54 27.79
C SER C 208 18.83 27.14 27.89
N GLY C 209 18.32 26.12 27.19
CA GLY C 209 18.86 24.74 27.23
C GLY C 209 18.21 23.90 28.34
N ASP C 210 17.30 24.51 29.08
CA ASP C 210 16.43 23.94 30.14
C ASP C 210 15.62 22.77 29.54
N CYS C 211 15.05 22.97 28.34
CA CYS C 211 14.06 22.05 27.73
C CYS C 211 14.33 21.93 26.23
N TYR C 212 13.88 20.84 25.60
CA TYR C 212 14.07 20.63 24.13
C TYR C 212 12.72 20.69 23.43
N GLN C 213 11.66 20.31 24.13
CA GLN C 213 10.32 20.21 23.54
C GLN C 213 9.28 20.26 24.67
N VAL C 214 8.20 20.98 24.49
CA VAL C 214 7.03 20.98 25.41
C VAL C 214 5.75 20.93 24.61
N ASN C 215 4.83 20.04 25.00
CA ASN C 215 3.50 19.96 24.36
C ASN C 215 2.56 20.93 25.08
N LEU C 216 2.12 22.00 24.40
CA LEU C 216 1.27 23.06 24.99
C LEU C 216 -0.15 22.91 24.43
N ALA C 217 -1.15 22.84 25.31
CA ALA C 217 -2.53 22.55 24.90
C ALA C 217 -3.50 23.64 25.34
N GLN C 218 -4.55 23.79 24.56
CA GLN C 218 -5.76 24.52 24.98
C GLN C 218 -6.89 23.53 25.12
N ARG C 219 -7.97 23.97 25.77
CA ARG C 219 -9.17 23.13 26.04
C ARG C 219 -10.45 23.83 25.60
N PHE C 220 -11.24 23.15 24.77
CA PHE C 220 -12.57 23.62 24.30
C PHE C 220 -13.64 23.02 25.21
N HIS C 221 -14.66 23.81 25.54
N HIS C 221 -14.65 23.82 25.57
CA HIS C 221 -15.75 23.44 26.50
CA HIS C 221 -15.75 23.41 26.49
C HIS C 221 -17.09 23.87 25.91
C HIS C 221 -17.09 23.87 25.92
N ALA C 222 -18.10 23.03 26.08
CA ALA C 222 -19.51 23.33 25.70
C ALA C 222 -20.45 22.62 26.69
N THR C 223 -21.69 23.07 26.80
CA THR C 223 -22.73 22.30 27.52
C THR C 223 -23.42 21.36 26.53
N TYR C 224 -24.05 20.29 27.03
CA TYR C 224 -24.80 19.31 26.22
C TYR C 224 -25.91 18.70 27.06
N SER C 225 -26.85 18.11 26.37
CA SER C 225 -27.92 17.23 26.91
C SER C 225 -28.01 15.98 26.04
N GLY C 226 -28.63 14.92 26.54
CA GLY C 226 -28.89 13.70 25.75
C GLY C 226 -27.73 12.68 25.90
N ASP C 227 -27.81 11.65 25.08
CA ASP C 227 -27.06 10.38 25.23
C ASP C 227 -25.67 10.54 24.58
N GLU C 228 -24.62 10.43 25.38
CA GLU C 228 -23.20 10.50 24.91
C GLU C 228 -22.90 9.34 23.94
N TRP C 229 -23.56 8.19 24.06
CA TRP C 229 -23.36 7.04 23.17
C TRP C 229 -23.73 7.41 21.74
N GLN C 230 -24.82 8.17 21.55
CA GLN C 230 -25.27 8.62 20.21
C GLN C 230 -24.18 9.52 19.60
N ALA C 231 -23.58 10.41 20.41
CA ALA C 231 -22.44 11.27 19.95
C ALA C 231 -21.31 10.34 19.49
N PHE C 232 -20.95 9.36 20.30
CA PHE C 232 -19.82 8.46 19.95
C PHE C 232 -20.10 7.73 18.64
N LEU C 233 -21.32 7.21 18.41
CA LEU C 233 -21.62 6.47 17.17
C LEU C 233 -21.34 7.39 15.96
N GLN C 234 -21.69 8.65 16.05
CA GLN C 234 -21.43 9.64 14.97
C GLN C 234 -19.92 9.84 14.81
N LEU C 235 -19.23 10.07 15.91
CA LEU C 235 -17.79 10.44 15.88
C LEU C 235 -16.94 9.27 15.40
N ASN C 236 -17.26 8.05 15.84
CA ASN C 236 -16.39 6.88 15.60
C ASN C 236 -16.29 6.60 14.09
N GLN C 237 -17.44 6.48 13.43
CA GLN C 237 -17.56 6.32 11.94
C GLN C 237 -16.72 7.41 11.25
N ALA C 238 -16.82 8.66 11.67
CA ALA C 238 -16.22 9.81 10.96
C ALA C 238 -14.72 9.85 11.22
N ASN C 239 -14.26 9.36 12.37
CA ASN C 239 -12.81 9.52 12.74
C ASN C 239 -11.96 8.35 12.25
N ARG C 240 -12.49 7.14 12.12
CA ARG C 240 -11.72 5.97 11.62
C ARG C 240 -10.37 5.86 12.37
N ALA C 241 -10.38 6.04 13.69
CA ALA C 241 -9.14 6.07 14.50
C ALA C 241 -8.93 4.72 15.20
N PRO C 242 -7.76 4.07 15.03
CA PRO C 242 -7.60 2.69 15.47
C PRO C 242 -7.48 2.46 16.98
N PHE C 243 -7.43 3.49 17.79
CA PHE C 243 -7.33 3.36 19.27
C PHE C 243 -8.49 4.10 19.92
N SER C 244 -9.67 3.97 19.30
CA SER C 244 -10.91 4.63 19.81
C SER C 244 -11.46 3.85 21.02
N ALA C 245 -12.29 4.52 21.81
CA ALA C 245 -12.84 3.90 23.04
C ALA C 245 -14.06 4.66 23.51
N PHE C 246 -14.97 3.92 24.15
CA PHE C 246 -16.08 4.60 24.87
C PHE C 246 -16.14 3.99 26.29
N LEU C 247 -15.94 4.82 27.32
CA LEU C 247 -15.99 4.34 28.72
C LEU C 247 -17.19 4.97 29.42
N ARG C 248 -18.09 4.13 29.96
CA ARG C 248 -19.16 4.63 30.85
C ARG C 248 -18.61 4.50 32.27
N LEU C 249 -18.24 5.62 32.89
CA LEU C 249 -17.69 5.63 34.26
C LEU C 249 -18.85 5.95 35.23
N GLU C 250 -18.59 5.87 36.53
CA GLU C 250 -19.61 6.28 37.54
C GLU C 250 -19.91 7.79 37.42
N GLN C 251 -18.91 8.56 37.05
CA GLN C 251 -18.84 10.06 37.13
C GLN C 251 -19.16 10.67 35.76
N GLY C 252 -19.13 9.93 34.69
CA GLY C 252 -19.25 10.57 33.36
C GLY C 252 -18.90 9.60 32.27
N ALA C 253 -18.66 10.10 31.06
CA ALA C 253 -18.31 9.23 29.92
C ALA C 253 -17.02 9.75 29.27
N ILE C 254 -16.22 8.83 28.76
CA ILE C 254 -14.99 9.18 28.00
C ILE C 254 -15.23 8.74 26.55
N LEU C 255 -15.12 9.68 25.61
CA LEU C 255 -15.34 9.40 24.18
C LEU C 255 -13.99 9.60 23.50
N SER C 256 -13.27 8.53 23.26
CA SER C 256 -11.90 8.64 22.70
C SER C 256 -11.92 8.30 21.20
N LEU C 257 -11.35 9.19 20.38
CA LEU C 257 -11.18 8.95 18.92
C LEU C 257 -9.67 8.99 18.65
N SER C 258 -8.87 8.41 19.54
CA SER C 258 -7.40 8.43 19.44
C SER C 258 -6.89 7.56 18.31
N PRO C 259 -5.96 8.07 17.45
CA PRO C 259 -5.29 7.21 16.49
C PRO C 259 -3.94 6.70 17.02
N GLU C 260 -3.65 6.93 18.30
CA GLU C 260 -2.29 6.70 18.86
C GLU C 260 -2.24 5.50 19.80
N ARG C 261 -1.39 4.54 19.50
CA ARG C 261 -0.92 3.48 20.41
C ARG C 261 0.18 4.08 21.31
N PHE C 262 0.05 3.93 22.63
CA PHE C 262 1.12 4.19 23.61
C PHE C 262 2.00 2.94 23.67
N ILE C 263 1.61 1.96 24.48
CA ILE C 263 2.44 0.73 24.69
C ILE C 263 1.62 -0.56 24.48
N LEU C 264 2.06 -1.39 23.54
CA LEU C 264 1.61 -2.79 23.34
C LEU C 264 2.62 -3.70 24.01
N CYS C 265 2.14 -4.69 24.72
CA CYS C 265 2.97 -5.82 25.20
C CYS C 265 2.28 -7.10 24.72
N ASP C 266 2.83 -7.77 23.70
CA ASP C 266 2.22 -8.92 23.02
C ASP C 266 3.16 -10.12 23.12
N ASN C 267 2.86 -11.06 24.00
CA ASN C 267 3.74 -12.24 24.24
C ASN C 267 5.15 -11.70 24.57
N SER C 268 5.24 -10.66 25.43
CA SER C 268 6.52 -10.05 25.88
C SER C 268 7.23 -9.19 24.82
N GLU C 269 6.66 -9.04 23.62
CA GLU C 269 7.22 -8.12 22.62
C GLU C 269 6.59 -6.74 22.85
N ILE C 270 7.42 -5.75 23.15
CA ILE C 270 6.98 -4.37 23.38
C ILE C 270 6.94 -3.62 22.05
N GLN C 271 5.89 -2.81 21.88
CA GLN C 271 5.83 -1.83 20.77
C GLN C 271 5.30 -0.52 21.31
N THR C 272 5.92 0.59 20.95
CA THR C 272 5.33 1.93 21.13
C THR C 272 5.42 2.69 19.81
N ARG C 273 4.42 3.52 19.53
CA ARG C 273 4.29 4.19 18.22
C ARG C 273 3.96 5.66 18.45
N PRO C 274 4.96 6.44 18.87
CA PRO C 274 4.75 7.86 19.08
C PRO C 274 4.34 8.56 17.80
N ILE C 275 3.32 9.40 17.92
CA ILE C 275 2.89 10.33 16.82
C ILE C 275 3.43 11.72 17.15
N LYS C 276 4.21 12.30 16.23
CA LYS C 276 4.77 13.65 16.37
C LYS C 276 5.02 14.17 14.95
N GLY C 277 4.31 15.22 14.56
CA GLY C 277 4.37 15.77 13.21
C GLY C 277 3.02 15.76 12.59
N THR C 278 2.57 16.91 12.08
CA THR C 278 1.19 17.10 11.62
C THR C 278 1.15 18.11 10.48
N LEU C 279 0.31 17.84 9.48
CA LEU C 279 -0.18 18.83 8.51
C LEU C 279 -1.64 18.51 8.24
N PRO C 280 -2.47 19.54 7.94
CA PRO C 280 -3.86 19.25 7.58
C PRO C 280 -4.00 18.51 6.24
N ARG C 281 -5.04 17.67 6.13
CA ARG C 281 -5.50 17.09 4.87
C ARG C 281 -5.99 18.27 4.00
N LEU C 282 -5.68 18.17 2.71
CA LEU C 282 -6.17 19.12 1.69
C LEU C 282 -7.19 18.41 0.84
N PRO C 283 -8.28 19.10 0.44
CA PRO C 283 -9.36 18.43 -0.27
C PRO C 283 -9.06 18.00 -1.73
N ASP C 284 -8.15 18.70 -2.40
CA ASP C 284 -7.70 18.29 -3.75
C ASP C 284 -6.72 17.12 -3.62
N PRO C 285 -7.01 15.93 -4.19
CA PRO C 285 -6.16 14.75 -4.04
C PRO C 285 -4.71 14.92 -4.53
N GLN C 286 -4.49 15.68 -5.62
CA GLN C 286 -3.11 15.98 -6.10
C GLN C 286 -2.37 16.82 -5.06
N GLU C 287 -3.02 17.85 -4.49
CA GLU C 287 -2.41 18.72 -3.45
C GLU C 287 -2.17 17.88 -2.19
N ASP C 288 -3.11 17.00 -1.86
CA ASP C 288 -3.01 16.21 -0.60
C ASP C 288 -1.83 15.22 -0.69
N SER C 289 -1.57 14.65 -1.87
CA SER C 289 -0.39 13.78 -2.10
C SER C 289 0.90 14.57 -1.89
N LYS C 290 0.96 15.83 -2.35
CA LYS C 290 2.14 16.69 -2.18
C LYS C 290 2.26 17.04 -0.71
N GLN C 291 1.13 17.27 -0.03
CA GLN C 291 1.09 17.58 1.42
C GLN C 291 1.76 16.44 2.21
N ALA C 292 1.46 15.20 1.89
CA ALA C 292 2.00 14.01 2.61
C ALA C 292 3.51 14.00 2.41
N VAL C 293 3.98 14.25 1.16
CA VAL C 293 5.44 14.34 0.90
C VAL C 293 6.05 15.50 1.68
N LYS C 294 5.40 16.65 1.78
CA LYS C 294 5.90 17.81 2.54
C LYS C 294 6.14 17.41 3.99
N LEU C 295 5.20 16.68 4.56
CA LEU C 295 5.32 16.33 6.00
C LEU C 295 6.48 15.34 6.15
N ALA C 296 6.62 14.38 5.24
CA ALA C 296 7.67 13.35 5.27
C ALA C 296 9.07 14.03 5.21
N ASN C 297 9.15 15.18 4.52
CA ASN C 297 10.43 15.88 4.24
C ASN C 297 10.63 17.07 5.17
N SER C 298 9.71 17.34 6.11
CA SER C 298 9.76 18.53 6.98
C SER C 298 10.91 18.39 7.98
N ALA C 299 11.90 19.29 7.95
CA ALA C 299 13.01 19.23 8.93
C ALA C 299 12.47 19.46 10.35
N LYS C 300 11.58 20.43 10.51
CA LYS C 300 11.06 20.78 11.85
C LYS C 300 10.26 19.58 12.41
N ASP C 301 9.39 18.96 11.62
CA ASP C 301 8.57 17.80 12.10
C ASP C 301 9.46 16.57 12.35
N ARG C 302 10.50 16.35 11.54
CA ARG C 302 11.42 15.22 11.73
C ARG C 302 12.21 15.41 13.05
N ALA C 303 12.55 16.63 13.41
CA ALA C 303 13.28 16.94 14.67
C ALA C 303 12.32 16.70 15.85
N GLU C 304 11.09 17.20 15.75
CA GLU C 304 10.01 17.05 16.75
C GLU C 304 9.84 15.55 17.06
N ASN C 305 9.78 14.74 16.02
CA ASN C 305 9.55 13.29 16.13
C ASN C 305 10.80 12.60 16.64
N LEU C 306 11.99 12.88 16.06
CA LEU C 306 13.24 12.20 16.48
C LEU C 306 13.41 12.36 18.00
N MET C 307 13.18 13.55 18.53
CA MET C 307 13.45 13.85 19.98
C MET C 307 12.62 12.90 20.84
N ILE C 308 11.36 12.70 20.44
CA ILE C 308 10.43 11.77 21.18
C ILE C 308 10.83 10.33 20.94
N VAL C 309 11.29 9.95 19.74
CA VAL C 309 11.84 8.60 19.52
C VAL C 309 13.02 8.38 20.48
N ASP C 310 13.99 9.29 20.53
CA ASP C 310 15.14 9.10 21.44
C ASP C 310 14.68 9.04 22.91
N LEU C 311 13.71 9.85 23.30
CA LEU C 311 13.12 9.85 24.67
C LEU C 311 12.44 8.51 24.96
N MET C 312 11.61 8.00 24.02
CA MET C 312 10.92 6.73 24.28
C MET C 312 11.88 5.55 24.28
N ARG C 313 12.91 5.55 23.42
CA ARG C 313 13.98 4.53 23.45
C ARG C 313 14.58 4.47 24.87
N ASN C 314 14.75 5.63 25.47
CA ASN C 314 15.42 5.78 26.80
C ASN C 314 14.47 5.22 27.87
N ASP C 315 13.23 5.65 27.81
CA ASP C 315 12.23 5.32 28.87
C ASP C 315 11.94 3.82 28.83
N ILE C 316 11.77 3.24 27.65
CA ILE C 316 11.60 1.77 27.53
C ILE C 316 12.92 1.06 27.76
N GLY C 317 14.02 1.63 27.30
CA GLY C 317 15.35 1.00 27.39
C GLY C 317 15.80 0.83 28.84
N ARG C 318 15.31 1.67 29.73
CA ARG C 318 15.69 1.64 31.16
C ARG C 318 15.22 0.30 31.74
N VAL C 319 14.10 -0.24 31.26
CA VAL C 319 13.49 -1.46 31.87
C VAL C 319 13.39 -2.63 30.90
N ALA C 320 13.82 -2.50 29.64
CA ALA C 320 13.73 -3.59 28.64
C ALA C 320 14.85 -4.60 28.82
N VAL C 321 14.72 -5.75 28.21
CA VAL C 321 15.83 -6.74 28.09
C VAL C 321 17.05 -6.06 27.45
N ALA C 322 18.22 -6.30 28.01
CA ALA C 322 19.49 -5.76 27.47
C ALA C 322 19.66 -6.18 26.01
N GLY C 323 19.88 -5.19 25.14
CA GLY C 323 20.16 -5.42 23.73
C GLY C 323 18.91 -5.53 22.87
N SER C 324 17.71 -5.42 23.44
CA SER C 324 16.45 -5.74 22.71
C SER C 324 15.83 -4.54 22.01
N VAL C 325 16.32 -3.32 22.22
CA VAL C 325 15.61 -2.08 21.73
C VAL C 325 15.94 -1.87 20.26
N LYS C 326 14.92 -1.68 19.42
CA LYS C 326 15.13 -1.41 17.97
C LYS C 326 14.11 -0.36 17.49
N VAL C 327 14.37 0.24 16.34
CA VAL C 327 13.47 1.24 15.69
C VAL C 327 13.22 0.78 14.26
N PRO C 328 12.22 -0.10 14.04
CA PRO C 328 11.94 -0.60 12.69
C PRO C 328 11.31 0.40 11.72
N GLU C 329 10.72 1.45 12.22
CA GLU C 329 10.09 2.50 11.39
C GLU C 329 10.41 3.85 11.98
N LEU C 330 10.81 4.81 11.13
CA LEU C 330 11.02 6.19 11.55
C LEU C 330 10.39 7.11 10.53
N PHE C 331 9.44 7.93 10.95
CA PHE C 331 8.81 9.03 10.15
C PHE C 331 7.94 8.43 9.03
N VAL C 332 7.06 7.52 9.39
CA VAL C 332 5.98 6.97 8.50
C VAL C 332 4.84 7.99 8.41
N VAL C 333 4.31 8.30 7.23
CA VAL C 333 3.15 9.21 7.15
C VAL C 333 1.88 8.36 7.19
N GLU C 334 1.04 8.63 8.18
CA GLU C 334 -0.28 7.97 8.33
C GLU C 334 -1.38 9.05 8.21
N PRO C 335 -2.25 8.95 7.17
CA PRO C 335 -3.33 9.93 7.00
C PRO C 335 -4.57 9.53 7.80
N PHE C 336 -5.17 10.53 8.42
CA PHE C 336 -6.48 10.44 9.13
C PHE C 336 -7.39 11.50 8.53
N PRO C 337 -8.70 11.49 8.85
CA PRO C 337 -9.62 12.42 8.19
C PRO C 337 -9.21 13.88 8.29
N ALA C 338 -8.72 14.35 9.44
CA ALA C 338 -8.40 15.76 9.65
C ALA C 338 -6.97 16.06 9.20
N VAL C 339 -6.04 15.16 9.48
CA VAL C 339 -4.58 15.46 9.40
C VAL C 339 -3.80 14.26 8.85
N HIS C 340 -2.68 14.56 8.21
CA HIS C 340 -1.53 13.64 8.09
C HIS C 340 -0.69 13.71 9.36
N HIS C 341 -0.21 12.54 9.79
CA HIS C 341 0.73 12.47 10.94
C HIS C 341 1.99 11.73 10.58
N LEU C 342 3.08 12.05 11.29
CA LEU C 342 4.37 11.34 11.21
C LEU C 342 4.43 10.41 12.45
N VAL C 343 4.61 9.13 12.21
CA VAL C 343 4.58 8.08 13.25
C VAL C 343 5.89 7.33 13.20
N SER C 344 6.44 6.96 14.36
CA SER C 344 7.63 6.09 14.40
C SER C 344 7.33 4.93 15.31
N THR C 345 8.10 3.86 15.16
CA THR C 345 7.84 2.57 15.88
C THR C 345 9.09 2.14 16.62
N ILE C 346 8.98 1.95 17.94
CA ILE C 346 10.10 1.43 18.79
C ILE C 346 9.66 0.07 19.32
N THR C 347 10.52 -0.92 19.22
CA THR C 347 10.26 -2.28 19.78
C THR C 347 11.31 -2.63 20.84
N ALA C 348 10.93 -3.57 21.70
CA ALA C 348 11.84 -4.10 22.75
C ALA C 348 11.24 -5.36 23.31
N GLN C 349 11.93 -5.97 24.28
CA GLN C 349 11.41 -7.19 24.93
C GLN C 349 11.20 -6.89 26.42
N LEU C 350 10.08 -7.36 26.93
CA LEU C 350 9.77 -7.29 28.39
C LEU C 350 10.56 -8.37 29.13
N PRO C 351 11.33 -7.95 30.17
CA PRO C 351 11.99 -8.94 31.02
C PRO C 351 11.00 -9.89 31.69
N GLU C 352 11.44 -11.12 31.94
CA GLU C 352 10.64 -12.12 32.68
C GLU C 352 10.31 -11.61 34.09
N GLN C 353 11.14 -10.73 34.68
CA GLN C 353 10.96 -10.25 36.06
C GLN C 353 9.93 -9.13 36.14
N LEU C 354 9.53 -8.54 34.99
CA LEU C 354 8.54 -7.44 34.99
C LEU C 354 7.13 -7.94 34.59
N HIS C 355 6.18 -7.14 35.00
CA HIS C 355 4.81 -7.18 34.45
C HIS C 355 4.61 -6.02 33.48
N ALA C 356 3.61 -6.16 32.60
CA ALA C 356 3.25 -5.03 31.71
C ALA C 356 2.90 -3.78 32.53
N SER C 357 2.28 -3.94 33.71
CA SER C 357 1.94 -2.83 34.61
C SER C 357 3.21 -2.06 35.03
N ASP C 358 4.33 -2.75 35.19
CA ASP C 358 5.64 -2.14 35.55
C ASP C 358 6.19 -1.30 34.39
N LEU C 359 5.98 -1.78 33.17
CA LEU C 359 6.35 -1.04 31.93
C LEU C 359 5.50 0.23 31.84
N LEU C 360 4.18 0.15 32.09
CA LEU C 360 3.30 1.33 32.10
C LEU C 360 3.77 2.32 33.16
N ARG C 361 4.11 1.88 34.36
CA ARG C 361 4.55 2.76 35.47
C ARG C 361 5.86 3.46 35.05
N ALA C 362 6.77 2.78 34.39
CA ALA C 362 8.11 3.33 34.03
C ALA C 362 7.99 4.42 32.96
N ALA C 363 6.93 4.41 32.14
CA ALA C 363 6.83 5.26 30.96
C ALA C 363 5.72 6.28 31.05
N PHE C 364 4.83 6.21 32.03
CA PHE C 364 3.60 7.02 32.06
C PHE C 364 3.86 8.38 32.68
N PRO C 365 3.32 9.49 32.13
CA PRO C 365 2.56 9.52 30.87
C PRO C 365 3.48 9.66 29.65
N GLY C 366 2.90 9.48 28.46
CA GLY C 366 3.72 9.33 27.25
C GLY C 366 4.63 10.52 26.97
N GLY C 367 5.87 10.28 26.58
CA GLY C 367 6.75 11.36 26.13
C GLY C 367 6.18 12.16 24.99
N SER C 368 5.37 11.54 24.11
CA SER C 368 4.83 12.24 22.92
C SER C 368 3.87 13.38 23.25
N ILE C 369 3.29 13.43 24.47
CA ILE C 369 2.35 14.50 24.83
C ILE C 369 2.86 15.27 26.07
N THR C 370 4.14 15.13 26.41
CA THR C 370 4.80 15.91 27.50
C THR C 370 5.95 16.70 26.85
N GLY C 371 7.03 16.00 26.55
CA GLY C 371 8.22 16.61 25.91
C GLY C 371 9.46 16.09 26.55
N ALA C 372 10.57 16.80 26.34
CA ALA C 372 11.92 16.27 26.67
C ALA C 372 12.77 17.44 27.14
N PRO C 373 13.51 17.30 28.26
CA PRO C 373 13.33 16.25 29.27
C PRO C 373 11.89 16.23 29.82
N LYS C 374 11.42 15.05 30.19
CA LYS C 374 9.98 14.85 30.47
C LYS C 374 9.52 15.57 31.74
N VAL C 375 10.28 15.43 32.83
CA VAL C 375 9.85 16.06 34.11
C VAL C 375 9.85 17.59 33.91
N ARG C 376 10.88 18.17 33.31
CA ARG C 376 10.90 19.63 33.06
C ARG C 376 9.71 20.03 32.19
N ALA C 377 9.41 19.29 31.11
CA ALA C 377 8.25 19.59 30.26
C ALA C 377 6.96 19.56 31.08
N MET C 378 6.79 18.57 31.95
CA MET C 378 5.56 18.44 32.75
C MET C 378 5.47 19.63 33.73
N GLU C 379 6.60 20.13 34.22
CA GLU C 379 6.60 21.32 35.11
C GLU C 379 6.11 22.54 34.32
N ILE C 380 6.61 22.72 33.09
CA ILE C 380 6.21 23.88 32.23
C ILE C 380 4.73 23.73 31.85
N ILE C 381 4.24 22.53 31.54
CA ILE C 381 2.80 22.31 31.24
C ILE C 381 1.92 22.79 32.40
N ASP C 382 2.25 22.36 33.60
CA ASP C 382 1.47 22.69 34.82
C ASP C 382 1.57 24.21 35.08
N GLU C 383 2.70 24.82 34.78
CA GLU C 383 2.91 26.28 34.96
C GLU C 383 1.97 27.07 34.04
N LEU C 384 1.81 26.64 32.78
CA LEU C 384 1.23 27.47 31.70
C LEU C 384 -0.21 27.09 31.36
N GLU C 385 -0.60 25.82 31.52
CA GLU C 385 -1.97 25.38 31.18
C GLU C 385 -2.85 25.74 32.36
N PRO C 386 -3.95 26.47 32.13
CA PRO C 386 -4.77 26.95 33.24
C PRO C 386 -5.46 25.85 34.08
N GLN C 387 -5.79 24.70 33.47
CA GLN C 387 -6.47 23.58 34.17
C GLN C 387 -5.67 22.28 33.96
N ARG C 388 -5.75 21.40 34.92
CA ARG C 388 -5.21 20.02 34.81
C ARG C 388 -5.91 19.29 33.66
N ARG C 389 -5.14 18.41 32.98
CA ARG C 389 -5.57 17.62 31.82
C ARG C 389 -6.53 16.48 32.17
N ASN C 390 -6.45 15.96 33.40
CA ASN C 390 -7.33 14.87 33.86
C ASN C 390 -7.23 13.73 32.82
N ALA C 391 -8.33 13.29 32.22
CA ALA C 391 -8.38 12.08 31.38
C ALA C 391 -7.62 12.28 30.06
N TRP C 392 -7.44 13.52 29.67
CA TRP C 392 -6.89 13.88 28.34
C TRP C 392 -5.37 13.78 28.34
N CYS C 393 -4.80 13.09 27.35
CA CYS C 393 -3.36 12.74 27.24
C CYS C 393 -2.92 11.79 28.36
N GLY C 394 -3.87 11.09 29.00
CA GLY C 394 -3.58 9.82 29.68
C GLY C 394 -3.56 8.66 28.70
N SER C 395 -3.98 7.48 29.16
CA SER C 395 -4.08 6.25 28.38
C SER C 395 -5.35 5.49 28.69
N ILE C 396 -5.95 4.85 27.69
CA ILE C 396 -6.98 3.81 27.90
C ILE C 396 -6.39 2.49 27.47
N GLY C 397 -6.72 1.43 28.17
CA GLY C 397 -6.31 0.11 27.65
C GLY C 397 -6.59 -1.03 28.60
N TYR C 398 -5.98 -2.15 28.28
CA TYR C 398 -6.20 -3.43 29.02
C TYR C 398 -4.90 -4.03 29.49
N LEU C 399 -4.98 -4.70 30.64
CA LEU C 399 -3.92 -5.62 31.15
C LEU C 399 -4.58 -6.99 31.31
N SER C 400 -4.28 -7.87 30.36
CA SER C 400 -4.84 -9.23 30.27
C SER C 400 -4.32 -10.08 31.43
N PHE C 401 -5.13 -11.02 31.88
CA PHE C 401 -4.70 -12.05 32.84
C PHE C 401 -3.54 -12.90 32.27
N CYS C 402 -3.39 -12.98 30.95
CA CYS C 402 -2.26 -13.74 30.31
C CYS C 402 -0.95 -12.97 30.41
N GLY C 403 -0.99 -11.64 30.71
CA GLY C 403 0.22 -10.81 30.81
C GLY C 403 0.28 -9.75 29.73
N ASN C 404 -0.50 -9.92 28.65
CA ASN C 404 -0.54 -8.93 27.54
C ASN C 404 -1.09 -7.58 28.02
N MET C 405 -0.78 -6.54 27.24
CA MET C 405 -1.27 -5.18 27.49
C MET C 405 -1.42 -4.48 26.15
N ASP C 406 -2.38 -3.57 26.04
CA ASP C 406 -2.35 -2.57 24.94
C ASP C 406 -2.92 -1.29 25.54
N THR C 407 -2.43 -0.16 25.08
CA THR C 407 -2.82 1.17 25.60
C THR C 407 -2.74 2.20 24.49
N SER C 408 -3.60 3.19 24.61
CA SER C 408 -3.61 4.38 23.74
C SER C 408 -2.96 5.53 24.46
N ILE C 409 -2.74 6.62 23.74
CA ILE C 409 -2.66 7.99 24.30
C ILE C 409 -4.03 8.62 24.04
N THR C 410 -4.66 9.20 25.05
CA THR C 410 -6.01 9.81 24.93
C THR C 410 -5.91 11.22 24.36
N ILE C 411 -5.24 11.36 23.20
CA ILE C 411 -5.47 12.57 22.37
C ILE C 411 -6.84 12.39 21.70
N ARG C 412 -7.37 13.47 21.11
CA ARG C 412 -8.61 13.42 20.30
C ARG C 412 -9.71 12.72 21.13
N THR C 413 -9.79 13.07 22.40
CA THR C 413 -10.66 12.39 23.40
C THR C 413 -11.49 13.46 24.10
N LEU C 414 -12.80 13.20 24.23
CA LEU C 414 -13.72 14.12 24.92
C LEU C 414 -14.09 13.53 26.28
N THR C 415 -14.29 14.42 27.25
CA THR C 415 -14.74 14.08 28.61
C THR C 415 -16.14 14.70 28.76
N ALA C 416 -17.15 13.88 29.02
CA ALA C 416 -18.56 14.33 29.13
C ALA C 416 -19.01 14.10 30.57
N ILE C 417 -19.23 15.15 31.34
CA ILE C 417 -19.47 15.04 32.80
C ILE C 417 -20.43 16.16 33.23
N ASN C 418 -21.54 15.78 33.87
CA ASN C 418 -22.45 16.77 34.50
C ASN C 418 -22.87 17.86 33.50
N GLY C 419 -23.21 17.42 32.30
CA GLY C 419 -23.70 18.25 31.20
C GLY C 419 -22.64 19.20 30.64
N GLN C 420 -21.36 18.95 30.90
CA GLN C 420 -20.21 19.73 30.35
C GLN C 420 -19.43 18.77 29.47
N ILE C 421 -19.03 19.20 28.26
CA ILE C 421 -18.15 18.34 27.42
C ILE C 421 -16.86 19.10 27.13
N PHE C 422 -15.73 18.43 27.28
CA PHE C 422 -14.39 19.02 27.16
C PHE C 422 -13.62 18.28 26.07
N CYS C 423 -12.90 19.03 25.23
CA CYS C 423 -12.07 18.48 24.13
C CYS C 423 -10.83 19.35 24.06
N SER C 424 -9.65 18.80 24.36
CA SER C 424 -8.36 19.51 24.38
C SER C 424 -7.57 19.24 23.09
N ALA C 425 -6.64 20.15 22.79
CA ALA C 425 -5.81 20.05 21.57
C ALA C 425 -4.48 20.75 21.84
N GLY C 426 -3.38 20.06 21.59
CA GLY C 426 -2.03 20.58 21.83
C GLY C 426 -1.13 20.41 20.63
N GLY C 427 0.18 20.45 20.88
CA GLY C 427 1.21 20.20 19.86
C GLY C 427 2.59 20.43 20.42
N GLY C 428 3.58 19.74 19.86
CA GLY C 428 4.97 19.82 20.34
C GLY C 428 5.60 21.14 19.95
N ILE C 429 5.96 21.97 20.92
CA ILE C 429 6.70 23.22 20.64
C ILE C 429 8.19 22.91 20.68
N VAL C 430 8.91 23.19 19.58
CA VAL C 430 10.39 23.09 19.53
C VAL C 430 10.97 24.44 19.11
N ALA C 431 12.32 24.53 19.04
CA ALA C 431 13.03 25.80 18.80
C ALA C 431 12.53 26.41 17.51
N ASP C 432 12.30 25.58 16.49
CA ASP C 432 11.95 26.04 15.12
C ASP C 432 10.43 26.22 14.97
N SER C 433 9.64 26.01 16.03
CA SER C 433 8.17 26.22 15.97
C SER C 433 7.88 27.70 15.71
N GLN C 434 6.79 28.00 15.01
CA GLN C 434 6.23 29.36 14.88
C GLN C 434 4.88 29.45 15.59
N GLU C 435 4.64 30.61 16.22
CA GLU C 435 3.51 30.84 17.13
C GLU C 435 2.20 30.55 16.40
N GLU C 436 1.95 31.24 15.29
CA GLU C 436 0.66 31.12 14.57
C GLU C 436 0.47 29.68 14.05
N ALA C 437 1.50 29.08 13.46
CA ALA C 437 1.42 27.72 12.90
C ALA C 437 1.04 26.72 14.01
N GLU C 438 1.63 26.88 15.21
CA GLU C 438 1.37 25.90 16.31
C GLU C 438 -0.05 26.10 16.83
N TYR C 439 -0.52 27.35 16.93
CA TYR C 439 -1.92 27.63 17.33
C TYR C 439 -2.89 26.97 16.34
N GLN C 440 -2.65 27.09 15.04
CA GLN C 440 -3.51 26.49 13.99
C GLN C 440 -3.39 24.97 14.00
N GLU C 441 -2.25 24.43 14.40
CA GLU C 441 -2.05 22.96 14.49
C GLU C 441 -3.03 22.40 15.54
N THR C 442 -3.24 23.11 16.64
CA THR C 442 -4.20 22.61 17.70
C THR C 442 -5.58 22.48 17.06
N PHE C 443 -6.05 23.51 16.34
CA PHE C 443 -7.37 23.49 15.68
C PHE C 443 -7.47 22.40 14.63
N ASP C 444 -6.43 22.20 13.82
CA ASP C 444 -6.40 21.21 12.73
C ASP C 444 -6.73 19.82 13.28
N LYS C 445 -6.29 19.54 14.50
CA LYS C 445 -6.39 18.18 15.07
C LYS C 445 -7.85 17.89 15.49
N VAL C 446 -8.56 18.91 16.01
CA VAL C 446 -9.92 18.64 16.57
C VAL C 446 -11.05 19.36 15.82
N ASN C 447 -10.81 20.19 14.83
CA ASN C 447 -11.90 21.01 14.23
C ASN C 447 -13.04 20.13 13.75
N ARG C 448 -12.77 18.99 13.11
CA ARG C 448 -13.81 18.08 12.58
C ARG C 448 -14.65 17.49 13.73
N ILE C 449 -14.00 17.15 14.84
CA ILE C 449 -14.72 16.65 16.05
C ILE C 449 -15.64 17.77 16.58
N LEU C 450 -15.12 18.95 16.81
CA LEU C 450 -15.90 20.09 17.35
C LEU C 450 -17.08 20.39 16.43
N LYS C 451 -16.86 20.42 15.12
CA LYS C 451 -17.90 20.81 14.15
C LYS C 451 -18.95 19.70 14.04
N GLN C 452 -18.57 18.44 14.11
CA GLN C 452 -19.52 17.33 13.94
C GLN C 452 -20.54 17.41 15.10
N LEU C 453 -20.13 17.82 16.30
CA LEU C 453 -21.04 17.81 17.47
C LEU C 453 -21.94 19.05 17.52
N GLU C 454 -21.59 20.14 16.84
CA GLU C 454 -22.51 21.29 16.58
C GLU C 454 -23.71 20.88 15.72
N LYS C 455 -23.58 19.79 14.94
CA LYS C 455 -24.69 19.12 14.20
C LYS C 455 -25.28 18.03 15.09
N GLY D 1 -24.69 15.30 -48.29
CA GLY D 1 -24.74 16.54 -47.48
C GLY D 1 -25.09 16.26 -46.03
N HIS D 2 -26.40 16.32 -45.69
CA HIS D 2 -26.97 16.53 -44.34
C HIS D 2 -26.48 15.45 -43.37
N MET D 3 -25.62 15.85 -42.43
CA MET D 3 -25.33 15.07 -41.20
C MET D 3 -26.64 14.60 -40.59
N LYS D 4 -26.79 13.34 -40.23
CA LYS D 4 -27.97 12.85 -39.50
C LYS D 4 -27.57 12.61 -38.06
N THR D 5 -28.17 13.30 -37.07
CA THR D 5 -28.00 12.98 -35.64
C THR D 5 -29.26 12.26 -35.11
N LEU D 6 -30.31 12.15 -35.91
CA LEU D 6 -31.58 11.54 -35.47
C LEU D 6 -31.34 10.07 -35.09
N SER D 7 -31.99 9.62 -34.04
CA SER D 7 -31.99 8.18 -33.68
C SER D 7 -32.63 7.39 -34.83
N PRO D 8 -32.16 6.15 -35.09
CA PRO D 8 -32.67 5.36 -36.21
C PRO D 8 -34.16 5.01 -35.96
N ALA D 9 -34.90 4.81 -37.04
CA ALA D 9 -36.31 4.29 -36.97
C ALA D 9 -36.24 2.83 -36.56
N VAL D 10 -37.20 2.39 -35.74
CA VAL D 10 -37.24 1.03 -35.13
C VAL D 10 -38.60 0.39 -35.41
N ILE D 11 -38.56 -0.87 -35.86
CA ILE D 11 -39.76 -1.76 -35.92
C ILE D 11 -39.50 -2.84 -34.90
N THR D 12 -40.41 -3.04 -33.94
CA THR D 12 -40.30 -4.13 -32.96
C THR D 12 -40.90 -5.38 -33.58
N LEU D 13 -40.17 -6.49 -33.57
CA LEU D 13 -40.65 -7.79 -34.14
C LEU D 13 -41.12 -8.67 -32.96
N LEU D 14 -41.83 -9.77 -33.28
CA LEU D 14 -42.28 -10.76 -32.29
C LEU D 14 -41.10 -11.17 -31.42
N TRP D 15 -41.24 -11.13 -30.11
CA TRP D 15 -40.24 -11.70 -29.19
C TRP D 15 -40.19 -13.23 -29.35
N ARG D 16 -39.05 -13.76 -29.71
CA ARG D 16 -38.69 -15.18 -29.60
C ARG D 16 -37.21 -15.23 -29.22
N GLN D 17 -36.88 -16.15 -28.32
CA GLN D 17 -35.53 -16.22 -27.73
C GLN D 17 -34.53 -16.55 -28.83
N ASP D 18 -34.95 -17.34 -29.84
CA ASP D 18 -34.09 -17.83 -30.95
C ASP D 18 -34.18 -16.91 -32.17
N ALA D 19 -34.62 -15.66 -32.01
CA ALA D 19 -34.83 -14.71 -33.10
C ALA D 19 -33.56 -14.56 -33.96
N ALA D 20 -32.37 -14.50 -33.32
CA ALA D 20 -31.16 -14.19 -34.10
C ALA D 20 -30.83 -15.35 -35.04
N GLU D 21 -30.81 -16.58 -34.53
CA GLU D 21 -30.54 -17.77 -35.35
C GLU D 21 -31.67 -17.94 -36.38
N PHE D 22 -32.91 -17.66 -36.00
CA PHE D 22 -34.08 -17.77 -36.92
C PHE D 22 -33.87 -16.87 -38.16
N TYR D 23 -33.64 -15.55 -37.97
CA TYR D 23 -33.48 -14.61 -39.09
C TYR D 23 -32.15 -14.86 -39.79
N PHE D 24 -31.08 -15.17 -39.06
CA PHE D 24 -29.73 -15.25 -39.64
C PHE D 24 -29.68 -16.46 -40.59
N SER D 25 -30.46 -17.50 -40.30
CA SER D 25 -30.52 -18.71 -41.16
C SER D 25 -30.70 -18.33 -42.61
N ARG D 26 -31.55 -17.36 -42.91
CA ARG D 26 -31.81 -17.03 -44.32
C ARG D 26 -30.74 -16.11 -44.90
N LEU D 27 -29.78 -15.67 -44.08
CA LEU D 27 -28.74 -14.72 -44.54
C LEU D 27 -27.36 -15.40 -44.59
N SER D 28 -27.21 -16.60 -44.02
CA SER D 28 -25.88 -17.13 -43.61
C SER D 28 -24.97 -17.41 -44.80
N HIS D 29 -25.53 -17.56 -46.01
CA HIS D 29 -24.76 -17.81 -47.26
C HIS D 29 -24.26 -16.53 -47.92
N LEU D 30 -24.69 -15.34 -47.48
CA LEU D 30 -24.34 -14.07 -48.14
C LEU D 30 -22.99 -13.58 -47.61
N PRO D 31 -21.97 -13.32 -48.47
CA PRO D 31 -20.78 -12.61 -48.01
C PRO D 31 -21.23 -11.30 -47.33
N TRP D 32 -20.59 -11.03 -46.21
CA TRP D 32 -20.76 -9.82 -45.36
C TRP D 32 -22.02 -9.92 -44.50
N ALA D 33 -22.67 -11.06 -44.45
CA ALA D 33 -23.66 -11.37 -43.38
C ALA D 33 -22.91 -11.77 -42.11
N MET D 34 -23.23 -11.14 -40.97
CA MET D 34 -22.53 -11.39 -39.71
C MET D 34 -23.51 -11.45 -38.53
N LEU D 35 -23.21 -12.36 -37.62
CA LEU D 35 -23.93 -12.58 -36.35
C LEU D 35 -22.97 -12.47 -35.18
N LEU D 36 -23.32 -11.63 -34.20
CA LEU D 36 -22.76 -11.67 -32.83
C LEU D 36 -23.81 -12.31 -31.93
N HIS D 37 -23.46 -13.37 -31.24
CA HIS D 37 -24.42 -14.17 -30.44
C HIS D 37 -23.88 -14.33 -29.04
N SER D 38 -24.73 -14.10 -28.03
CA SER D 38 -24.37 -14.24 -26.61
C SER D 38 -24.47 -15.72 -26.16
N GLY D 39 -24.72 -16.65 -27.07
CA GLY D 39 -24.58 -18.08 -26.80
C GLY D 39 -25.70 -18.61 -25.90
N TYR D 40 -26.77 -17.85 -25.75
CA TYR D 40 -27.87 -18.07 -24.79
C TYR D 40 -27.30 -18.21 -23.38
N ALA D 41 -26.16 -17.59 -23.10
CA ALA D 41 -25.41 -17.86 -21.84
C ALA D 41 -26.12 -17.18 -20.68
N ASP D 42 -26.07 -17.82 -19.51
CA ASP D 42 -26.43 -17.21 -18.21
C ASP D 42 -25.11 -16.66 -17.67
N HIS D 43 -24.90 -15.39 -17.92
CA HIS D 43 -23.60 -14.72 -17.71
C HIS D 43 -23.88 -13.24 -17.53
N PRO D 44 -23.06 -12.53 -16.73
CA PRO D 44 -23.26 -11.10 -16.54
C PRO D 44 -23.15 -10.25 -17.81
N TYR D 45 -22.43 -10.74 -18.81
CA TYR D 45 -22.23 -9.98 -20.08
C TYR D 45 -22.77 -10.80 -21.27
N SER D 46 -23.90 -11.47 -21.03
CA SER D 46 -24.74 -12.10 -22.09
C SER D 46 -26.09 -11.41 -22.07
N ARG D 47 -26.36 -10.55 -23.03
CA ARG D 47 -27.61 -9.82 -23.18
C ARG D 47 -28.00 -9.76 -24.65
N PHE D 48 -27.08 -9.43 -25.54
CA PHE D 48 -27.43 -9.03 -26.91
C PHE D 48 -26.96 -10.07 -27.93
N ASP D 49 -27.83 -10.28 -28.92
CA ASP D 49 -27.40 -10.88 -30.22
C ASP D 49 -27.61 -9.81 -31.29
N ILE D 50 -26.70 -9.69 -32.26
CA ILE D 50 -26.75 -8.63 -33.28
C ILE D 50 -26.58 -9.29 -34.66
N VAL D 51 -27.45 -8.93 -35.59
CA VAL D 51 -27.42 -9.43 -37.00
C VAL D 51 -27.27 -8.26 -37.94
N VAL D 52 -26.34 -8.36 -38.89
CA VAL D 52 -26.21 -7.40 -40.02
C VAL D 52 -25.98 -8.19 -41.32
N ALA D 53 -26.20 -7.50 -42.41
CA ALA D 53 -25.90 -7.99 -43.76
C ALA D 53 -26.05 -6.82 -44.73
N GLU D 54 -25.62 -7.02 -45.98
CA GLU D 54 -25.77 -5.99 -47.05
C GLU D 54 -25.14 -4.67 -46.61
N PRO D 55 -23.79 -4.67 -46.46
CA PRO D 55 -23.10 -3.46 -46.07
C PRO D 55 -23.14 -2.38 -47.16
N ILE D 56 -23.12 -1.13 -46.75
CA ILE D 56 -23.02 0.01 -47.71
C ILE D 56 -21.56 0.23 -48.14
N CYS D 57 -20.60 -0.23 -47.35
CA CYS D 57 -19.15 -0.10 -47.63
C CYS D 57 -18.45 -1.30 -46.99
N THR D 58 -17.34 -1.74 -47.57
CA THR D 58 -16.52 -2.83 -47.01
C THR D 58 -15.07 -2.37 -46.94
N LEU D 59 -14.34 -2.90 -45.97
CA LEU D 59 -12.89 -2.63 -45.79
C LEU D 59 -12.22 -3.99 -45.68
N THR D 60 -11.24 -4.25 -46.56
CA THR D 60 -10.48 -5.51 -46.59
C THR D 60 -8.99 -5.17 -46.52
N THR D 61 -8.30 -5.58 -45.46
CA THR D 61 -6.86 -5.33 -45.30
C THR D 61 -6.11 -6.64 -45.47
N PHE D 62 -5.15 -6.69 -46.42
CA PHE D 62 -4.15 -7.77 -46.55
C PHE D 62 -2.77 -7.12 -46.43
N GLY D 63 -2.08 -7.32 -45.33
CA GLY D 63 -0.75 -6.73 -45.11
C GLY D 63 -0.80 -5.22 -45.12
N LYS D 64 0.02 -4.59 -45.96
CA LYS D 64 0.17 -3.11 -46.01
C LYS D 64 -0.98 -2.43 -46.76
N GLU D 65 -1.88 -3.17 -47.41
CA GLU D 65 -2.93 -2.55 -48.24
C GLU D 65 -4.35 -2.77 -47.68
N THR D 66 -5.13 -1.69 -47.60
CA THR D 66 -6.58 -1.75 -47.30
C THR D 66 -7.35 -1.29 -48.53
N VAL D 67 -8.33 -2.09 -48.94
CA VAL D 67 -9.23 -1.82 -50.08
C VAL D 67 -10.58 -1.41 -49.49
N VAL D 68 -11.02 -0.20 -49.82
CA VAL D 68 -12.31 0.35 -49.35
C VAL D 68 -13.25 0.32 -50.54
N SER D 69 -14.32 -0.44 -50.41
CA SER D 69 -15.26 -0.69 -51.54
C SER D 69 -16.63 -0.12 -51.22
N GLU D 70 -17.15 0.78 -52.08
CA GLU D 70 -18.50 1.41 -51.95
C GLU D 70 -19.12 1.39 -53.35
N SER D 71 -20.44 1.55 -53.45
CA SER D 71 -21.27 1.12 -54.62
C SER D 71 -20.55 1.36 -55.95
N GLU D 72 -20.15 2.60 -56.24
CA GLU D 72 -19.45 2.97 -57.51
C GLU D 72 -18.07 3.56 -57.20
N LYS D 73 -17.29 2.95 -56.31
CA LYS D 73 -15.93 3.45 -55.99
C LYS D 73 -15.14 2.38 -55.21
N ARG D 74 -13.93 2.11 -55.67
CA ARG D 74 -12.96 1.21 -55.01
C ARG D 74 -11.66 2.00 -54.82
N THR D 75 -11.16 2.13 -53.59
CA THR D 75 -9.93 2.89 -53.22
C THR D 75 -8.98 1.93 -52.51
N THR D 76 -7.67 2.07 -52.71
CA THR D 76 -6.64 1.29 -51.97
C THR D 76 -5.74 2.28 -51.24
N THR D 77 -5.24 1.93 -50.07
CA THR D 77 -4.43 2.83 -49.23
C THR D 77 -3.47 1.99 -48.40
N THR D 78 -2.28 2.55 -48.12
CA THR D 78 -1.32 1.97 -47.16
C THR D 78 -1.48 2.59 -45.78
N ASP D 79 -2.45 3.49 -45.58
CA ASP D 79 -2.62 4.19 -44.28
C ASP D 79 -2.99 3.18 -43.19
N ASP D 80 -2.69 3.54 -41.94
CA ASP D 80 -3.09 2.77 -40.74
C ASP D 80 -4.54 2.28 -40.91
N PRO D 81 -4.82 0.98 -40.84
CA PRO D 81 -6.17 0.46 -41.13
C PRO D 81 -7.25 0.93 -40.17
N LEU D 82 -6.91 1.19 -38.90
CA LEU D 82 -7.92 1.71 -37.94
C LEU D 82 -8.16 3.21 -38.17
N GLN D 83 -7.15 3.98 -38.62
CA GLN D 83 -7.36 5.38 -39.05
C GLN D 83 -8.30 5.40 -40.26
N VAL D 84 -8.11 4.50 -41.22
CA VAL D 84 -8.95 4.43 -42.43
C VAL D 84 -10.38 4.03 -42.01
N LEU D 85 -10.50 3.07 -41.10
CA LEU D 85 -11.84 2.67 -40.58
C LEU D 85 -12.52 3.87 -39.95
N GLN D 86 -11.84 4.65 -39.11
CA GLN D 86 -12.50 5.80 -38.46
C GLN D 86 -12.92 6.82 -39.52
N GLN D 87 -12.09 7.05 -40.54
CA GLN D 87 -12.43 7.99 -41.65
C GLN D 87 -13.72 7.56 -42.36
N VAL D 88 -13.82 6.26 -42.66
CA VAL D 88 -15.01 5.70 -43.38
C VAL D 88 -16.24 5.84 -42.47
N LEU D 89 -16.11 5.55 -41.18
CA LEU D 89 -17.23 5.76 -40.23
C LEU D 89 -17.66 7.23 -40.28
N ASP D 90 -16.71 8.16 -40.16
CA ASP D 90 -17.06 9.59 -40.06
C ASP D 90 -17.78 10.03 -41.34
N ARG D 91 -17.30 9.56 -42.50
CA ARG D 91 -17.80 10.01 -43.82
C ARG D 91 -19.23 9.48 -44.07
N ALA D 92 -19.69 8.49 -43.32
CA ALA D 92 -21.09 7.99 -43.43
C ALA D 92 -22.07 9.08 -43.00
N ASP D 93 -21.64 10.07 -42.21
CA ASP D 93 -22.48 11.18 -41.72
C ASP D 93 -23.73 10.66 -40.98
N ILE D 94 -23.55 9.64 -40.16
CA ILE D 94 -24.58 9.09 -39.26
C ILE D 94 -24.02 9.18 -37.84
N ARG D 95 -24.62 10.01 -36.99
CA ARG D 95 -24.03 10.41 -35.69
C ARG D 95 -25.14 10.39 -34.63
N PRO D 96 -25.74 9.22 -34.31
CA PRO D 96 -26.78 9.17 -33.29
C PRO D 96 -26.19 9.20 -31.87
N THR D 97 -27.00 9.60 -30.91
CA THR D 97 -26.63 9.57 -29.47
C THR D 97 -26.66 8.12 -28.95
N HIS D 98 -25.94 7.84 -27.88
N HIS D 98 -25.97 7.86 -27.85
CA HIS D 98 -25.88 6.51 -27.26
CA HIS D 98 -25.90 6.54 -27.16
C HIS D 98 -27.28 6.09 -26.78
C HIS D 98 -27.34 6.10 -26.87
N ASN D 99 -27.58 4.79 -26.90
CA ASN D 99 -28.85 4.21 -26.40
C ASN D 99 -28.45 2.93 -25.67
N GLU D 100 -28.65 2.87 -24.35
CA GLU D 100 -28.16 1.69 -23.58
C GLU D 100 -28.95 0.45 -24.01
N ASP D 101 -30.10 0.59 -24.64
CA ASP D 101 -30.85 -0.61 -25.10
C ASP D 101 -30.50 -0.97 -26.55
N LEU D 102 -29.73 -0.15 -27.28
CA LEU D 102 -29.36 -0.47 -28.70
C LEU D 102 -27.88 -0.11 -28.79
N PRO D 103 -26.97 -0.94 -28.28
CA PRO D 103 -25.56 -0.53 -28.14
C PRO D 103 -24.83 -0.40 -29.50
N PHE D 104 -25.35 -1.07 -30.51
CA PHE D 104 -24.88 -0.93 -31.92
C PHE D 104 -25.99 -0.31 -32.74
N GLN D 105 -25.79 0.88 -33.30
CA GLN D 105 -26.81 1.66 -34.02
C GLN D 105 -26.42 1.75 -35.49
N GLY D 106 -25.99 0.62 -36.03
CA GLY D 106 -25.26 0.67 -37.28
C GLY D 106 -23.81 1.12 -37.04
N GLY D 107 -22.99 0.92 -38.07
CA GLY D 107 -21.54 1.22 -38.02
C GLY D 107 -20.72 0.06 -38.54
N ALA D 108 -19.54 -0.12 -37.99
CA ALA D 108 -18.58 -1.10 -38.46
C ALA D 108 -18.82 -2.38 -37.69
N LEU D 109 -18.72 -3.50 -38.36
CA LEU D 109 -18.75 -4.81 -37.70
C LEU D 109 -17.92 -5.77 -38.52
N GLY D 110 -17.08 -6.55 -37.85
CA GLY D 110 -16.34 -7.64 -38.51
C GLY D 110 -15.14 -8.11 -37.74
N LEU D 111 -14.11 -8.51 -38.47
CA LEU D 111 -12.94 -9.26 -38.01
C LEU D 111 -11.69 -8.37 -38.05
N PHE D 112 -10.96 -8.39 -36.95
CA PHE D 112 -9.58 -7.87 -36.80
C PHE D 112 -8.71 -9.08 -36.53
N GLY D 113 -8.01 -9.57 -37.56
CA GLY D 113 -7.21 -10.80 -37.40
C GLY D 113 -5.95 -10.51 -36.58
N TYR D 114 -5.39 -11.54 -35.93
CA TYR D 114 -4.16 -11.40 -35.13
C TYR D 114 -3.05 -10.72 -35.93
N ASP D 115 -2.92 -11.05 -37.22
CA ASP D 115 -1.77 -10.54 -38.02
C ASP D 115 -1.98 -9.08 -38.42
N LEU D 116 -3.15 -8.49 -38.13
CA LEU D 116 -3.28 -7.02 -38.17
C LEU D 116 -2.30 -6.35 -37.20
N GLY D 117 -1.89 -7.02 -36.12
CA GLY D 117 -0.95 -6.45 -35.15
C GLY D 117 0.40 -6.08 -35.77
N ARG D 118 0.72 -6.66 -36.92
CA ARG D 118 1.98 -6.34 -37.68
C ARG D 118 1.92 -4.89 -38.17
N ARG D 119 0.75 -4.27 -38.20
CA ARG D 119 0.62 -2.85 -38.63
C ARG D 119 0.95 -1.93 -37.45
N PHE D 120 1.00 -2.45 -36.21
CA PHE D 120 1.08 -1.57 -35.01
C PHE D 120 2.44 -1.70 -34.32
N GLU D 121 3.16 -2.80 -34.54
CA GLU D 121 4.52 -3.04 -34.02
C GLU D 121 5.33 -3.69 -35.13
N SER D 122 6.65 -3.53 -35.08
CA SER D 122 7.59 -4.14 -36.05
C SER D 122 7.95 -5.53 -35.54
N LEU D 123 7.53 -6.56 -36.26
CA LEU D 123 7.62 -7.97 -35.84
C LEU D 123 8.32 -8.80 -36.90
N PRO D 124 9.02 -9.86 -36.46
CA PRO D 124 9.71 -10.75 -37.39
C PRO D 124 8.73 -11.55 -38.26
N GLU D 125 9.26 -12.21 -39.30
CA GLU D 125 8.46 -12.90 -40.33
C GLU D 125 8.96 -14.35 -40.49
N ILE D 126 9.00 -15.12 -39.40
CA ILE D 126 9.49 -16.51 -39.42
C ILE D 126 8.29 -17.45 -39.68
N ALA D 127 7.19 -17.31 -38.93
CA ALA D 127 6.04 -18.24 -39.03
C ALA D 127 5.47 -18.16 -40.45
N GLU D 128 4.96 -19.29 -40.94
CA GLU D 128 4.50 -19.39 -42.36
C GLU D 128 3.08 -18.82 -42.52
N GLN D 129 2.86 -18.10 -43.62
CA GLN D 129 1.53 -17.54 -43.99
C GLN D 129 0.78 -18.53 -44.87
N ASP D 130 0.05 -19.49 -44.30
CA ASP D 130 -0.57 -20.58 -45.12
C ASP D 130 -2.08 -20.44 -45.17
N ILE D 131 -2.66 -19.37 -44.64
CA ILE D 131 -4.12 -19.10 -44.76
C ILE D 131 -4.28 -17.71 -45.38
N VAL D 132 -5.01 -17.62 -46.49
CA VAL D 132 -5.30 -16.33 -47.21
C VAL D 132 -6.70 -15.86 -46.83
N LEU D 133 -6.75 -15.08 -45.76
CA LEU D 133 -8.02 -14.53 -45.24
C LEU D 133 -7.64 -13.19 -44.63
N PRO D 134 -8.43 -12.11 -44.87
CA PRO D 134 -7.94 -10.77 -44.56
C PRO D 134 -7.52 -10.57 -43.11
N ASP D 135 -6.52 -9.72 -42.88
CA ASP D 135 -6.18 -9.18 -41.54
C ASP D 135 -7.28 -8.29 -40.98
N MET D 136 -8.04 -7.61 -41.83
CA MET D 136 -9.24 -6.84 -41.39
C MET D 136 -10.31 -7.08 -42.43
N ALA D 137 -11.50 -7.49 -42.02
CA ALA D 137 -12.66 -7.71 -42.92
C ALA D 137 -13.86 -7.13 -42.21
N VAL D 138 -14.17 -5.89 -42.54
CA VAL D 138 -15.16 -5.09 -41.79
C VAL D 138 -16.17 -4.53 -42.79
N GLY D 139 -17.46 -4.72 -42.48
CA GLY D 139 -18.56 -4.05 -43.19
C GLY D 139 -19.02 -2.80 -42.44
N ILE D 140 -19.54 -1.85 -43.20
CA ILE D 140 -20.27 -0.66 -42.67
C ILE D 140 -21.75 -0.90 -42.96
N TYR D 141 -22.58 -0.89 -41.92
CA TYR D 141 -24.02 -1.22 -41.99
C TYR D 141 -24.84 -0.05 -41.50
N ASP D 142 -25.88 0.29 -42.24
CA ASP D 142 -26.79 1.40 -41.87
C ASP D 142 -28.06 0.88 -41.20
N TRP D 143 -28.04 -0.38 -40.75
CA TRP D 143 -29.19 -1.02 -40.07
C TRP D 143 -28.64 -2.15 -39.22
N ALA D 144 -29.49 -2.70 -38.37
CA ALA D 144 -29.16 -3.91 -37.59
C ALA D 144 -30.45 -4.53 -37.05
N LEU D 145 -30.36 -5.82 -36.76
CA LEU D 145 -31.39 -6.52 -35.97
C LEU D 145 -30.78 -6.84 -34.62
N ILE D 146 -31.39 -6.32 -33.54
CA ILE D 146 -30.90 -6.44 -32.16
C ILE D 146 -31.86 -7.31 -31.34
N VAL D 147 -31.35 -8.38 -30.78
CA VAL D 147 -32.13 -9.24 -29.84
C VAL D 147 -31.62 -8.91 -28.44
N ASP D 148 -32.54 -8.50 -27.55
CA ASP D 148 -32.22 -8.07 -26.17
C ASP D 148 -32.86 -9.08 -25.21
N HIS D 149 -32.05 -9.97 -24.64
CA HIS D 149 -32.52 -11.05 -23.74
C HIS D 149 -32.91 -10.48 -22.37
N GLN D 150 -32.50 -9.26 -22.04
CA GLN D 150 -32.83 -8.65 -20.71
C GLN D 150 -34.25 -8.08 -20.79
N ARG D 151 -34.55 -7.31 -21.84
CA ARG D 151 -35.87 -6.67 -22.06
C ARG D 151 -36.84 -7.58 -22.82
N HIS D 152 -36.40 -8.73 -23.35
CA HIS D 152 -37.20 -9.59 -24.26
C HIS D 152 -37.76 -8.75 -25.39
N THR D 153 -36.86 -8.11 -26.15
CA THR D 153 -37.27 -7.24 -27.27
C THR D 153 -36.42 -7.62 -28.48
N VAL D 154 -37.04 -7.70 -29.64
CA VAL D 154 -36.36 -7.82 -30.96
C VAL D 154 -36.61 -6.53 -31.69
N SER D 155 -35.53 -5.78 -31.98
CA SER D 155 -35.65 -4.44 -32.61
C SER D 155 -34.97 -4.49 -33.98
N LEU D 156 -35.65 -4.06 -35.04
CA LEU D 156 -35.03 -3.85 -36.36
C LEU D 156 -34.85 -2.35 -36.52
N LEU D 157 -33.61 -1.87 -36.58
CA LEU D 157 -33.33 -0.44 -36.70
C LEU D 157 -32.72 -0.13 -38.07
N SER D 158 -33.03 1.03 -38.61
CA SER D 158 -32.38 1.50 -39.86
C SER D 158 -32.29 3.01 -39.88
N HIS D 159 -31.19 3.50 -40.42
CA HIS D 159 -31.01 4.92 -40.76
C HIS D 159 -31.61 5.25 -42.13
N ASN D 160 -32.02 4.26 -42.93
CA ASN D 160 -32.47 4.46 -44.33
C ASN D 160 -33.55 3.42 -44.71
N ASP D 161 -34.77 3.68 -44.26
CA ASP D 161 -36.06 3.04 -44.63
C ASP D 161 -36.18 1.68 -43.95
N VAL D 162 -36.62 1.69 -42.71
CA VAL D 162 -36.69 0.46 -41.88
C VAL D 162 -37.80 -0.45 -42.41
N ASN D 163 -38.86 0.10 -42.99
CA ASN D 163 -39.93 -0.76 -43.57
C ASN D 163 -39.40 -1.51 -44.79
N ALA D 164 -38.63 -0.87 -45.66
CA ALA D 164 -37.97 -1.51 -46.83
C ALA D 164 -36.99 -2.58 -46.35
N ARG D 165 -36.22 -2.33 -45.29
CA ARG D 165 -35.32 -3.36 -44.72
C ARG D 165 -36.12 -4.54 -44.19
N ARG D 166 -37.23 -4.31 -43.50
CA ARG D 166 -38.11 -5.38 -42.97
C ARG D 166 -38.65 -6.23 -44.16
N ALA D 167 -39.06 -5.61 -45.26
CA ALA D 167 -39.64 -6.35 -46.43
C ALA D 167 -38.49 -7.15 -47.09
N TRP D 168 -37.30 -6.55 -47.16
CA TRP D 168 -36.09 -7.25 -47.68
C TRP D 168 -35.86 -8.50 -46.83
N LEU D 169 -35.94 -8.37 -45.51
CA LEU D 169 -35.67 -9.50 -44.62
C LEU D 169 -36.72 -10.61 -44.85
N GLU D 170 -37.99 -10.22 -44.96
CA GLU D 170 -39.12 -11.20 -45.14
C GLU D 170 -38.96 -11.90 -46.50
N SER D 171 -38.35 -11.27 -47.51
CA SER D 171 -38.19 -11.83 -48.88
C SER D 171 -37.03 -12.84 -48.93
N GLN D 172 -36.09 -12.83 -47.97
CA GLN D 172 -34.95 -13.79 -47.96
C GLN D 172 -35.51 -15.15 -47.48
N GLN D 173 -35.12 -16.27 -48.10
CA GLN D 173 -35.62 -17.61 -47.68
C GLN D 173 -34.45 -18.48 -47.23
N PHE D 174 -34.69 -19.23 -46.17
CA PHE D 174 -33.79 -20.28 -45.64
C PHE D 174 -34.13 -21.56 -46.40
N SER D 175 -33.43 -21.79 -47.50
CA SER D 175 -33.40 -23.09 -48.24
C SER D 175 -32.23 -23.90 -47.69
N PRO D 176 -32.48 -24.84 -46.76
CA PRO D 176 -31.40 -25.44 -45.96
C PRO D 176 -30.45 -26.27 -46.84
N GLN D 177 -29.20 -26.41 -46.40
CA GLN D 177 -28.16 -27.15 -47.17
C GLN D 177 -27.90 -28.47 -46.44
N GLU D 178 -27.14 -29.34 -47.08
CA GLU D 178 -26.62 -30.59 -46.49
C GLU D 178 -25.91 -30.23 -45.17
N ASP D 179 -26.16 -31.07 -44.17
CA ASP D 179 -25.45 -31.00 -42.87
C ASP D 179 -23.93 -31.01 -43.06
N PHE D 180 -23.28 -30.46 -42.05
CA PHE D 180 -21.81 -30.40 -41.94
C PHE D 180 -21.28 -31.80 -41.68
N THR D 181 -20.27 -32.24 -42.37
CA THR D 181 -19.53 -33.49 -41.99
C THR D 181 -18.06 -33.27 -42.09
N LEU D 182 -17.29 -33.70 -41.08
CA LEU D 182 -15.83 -33.78 -41.21
C LEU D 182 -15.53 -34.93 -42.16
N THR D 183 -14.56 -34.79 -43.05
CA THR D 183 -14.24 -35.80 -44.08
C THR D 183 -12.83 -36.29 -43.85
N SER D 184 -12.20 -35.93 -42.74
CA SER D 184 -10.91 -36.48 -42.28
C SER D 184 -10.90 -36.44 -40.75
N ASP D 185 -9.93 -37.11 -40.15
CA ASP D 185 -9.66 -36.92 -38.70
C ASP D 185 -9.00 -35.55 -38.54
N TRP D 186 -9.06 -35.02 -37.31
CA TRP D 186 -8.24 -33.85 -36.93
C TRP D 186 -6.78 -34.24 -36.84
N GLN D 187 -5.88 -33.39 -37.31
CA GLN D 187 -4.42 -33.54 -37.15
C GLN D 187 -3.85 -32.22 -36.64
N SER D 188 -2.85 -32.27 -35.77
CA SER D 188 -2.14 -31.09 -35.26
C SER D 188 -1.03 -30.70 -36.23
N ASN D 189 -0.61 -29.44 -36.14
CA ASN D 189 0.56 -28.88 -36.83
C ASN D 189 1.85 -29.22 -36.08
N MET D 190 1.75 -29.85 -34.89
CA MET D 190 2.98 -30.24 -34.15
C MET D 190 2.73 -31.54 -33.37
N THR D 191 3.78 -32.35 -33.25
CA THR D 191 3.76 -33.55 -32.37
C THR D 191 3.93 -33.14 -30.91
N ARG D 192 3.66 -34.07 -30.01
CA ARG D 192 3.93 -33.86 -28.57
C ARG D 192 5.41 -33.48 -28.40
N GLU D 193 6.32 -34.09 -29.14
CA GLU D 193 7.78 -33.86 -28.98
C GLU D 193 8.11 -32.42 -29.40
N GLN D 194 7.57 -31.97 -30.53
CA GLN D 194 7.76 -30.59 -31.05
C GLN D 194 7.21 -29.59 -30.04
N TYR D 195 5.99 -29.80 -29.56
CA TYR D 195 5.40 -28.94 -28.50
C TYR D 195 6.40 -28.83 -27.35
N GLY D 196 6.94 -29.98 -26.89
CA GLY D 196 7.91 -30.02 -25.79
C GLY D 196 9.12 -29.14 -26.02
N GLU D 197 9.74 -29.26 -27.19
CA GLU D 197 10.89 -28.44 -27.60
C GLU D 197 10.55 -26.93 -27.47
N LYS D 198 9.36 -26.56 -27.95
CA LYS D 198 8.93 -25.14 -27.96
C LYS D 198 8.67 -24.67 -26.53
N PHE D 199 8.02 -25.48 -25.72
CA PHE D 199 7.76 -25.21 -24.28
C PHE D 199 9.10 -24.96 -23.58
N ARG D 200 10.10 -25.80 -23.86
CA ARG D 200 11.43 -25.68 -23.18
C ARG D 200 12.14 -24.39 -23.64
N GLN D 201 11.95 -23.98 -24.90
CA GLN D 201 12.54 -22.71 -25.37
C GLN D 201 11.86 -21.52 -24.64
N VAL D 202 10.54 -21.55 -24.44
CA VAL D 202 9.84 -20.51 -23.65
C VAL D 202 10.48 -20.45 -22.25
N GLN D 203 10.67 -21.61 -21.60
CA GLN D 203 11.20 -21.64 -20.19
C GLN D 203 12.62 -21.05 -20.18
N GLU D 204 13.43 -21.26 -21.21
CA GLU D 204 14.79 -20.64 -21.34
C GLU D 204 14.62 -19.10 -21.34
N TYR D 205 13.66 -18.59 -22.12
CA TYR D 205 13.38 -17.12 -22.18
C TYR D 205 12.83 -16.58 -20.85
N LEU D 206 12.06 -17.34 -20.11
CA LEU D 206 11.54 -16.90 -18.79
C LEU D 206 12.74 -16.75 -17.84
N HIS D 207 13.68 -17.71 -17.85
CA HIS D 207 14.80 -17.76 -16.89
C HIS D 207 15.88 -16.73 -17.28
N SER D 208 16.00 -16.35 -18.55
CA SER D 208 16.98 -15.35 -19.03
C SER D 208 16.44 -13.91 -18.81
N GLY D 209 15.16 -13.75 -18.47
CA GLY D 209 14.54 -12.41 -18.29
C GLY D 209 14.10 -11.79 -19.61
N ASP D 210 14.07 -12.55 -20.71
CA ASP D 210 13.47 -12.09 -21.99
C ASP D 210 11.98 -11.79 -21.83
N CYS D 211 11.25 -12.62 -21.08
CA CYS D 211 9.77 -12.53 -20.96
C CYS D 211 9.33 -13.16 -19.65
N TYR D 212 8.07 -12.87 -19.27
CA TYR D 212 7.44 -13.35 -18.02
C TYR D 212 6.30 -14.31 -18.35
N GLN D 213 5.84 -14.34 -19.61
CA GLN D 213 4.72 -15.20 -20.02
C GLN D 213 4.68 -15.21 -21.54
N VAL D 214 4.51 -16.38 -22.15
CA VAL D 214 4.23 -16.47 -23.61
C VAL D 214 3.11 -17.47 -23.81
N ASN D 215 2.12 -17.09 -24.62
CA ASN D 215 1.01 -17.99 -24.98
C ASN D 215 1.43 -18.80 -26.21
N LEU D 216 1.61 -20.12 -26.06
CA LEU D 216 2.13 -21.02 -27.11
C LEU D 216 0.97 -21.90 -27.59
N ALA D 217 0.73 -21.93 -28.90
CA ALA D 217 -0.48 -22.58 -29.44
C ALA D 217 -0.11 -23.63 -30.47
N GLN D 218 -0.95 -24.66 -30.55
CA GLN D 218 -0.96 -25.60 -31.69
C GLN D 218 -2.26 -25.37 -32.49
N ARG D 219 -2.30 -25.95 -33.68
CA ARG D 219 -3.46 -25.83 -34.61
C ARG D 219 -3.89 -27.20 -35.12
N PHE D 220 -5.16 -27.51 -34.95
CA PHE D 220 -5.81 -28.73 -35.48
C PHE D 220 -6.43 -28.39 -36.84
N HIS D 221 -6.32 -29.31 -37.81
CA HIS D 221 -6.87 -29.14 -39.17
C HIS D 221 -7.55 -30.43 -39.61
N ALA D 222 -8.67 -30.29 -40.33
CA ALA D 222 -9.42 -31.40 -40.95
C ALA D 222 -10.04 -30.89 -42.26
N THR D 223 -10.38 -31.81 -43.17
CA THR D 223 -11.29 -31.46 -44.30
C THR D 223 -12.74 -31.60 -43.84
N TYR D 224 -13.66 -30.88 -44.52
CA TYR D 224 -15.09 -30.94 -44.25
C TYR D 224 -15.89 -30.71 -45.55
N SER D 225 -17.13 -31.11 -45.51
CA SER D 225 -18.17 -30.79 -46.51
C SER D 225 -19.44 -30.33 -45.80
N GLY D 226 -20.40 -29.75 -46.55
CA GLY D 226 -21.69 -29.34 -45.97
C GLY D 226 -21.65 -27.92 -45.39
N ASP D 227 -22.74 -27.54 -44.76
CA ASP D 227 -23.02 -26.12 -44.44
C ASP D 227 -22.37 -25.77 -43.09
N GLU D 228 -21.52 -24.76 -43.10
CA GLU D 228 -20.84 -24.20 -41.89
C GLU D 228 -21.89 -23.64 -40.92
N TRP D 229 -23.00 -23.13 -41.39
CA TRP D 229 -24.07 -22.57 -40.52
C TRP D 229 -24.65 -23.69 -39.65
N GLN D 230 -24.87 -24.87 -40.22
CA GLN D 230 -25.37 -26.04 -39.45
C GLN D 230 -24.36 -26.42 -38.37
N ALA D 231 -23.07 -26.39 -38.65
CA ALA D 231 -21.99 -26.66 -37.66
C ALA D 231 -22.14 -25.64 -36.51
N PHE D 232 -22.27 -24.36 -36.86
CA PHE D 232 -22.38 -23.30 -35.84
C PHE D 232 -23.62 -23.52 -34.96
N LEU D 233 -24.78 -23.86 -35.54
CA LEU D 233 -26.02 -24.06 -34.75
C LEU D 233 -25.75 -25.12 -33.68
N GLN D 234 -25.05 -26.20 -34.03
CA GLN D 234 -24.74 -27.29 -33.08
C GLN D 234 -23.75 -26.77 -32.03
N LEU D 235 -22.69 -26.10 -32.46
CA LEU D 235 -21.61 -25.65 -31.55
C LEU D 235 -22.13 -24.59 -30.57
N ASN D 236 -22.98 -23.67 -31.03
CA ASN D 236 -23.41 -22.48 -30.24
C ASN D 236 -24.19 -22.96 -29.01
N GLN D 237 -25.22 -23.77 -29.23
CA GLN D 237 -26.01 -24.50 -28.18
C GLN D 237 -25.06 -25.11 -27.15
N ALA D 238 -24.07 -25.87 -27.59
CA ALA D 238 -23.21 -26.70 -26.74
C ALA D 238 -22.19 -25.82 -25.98
N ASN D 239 -21.79 -24.68 -26.55
CA ASN D 239 -20.66 -23.90 -25.96
C ASN D 239 -21.19 -22.82 -25.01
N ARG D 240 -22.39 -22.29 -25.18
CA ARG D 240 -22.98 -21.29 -24.26
C ARG D 240 -21.96 -20.18 -23.95
N ALA D 241 -21.26 -19.68 -24.98
CA ALA D 241 -20.13 -18.73 -24.82
C ALA D 241 -20.61 -17.32 -25.15
N PRO D 242 -20.46 -16.33 -24.22
CA PRO D 242 -21.10 -15.04 -24.39
C PRO D 242 -20.54 -14.09 -25.47
N PHE D 243 -19.43 -14.44 -26.09
CA PHE D 243 -18.85 -13.60 -27.18
C PHE D 243 -18.71 -14.44 -28.44
N SER D 244 -19.75 -15.21 -28.72
CA SER D 244 -19.77 -16.07 -29.94
C SER D 244 -20.05 -15.21 -31.20
N ALA D 245 -19.78 -15.76 -32.37
CA ALA D 245 -20.03 -15.00 -33.62
C ALA D 245 -19.95 -15.96 -34.82
N PHE D 246 -20.68 -15.62 -35.86
CA PHE D 246 -20.56 -16.29 -37.17
C PHE D 246 -20.38 -15.19 -38.22
N LEU D 247 -19.29 -15.25 -39.00
CA LEU D 247 -19.02 -14.29 -40.09
C LEU D 247 -18.97 -15.08 -41.40
N ARG D 248 -19.81 -14.68 -42.34
CA ARG D 248 -19.67 -15.16 -43.75
C ARG D 248 -18.83 -14.13 -44.49
N LEU D 249 -17.59 -14.47 -44.79
CA LEU D 249 -16.66 -13.53 -45.49
C LEU D 249 -16.63 -13.92 -46.98
N GLU D 250 -15.94 -13.13 -47.79
CA GLU D 250 -15.80 -13.49 -49.23
C GLU D 250 -15.01 -14.81 -49.36
N GLN D 251 -14.03 -15.00 -48.46
CA GLN D 251 -12.93 -16.01 -48.54
C GLN D 251 -13.29 -17.28 -47.78
N GLY D 252 -14.31 -17.26 -46.91
CA GLY D 252 -14.65 -18.43 -46.07
C GLY D 252 -15.48 -17.97 -44.88
N ALA D 253 -15.60 -18.78 -43.85
CA ALA D 253 -16.50 -18.50 -42.71
C ALA D 253 -15.71 -18.57 -41.41
N ILE D 254 -16.05 -17.71 -40.47
CA ILE D 254 -15.45 -17.72 -39.11
C ILE D 254 -16.53 -18.14 -38.12
N LEU D 255 -16.28 -19.24 -37.40
CA LEU D 255 -17.23 -19.79 -36.41
C LEU D 255 -16.58 -19.56 -35.02
N SER D 256 -17.02 -18.55 -34.32
CA SER D 256 -16.39 -18.20 -33.02
C SER D 256 -17.28 -18.64 -31.85
N LEU D 257 -16.71 -19.41 -30.92
CA LEU D 257 -17.43 -19.83 -29.69
C LEU D 257 -16.67 -19.21 -28.50
N SER D 258 -16.19 -17.97 -28.66
CA SER D 258 -15.34 -17.31 -27.62
C SER D 258 -16.14 -16.93 -26.39
N PRO D 259 -15.63 -17.27 -25.16
CA PRO D 259 -16.23 -16.76 -23.93
C PRO D 259 -15.60 -15.44 -23.48
N GLU D 260 -14.71 -14.85 -24.29
CA GLU D 260 -13.80 -13.76 -23.81
C GLU D 260 -14.17 -12.41 -24.46
N ARG D 261 -14.49 -11.42 -23.62
CA ARG D 261 -14.55 -10.00 -24.02
C ARG D 261 -13.12 -9.46 -24.05
N PHE D 262 -12.74 -8.80 -25.14
CA PHE D 262 -11.48 -8.01 -25.20
C PHE D 262 -11.78 -6.64 -24.62
N ILE D 263 -12.32 -5.73 -25.43
CA ILE D 263 -12.60 -4.33 -25.00
C ILE D 263 -14.02 -3.88 -25.34
N LEU D 264 -14.75 -3.48 -24.29
CA LEU D 264 -16.01 -2.77 -24.35
C LEU D 264 -15.75 -1.28 -24.16
N CYS D 265 -16.35 -0.44 -24.97
CA CYS D 265 -16.45 1.02 -24.75
C CYS D 265 -17.93 1.39 -24.81
N ASP D 266 -18.54 1.72 -23.68
CA ASP D 266 -19.99 1.89 -23.48
C ASP D 266 -20.20 3.29 -22.90
N ASN D 267 -20.57 4.24 -23.74
CA ASN D 267 -20.78 5.64 -23.27
C ASN D 267 -19.44 6.12 -22.64
N SER D 268 -18.34 5.81 -23.30
CA SER D 268 -16.95 6.21 -22.89
C SER D 268 -16.41 5.43 -21.68
N GLU D 269 -17.18 4.53 -21.09
CA GLU D 269 -16.71 3.65 -20.00
C GLU D 269 -16.07 2.43 -20.67
N ILE D 270 -14.77 2.25 -20.40
CA ILE D 270 -13.97 1.14 -20.93
C ILE D 270 -14.03 -0.02 -19.94
N GLN D 271 -14.17 -1.23 -20.46
CA GLN D 271 -14.07 -2.50 -19.70
C GLN D 271 -13.25 -3.49 -20.51
N THR D 272 -12.30 -4.16 -19.88
CA THR D 272 -11.62 -5.33 -20.45
C THR D 272 -11.63 -6.45 -19.43
N ARG D 273 -11.81 -7.69 -19.89
CA ARG D 273 -12.02 -8.85 -18.99
C ARG D 273 -11.11 -10.00 -19.42
N PRO D 274 -9.80 -9.85 -19.18
CA PRO D 274 -8.86 -10.88 -19.56
C PRO D 274 -9.14 -12.21 -18.84
N ILE D 275 -9.13 -13.28 -19.62
CA ILE D 275 -9.21 -14.68 -19.13
C ILE D 275 -7.79 -15.25 -19.08
N LYS D 276 -7.36 -15.70 -17.90
CA LYS D 276 -6.04 -16.32 -17.71
C LYS D 276 -6.18 -17.24 -16.50
N GLY D 277 -6.00 -18.54 -16.72
CA GLY D 277 -6.18 -19.55 -15.68
C GLY D 277 -7.29 -20.51 -16.08
N THR D 278 -6.99 -21.81 -16.03
CA THR D 278 -7.89 -22.84 -16.57
C THR D 278 -7.72 -24.16 -15.78
N LEU D 279 -8.83 -24.84 -15.56
CA LEU D 279 -8.89 -26.26 -15.17
C LEU D 279 -10.05 -26.90 -15.93
N PRO D 280 -9.95 -28.21 -16.25
CA PRO D 280 -11.07 -28.91 -16.87
C PRO D 280 -12.30 -29.07 -15.96
N ARG D 281 -13.51 -29.02 -16.53
CA ARG D 281 -14.75 -29.44 -15.80
C ARG D 281 -14.61 -30.95 -15.51
N LEU D 282 -15.06 -31.35 -14.33
CA LEU D 282 -15.10 -32.78 -13.91
C LEU D 282 -16.57 -33.22 -13.87
N PRO D 283 -16.87 -34.45 -14.31
CA PRO D 283 -18.26 -34.93 -14.34
C PRO D 283 -18.99 -35.09 -12.99
N ASP D 284 -18.29 -35.40 -11.90
CA ASP D 284 -18.96 -35.46 -10.57
C ASP D 284 -19.17 -34.06 -10.03
N PRO D 285 -20.42 -33.61 -9.78
CA PRO D 285 -20.71 -32.24 -9.32
C PRO D 285 -20.01 -31.80 -8.03
N GLN D 286 -19.85 -32.71 -7.07
CA GLN D 286 -19.12 -32.45 -5.80
C GLN D 286 -17.65 -32.14 -6.14
N GLU D 287 -17.01 -32.99 -6.95
CA GLU D 287 -15.59 -32.85 -7.35
C GLU D 287 -15.43 -31.55 -8.18
N ASP D 288 -16.42 -31.24 -9.02
CA ASP D 288 -16.33 -30.08 -9.94
C ASP D 288 -16.41 -28.79 -9.12
N SER D 289 -17.21 -28.76 -8.06
CA SER D 289 -17.30 -27.62 -7.10
C SER D 289 -15.91 -27.38 -6.46
N LYS D 290 -15.22 -28.46 -6.10
CA LYS D 290 -13.89 -28.39 -5.47
C LYS D 290 -12.86 -27.92 -6.52
N GLN D 291 -13.06 -28.32 -7.78
CA GLN D 291 -12.19 -27.92 -8.92
C GLN D 291 -12.19 -26.39 -9.05
N ALA D 292 -13.36 -25.76 -8.97
CA ALA D 292 -13.52 -24.29 -9.03
C ALA D 292 -12.69 -23.63 -7.91
N VAL D 293 -12.78 -24.15 -6.69
CA VAL D 293 -12.00 -23.60 -5.54
C VAL D 293 -10.52 -23.81 -5.80
N LYS D 294 -10.11 -24.95 -6.36
CA LYS D 294 -8.69 -25.22 -6.64
C LYS D 294 -8.16 -24.14 -7.60
N LEU D 295 -8.94 -23.79 -8.61
CA LEU D 295 -8.45 -22.81 -9.62
C LEU D 295 -8.34 -21.43 -8.93
N ALA D 296 -9.33 -21.05 -8.14
CA ALA D 296 -9.39 -19.75 -7.43
C ALA D 296 -8.19 -19.58 -6.52
N ASN D 297 -7.68 -20.68 -5.96
CA ASN D 297 -6.58 -20.69 -4.95
C ASN D 297 -5.26 -21.08 -5.60
N SER D 298 -5.21 -21.38 -6.90
CA SER D 298 -3.96 -21.80 -7.59
C SER D 298 -2.98 -20.63 -7.64
N ALA D 299 -1.80 -20.78 -7.05
CA ALA D 299 -0.79 -19.69 -7.08
C ALA D 299 -0.28 -19.47 -8.50
N LYS D 300 0.00 -20.56 -9.23
CA LYS D 300 0.49 -20.47 -10.64
C LYS D 300 -0.54 -19.70 -11.48
N ASP D 301 -1.83 -20.06 -11.39
CA ASP D 301 -2.88 -19.40 -12.21
C ASP D 301 -3.05 -17.94 -11.77
N ARG D 302 -2.90 -17.63 -10.48
CA ARG D 302 -3.08 -16.24 -10.01
C ARG D 302 -1.92 -15.37 -10.56
N ALA D 303 -0.70 -15.90 -10.66
CA ALA D 303 0.46 -15.19 -11.23
C ALA D 303 0.21 -14.94 -12.73
N GLU D 304 -0.18 -15.98 -13.45
CA GLU D 304 -0.51 -15.94 -14.90
C GLU D 304 -1.54 -14.81 -15.14
N ASN D 305 -2.57 -14.75 -14.31
CA ASN D 305 -3.66 -13.76 -14.43
C ASN D 305 -3.16 -12.37 -14.02
N LEU D 306 -2.53 -12.24 -12.85
CA LEU D 306 -2.16 -10.90 -12.33
C LEU D 306 -1.29 -10.17 -13.36
N MET D 307 -0.39 -10.88 -14.01
CA MET D 307 0.58 -10.24 -14.92
C MET D 307 -0.17 -9.58 -16.08
N ILE D 308 -1.21 -10.27 -16.56
CA ILE D 308 -2.06 -9.76 -17.67
C ILE D 308 -2.95 -8.64 -17.15
N VAL D 309 -3.40 -8.68 -15.89
CA VAL D 309 -4.13 -7.53 -15.31
C VAL D 309 -3.21 -6.28 -15.37
N ASP D 310 -1.97 -6.37 -14.90
CA ASP D 310 -1.06 -5.20 -14.95
C ASP D 310 -0.80 -4.79 -16.42
N LEU D 311 -0.65 -5.75 -17.33
CA LEU D 311 -0.45 -5.45 -18.78
C LEU D 311 -1.70 -4.77 -19.34
N MET D 312 -2.90 -5.20 -19.02
CA MET D 312 -4.10 -4.53 -19.56
C MET D 312 -4.29 -3.14 -18.95
N ARG D 313 -3.92 -2.94 -17.68
CA ARG D 313 -3.94 -1.58 -17.09
C ARG D 313 -3.06 -0.65 -17.97
N ASN D 314 -1.94 -1.16 -18.43
CA ASN D 314 -0.92 -0.47 -19.26
C ASN D 314 -1.53 -0.16 -20.63
N ASP D 315 -2.10 -1.18 -21.25
CA ASP D 315 -2.62 -1.05 -22.65
C ASP D 315 -3.77 -0.07 -22.66
N ILE D 316 -4.72 -0.16 -21.73
CA ILE D 316 -5.82 0.83 -21.62
C ILE D 316 -5.24 2.18 -21.15
N GLY D 317 -4.26 2.14 -20.26
CA GLY D 317 -3.58 3.33 -19.71
C GLY D 317 -2.90 4.18 -20.77
N ARG D 318 -2.56 3.62 -21.93
CA ARG D 318 -1.96 4.41 -23.05
C ARG D 318 -2.96 5.53 -23.44
N VAL D 319 -4.27 5.32 -23.32
CA VAL D 319 -5.27 6.33 -23.81
C VAL D 319 -6.22 6.79 -22.71
N ALA D 320 -6.38 6.07 -21.61
CA ALA D 320 -7.39 6.38 -20.59
C ALA D 320 -7.16 7.76 -19.98
N VAL D 321 -8.25 8.40 -19.60
CA VAL D 321 -8.24 9.63 -18.77
C VAL D 321 -7.39 9.36 -17.52
N ALA D 322 -6.46 10.26 -17.17
CA ALA D 322 -5.57 10.07 -16.02
C ALA D 322 -6.37 9.85 -14.76
N GLY D 323 -6.06 8.80 -14.03
CA GLY D 323 -6.72 8.49 -12.76
C GLY D 323 -7.95 7.61 -12.92
N SER D 324 -8.38 7.30 -14.14
CA SER D 324 -9.63 6.52 -14.37
C SER D 324 -9.42 4.99 -14.35
N VAL D 325 -8.20 4.48 -14.39
CA VAL D 325 -7.96 3.02 -14.52
C VAL D 325 -8.15 2.33 -13.16
N LYS D 326 -9.05 1.38 -13.10
CA LYS D 326 -9.42 0.68 -11.84
C LYS D 326 -9.50 -0.81 -12.08
N VAL D 327 -9.40 -1.63 -11.01
CA VAL D 327 -9.55 -3.11 -11.11
C VAL D 327 -10.66 -3.49 -10.13
N PRO D 328 -11.93 -3.44 -10.55
CA PRO D 328 -13.04 -3.76 -9.65
C PRO D 328 -13.11 -5.24 -9.24
N GLU D 329 -12.49 -6.14 -10.01
CA GLU D 329 -12.63 -7.59 -9.80
C GLU D 329 -11.31 -8.26 -10.15
N LEU D 330 -10.77 -9.12 -9.28
CA LEU D 330 -9.56 -9.94 -9.53
C LEU D 330 -9.92 -11.41 -9.27
N PHE D 331 -9.66 -12.30 -10.22
CA PHE D 331 -9.62 -13.77 -10.01
C PHE D 331 -11.03 -14.28 -9.71
N VAL D 332 -12.03 -13.95 -10.52
CA VAL D 332 -13.37 -14.59 -10.38
C VAL D 332 -13.35 -15.87 -11.23
N VAL D 333 -13.96 -16.94 -10.74
CA VAL D 333 -14.07 -18.20 -11.53
C VAL D 333 -15.37 -18.17 -12.31
N GLU D 334 -15.28 -18.39 -13.61
CA GLU D 334 -16.44 -18.54 -14.52
C GLU D 334 -16.40 -19.95 -15.12
N PRO D 335 -17.48 -20.75 -14.92
CA PRO D 335 -17.53 -22.09 -15.51
C PRO D 335 -18.11 -22.07 -16.92
N PHE D 336 -17.51 -22.82 -17.82
CA PHE D 336 -18.02 -23.07 -19.20
C PHE D 336 -18.09 -24.57 -19.38
N PRO D 337 -18.76 -25.08 -20.44
CA PRO D 337 -18.93 -26.53 -20.57
C PRO D 337 -17.62 -27.31 -20.55
N ALA D 338 -16.52 -26.83 -21.14
CA ALA D 338 -15.27 -27.59 -21.20
C ALA D 338 -14.39 -27.32 -19.97
N VAL D 339 -14.40 -26.08 -19.47
CA VAL D 339 -13.35 -25.59 -18.52
C VAL D 339 -13.96 -24.59 -17.55
N HIS D 340 -13.34 -24.53 -16.37
CA HIS D 340 -13.37 -23.36 -15.47
C HIS D 340 -12.27 -22.38 -15.90
N HIS D 341 -12.59 -21.09 -15.85
CA HIS D 341 -11.61 -20.03 -16.12
C HIS D 341 -11.53 -19.04 -14.96
N LEU D 342 -10.36 -18.42 -14.82
CA LEU D 342 -10.13 -17.28 -13.91
C LEU D 342 -10.16 -16.00 -14.76
N VAL D 343 -11.00 -15.07 -14.38
CA VAL D 343 -11.28 -13.82 -15.16
C VAL D 343 -11.08 -12.64 -14.22
N SER D 344 -10.50 -11.55 -14.72
CA SER D 344 -10.40 -10.30 -13.93
C SER D 344 -10.97 -9.18 -14.77
N THR D 345 -11.34 -8.08 -14.13
CA THR D 345 -12.01 -6.94 -14.80
C THR D 345 -11.21 -5.65 -14.57
N ILE D 346 -10.90 -4.92 -15.65
CA ILE D 346 -10.21 -3.61 -15.61
C ILE D 346 -11.15 -2.60 -16.25
N THR D 347 -11.31 -1.43 -15.64
CA THR D 347 -12.16 -0.35 -16.14
C THR D 347 -11.36 0.92 -16.32
N ALA D 348 -11.83 1.82 -17.18
CA ALA D 348 -11.22 3.13 -17.40
C ALA D 348 -12.21 4.03 -18.14
N GLN D 349 -11.79 5.24 -18.43
CA GLN D 349 -12.62 6.21 -19.20
C GLN D 349 -11.89 6.62 -20.47
N LEU D 350 -12.64 6.77 -21.56
CA LEU D 350 -12.07 7.25 -22.84
C LEU D 350 -12.12 8.78 -22.88
N PRO D 351 -11.02 9.47 -23.22
CA PRO D 351 -11.10 10.92 -23.36
C PRO D 351 -11.97 11.34 -24.54
N GLU D 352 -12.55 12.54 -24.43
CA GLU D 352 -13.54 13.01 -25.45
C GLU D 352 -12.86 13.23 -26.80
N GLN D 353 -11.58 13.55 -26.86
CA GLN D 353 -10.87 13.82 -28.12
C GLN D 353 -10.47 12.53 -28.83
N LEU D 354 -10.63 11.36 -28.19
CA LEU D 354 -10.23 10.08 -28.76
C LEU D 354 -11.49 9.28 -29.17
N HIS D 355 -11.24 8.23 -29.95
CA HIS D 355 -12.29 7.33 -30.47
C HIS D 355 -12.05 5.92 -29.95
N ALA D 356 -13.09 5.11 -29.93
CA ALA D 356 -12.93 3.69 -29.59
C ALA D 356 -11.90 3.07 -30.53
N SER D 357 -11.84 3.44 -31.80
CA SER D 357 -10.86 2.93 -32.79
C SER D 357 -9.41 3.22 -32.29
N ASP D 358 -9.19 4.32 -31.59
CA ASP D 358 -7.84 4.67 -31.02
C ASP D 358 -7.50 3.75 -29.85
N LEU D 359 -8.50 3.35 -29.08
CA LEU D 359 -8.35 2.43 -27.93
C LEU D 359 -8.03 1.05 -28.47
N LEU D 360 -8.72 0.59 -29.53
CA LEU D 360 -8.40 -0.68 -30.18
C LEU D 360 -6.95 -0.67 -30.70
N ARG D 361 -6.54 0.40 -31.37
N ARG D 361 -6.55 0.37 -31.42
CA ARG D 361 -5.18 0.52 -31.95
CA ARG D 361 -5.18 0.54 -31.96
C ARG D 361 -4.14 0.45 -30.82
C ARG D 361 -4.17 0.39 -30.80
N ALA D 362 -4.39 1.07 -29.67
CA ALA D 362 -3.40 1.09 -28.55
C ALA D 362 -3.22 -0.30 -27.92
N ALA D 363 -4.21 -1.19 -28.00
CA ALA D 363 -4.26 -2.44 -27.21
C ALA D 363 -4.11 -3.69 -28.06
N PHE D 364 -4.22 -3.58 -29.38
CA PHE D 364 -4.36 -4.80 -30.24
C PHE D 364 -3.00 -5.38 -30.58
N PRO D 365 -2.81 -6.72 -30.57
CA PRO D 365 -3.76 -7.72 -30.12
C PRO D 365 -3.70 -7.97 -28.61
N GLY D 366 -4.67 -8.70 -28.09
CA GLY D 366 -4.87 -8.80 -26.62
C GLY D 366 -3.64 -9.35 -25.91
N GLY D 367 -3.24 -8.73 -24.80
CA GLY D 367 -2.15 -9.28 -23.98
C GLY D 367 -2.47 -10.66 -23.43
N SER D 368 -3.74 -11.00 -23.24
CA SER D 368 -4.13 -12.33 -22.69
C SER D 368 -3.75 -13.51 -23.61
N ILE D 369 -3.51 -13.28 -24.89
CA ILE D 369 -3.18 -14.39 -25.85
C ILE D 369 -1.80 -14.14 -26.48
N THR D 370 -0.99 -13.22 -25.91
CA THR D 370 0.40 -12.96 -26.35
C THR D 370 1.32 -13.27 -25.16
N GLY D 371 1.28 -12.41 -24.17
CA GLY D 371 2.13 -12.51 -22.96
C GLY D 371 2.79 -11.20 -22.66
N ALA D 372 3.83 -11.23 -21.83
CA ALA D 372 4.43 -10.00 -21.27
C ALA D 372 5.93 -10.18 -21.20
N PRO D 373 6.73 -9.15 -21.56
CA PRO D 373 6.26 -7.96 -22.27
C PRO D 373 5.71 -8.36 -23.65
N LYS D 374 4.73 -7.62 -24.16
CA LYS D 374 3.93 -8.08 -25.33
C LYS D 374 4.75 -8.14 -26.61
N VAL D 375 5.58 -7.15 -26.87
CA VAL D 375 6.36 -7.14 -28.16
C VAL D 375 7.29 -8.35 -28.15
N ARG D 376 8.05 -8.54 -27.06
CA ARG D 376 8.96 -9.71 -26.97
C ARG D 376 8.14 -11.02 -27.09
N ALA D 377 7.03 -11.16 -26.37
CA ALA D 377 6.18 -12.38 -26.45
C ALA D 377 5.76 -12.62 -27.92
N MET D 378 5.33 -11.58 -28.64
CA MET D 378 4.87 -11.76 -30.04
C MET D 378 6.03 -12.17 -30.94
N GLU D 379 7.24 -11.70 -30.64
CA GLU D 379 8.45 -12.14 -31.39
C GLU D 379 8.68 -13.64 -31.13
N ILE D 380 8.58 -14.08 -29.86
CA ILE D 380 8.77 -15.53 -29.51
C ILE D 380 7.66 -16.38 -30.15
N ILE D 381 6.41 -15.92 -30.16
CA ILE D 381 5.29 -16.67 -30.81
C ILE D 381 5.62 -16.92 -32.28
N ASP D 382 6.04 -15.86 -32.99
CA ASP D 382 6.40 -15.92 -34.42
C ASP D 382 7.60 -16.88 -34.62
N GLU D 383 8.52 -16.90 -33.68
CA GLU D 383 9.72 -17.79 -33.75
C GLU D 383 9.30 -19.26 -33.62
N LEU D 384 8.34 -19.61 -32.77
CA LEU D 384 8.08 -21.01 -32.34
C LEU D 384 6.85 -21.62 -33.04
N GLU D 385 5.82 -20.83 -33.33
CA GLU D 385 4.59 -21.36 -33.96
C GLU D 385 4.84 -21.51 -35.46
N PRO D 386 4.60 -22.70 -36.02
CA PRO D 386 4.95 -22.97 -37.42
C PRO D 386 4.18 -22.16 -38.46
N GLN D 387 2.92 -21.78 -38.15
CA GLN D 387 2.06 -20.98 -39.08
C GLN D 387 1.56 -19.73 -38.36
N ARG D 388 1.33 -18.66 -39.10
CA ARG D 388 0.64 -17.46 -38.57
C ARG D 388 -0.78 -17.81 -38.11
N ARG D 389 -1.24 -17.09 -37.08
CA ARG D 389 -2.56 -17.29 -36.42
C ARG D 389 -3.72 -16.79 -37.28
N ASN D 390 -3.49 -15.77 -38.12
CA ASN D 390 -4.57 -15.21 -38.98
C ASN D 390 -5.76 -14.85 -38.09
N ALA D 391 -6.96 -15.36 -38.34
CA ALA D 391 -8.19 -14.90 -37.64
C ALA D 391 -8.17 -15.27 -36.15
N TRP D 392 -7.39 -16.28 -35.80
CA TRP D 392 -7.42 -16.88 -34.44
C TRP D 392 -6.59 -16.04 -33.49
N CYS D 393 -7.18 -15.69 -32.32
CA CYS D 393 -6.59 -14.79 -31.31
C CYS D 393 -6.51 -13.34 -31.83
N GLY D 394 -7.27 -13.03 -32.89
CA GLY D 394 -7.67 -11.65 -33.16
C GLY D 394 -8.87 -11.23 -32.34
N SER D 395 -9.72 -10.39 -32.93
CA SER D 395 -10.96 -9.90 -32.31
C SER D 395 -12.07 -9.87 -33.34
N ILE D 396 -13.29 -10.13 -32.91
CA ILE D 396 -14.50 -9.78 -33.66
C ILE D 396 -15.23 -8.71 -32.86
N GLY D 397 -15.85 -7.77 -33.56
CA GLY D 397 -16.76 -6.89 -32.85
C GLY D 397 -17.30 -5.77 -33.69
N TYR D 398 -17.80 -4.76 -33.00
CA TYR D 398 -18.48 -3.60 -33.65
C TYR D 398 -17.89 -2.29 -33.15
N LEU D 399 -17.89 -1.31 -34.04
CA LEU D 399 -17.69 0.13 -33.71
C LEU D 399 -18.93 0.87 -34.22
N SER D 400 -19.80 1.18 -33.26
CA SER D 400 -21.12 1.82 -33.52
C SER D 400 -20.91 3.25 -34.03
N PHE D 401 -21.81 3.73 -34.87
CA PHE D 401 -21.88 5.15 -35.27
C PHE D 401 -22.05 6.07 -34.07
N CYS D 402 -22.57 5.59 -32.94
CA CYS D 402 -22.70 6.39 -31.70
C CYS D 402 -21.37 6.53 -30.94
N GLY D 403 -20.34 5.76 -31.30
CA GLY D 403 -19.03 5.75 -30.62
C GLY D 403 -18.79 4.52 -29.78
N ASN D 404 -19.84 3.74 -29.44
CA ASN D 404 -19.65 2.52 -28.66
C ASN D 404 -18.81 1.49 -29.43
N MET D 405 -18.26 0.54 -28.69
CA MET D 405 -17.51 -0.60 -29.27
C MET D 405 -17.70 -1.78 -28.34
N ASP D 406 -17.70 -2.97 -28.92
CA ASP D 406 -17.48 -4.22 -28.15
C ASP D 406 -16.68 -5.16 -29.02
N THR D 407 -15.80 -5.92 -28.42
CA THR D 407 -14.86 -6.81 -29.11
C THR D 407 -14.66 -8.06 -28.26
N SER D 408 -14.45 -9.16 -28.94
CA SER D 408 -14.01 -10.45 -28.36
C SER D 408 -12.51 -10.62 -28.52
N ILE D 409 -11.96 -11.67 -27.90
CA ILE D 409 -10.74 -12.36 -28.34
C ILE D 409 -11.23 -13.62 -29.04
N THR D 410 -10.75 -13.90 -30.25
CA THR D 410 -11.21 -15.08 -31.03
C THR D 410 -10.41 -16.32 -30.61
N ILE D 411 -10.44 -16.63 -29.33
CA ILE D 411 -10.14 -18.02 -28.90
C ILE D 411 -11.35 -18.89 -29.21
N ARG D 412 -11.15 -20.22 -29.16
CA ARG D 412 -12.26 -21.18 -29.35
C ARG D 412 -13.01 -20.82 -30.65
N THR D 413 -12.24 -20.54 -31.69
CA THR D 413 -12.75 -20.01 -32.98
C THR D 413 -12.21 -20.89 -34.11
N LEU D 414 -13.08 -21.25 -35.06
CA LEU D 414 -12.71 -22.07 -36.22
C LEU D 414 -12.75 -21.20 -37.48
N THR D 415 -11.85 -21.53 -38.40
CA THR D 415 -11.74 -20.93 -39.74
C THR D 415 -12.06 -22.03 -40.77
N ALA D 416 -13.07 -21.81 -41.60
CA ALA D 416 -13.58 -22.80 -42.59
C ALA D 416 -13.32 -22.20 -43.98
N ILE D 417 -12.37 -22.74 -44.73
CA ILE D 417 -11.89 -22.12 -45.99
C ILE D 417 -11.52 -23.23 -46.98
N ASN D 418 -12.01 -23.14 -48.21
CA ASN D 418 -11.57 -24.06 -49.32
C ASN D 418 -11.71 -25.53 -48.85
N GLY D 419 -12.79 -25.87 -48.12
CA GLY D 419 -13.10 -27.23 -47.61
C GLY D 419 -12.10 -27.74 -46.58
N GLN D 420 -11.35 -26.84 -45.96
CA GLN D 420 -10.45 -27.11 -44.81
C GLN D 420 -10.99 -26.38 -43.59
N ILE D 421 -10.93 -26.98 -42.40
CA ILE D 421 -11.37 -26.28 -41.16
C ILE D 421 -10.19 -26.30 -40.18
N PHE D 422 -9.91 -25.18 -39.53
CA PHE D 422 -8.77 -24.99 -38.60
C PHE D 422 -9.32 -24.55 -37.24
N CYS D 423 -8.75 -25.13 -36.18
CA CYS D 423 -9.14 -24.81 -34.80
C CYS D 423 -7.88 -24.81 -33.98
N SER D 424 -7.47 -23.66 -33.42
CA SER D 424 -6.19 -23.55 -32.67
C SER D 424 -6.45 -23.57 -31.16
N ALA D 425 -5.42 -23.86 -30.38
CA ALA D 425 -5.55 -23.91 -28.91
C ALA D 425 -4.20 -23.64 -28.30
N GLY D 426 -4.14 -22.71 -27.34
CA GLY D 426 -2.88 -22.36 -26.68
C GLY D 426 -3.04 -22.30 -25.17
N GLY D 427 -2.13 -21.60 -24.54
CA GLY D 427 -2.16 -21.37 -23.08
C GLY D 427 -0.90 -20.63 -22.64
N GLY D 428 -1.01 -19.93 -21.50
CA GLY D 428 0.05 -19.06 -20.99
C GLY D 428 1.13 -19.89 -20.34
N ILE D 429 2.34 -19.86 -20.87
CA ILE D 429 3.51 -20.53 -20.26
C ILE D 429 4.15 -19.52 -19.29
N VAL D 430 4.22 -19.87 -18.01
CA VAL D 430 4.88 -19.04 -16.97
C VAL D 430 5.89 -19.92 -16.21
N ALA D 431 6.58 -19.36 -15.22
CA ALA D 431 7.76 -20.02 -14.61
C ALA D 431 7.32 -21.35 -14.01
N ASP D 432 6.16 -21.40 -13.38
CA ASP D 432 5.67 -22.61 -12.63
C ASP D 432 4.93 -23.57 -13.57
N SER D 433 4.85 -23.27 -14.87
CA SER D 433 4.19 -24.17 -15.86
C SER D 433 4.96 -25.49 -15.93
N GLN D 434 4.24 -26.59 -16.14
CA GLN D 434 4.84 -27.91 -16.46
C GLN D 434 4.47 -28.31 -17.89
N GLU D 435 5.41 -28.93 -18.58
CA GLU D 435 5.32 -29.28 -20.02
C GLU D 435 4.04 -30.06 -20.30
N GLU D 436 3.82 -31.19 -19.64
CA GLU D 436 2.66 -32.07 -19.93
C GLU D 436 1.35 -31.38 -19.57
N ALA D 437 1.30 -30.68 -18.42
CA ALA D 437 0.08 -29.99 -17.96
C ALA D 437 -0.31 -28.92 -19.01
N GLU D 438 0.66 -28.21 -19.57
CA GLU D 438 0.34 -27.10 -20.53
C GLU D 438 -0.13 -27.72 -21.85
N TYR D 439 0.49 -28.81 -22.28
CA TYR D 439 0.04 -29.55 -23.49
C TYR D 439 -1.42 -29.97 -23.33
N GLN D 440 -1.76 -30.55 -22.20
CA GLN D 440 -3.13 -31.03 -21.93
C GLN D 440 -4.10 -29.86 -21.77
N GLU D 441 -3.62 -28.71 -21.30
CA GLU D 441 -4.48 -27.50 -21.15
C GLU D 441 -4.99 -27.06 -22.55
N THR D 442 -4.15 -27.14 -23.57
CA THR D 442 -4.57 -26.77 -24.96
C THR D 442 -5.75 -27.69 -25.38
N PHE D 443 -5.61 -29.00 -25.16
CA PHE D 443 -6.68 -29.97 -25.51
C PHE D 443 -7.94 -29.72 -24.68
N ASP D 444 -7.83 -29.43 -23.38
CA ASP D 444 -8.98 -29.21 -22.48
C ASP D 444 -9.90 -28.10 -23.03
N LYS D 445 -9.30 -27.08 -23.64
CA LYS D 445 -10.05 -25.90 -24.10
C LYS D 445 -10.91 -26.21 -25.35
N VAL D 446 -10.42 -27.06 -26.25
CA VAL D 446 -11.11 -27.30 -27.55
C VAL D 446 -11.56 -28.75 -27.74
N ASN D 447 -11.28 -29.69 -26.81
CA ASN D 447 -11.62 -31.11 -27.05
C ASN D 447 -13.11 -31.26 -27.36
N ARG D 448 -14.01 -30.56 -26.67
CA ARG D 448 -15.47 -30.74 -26.87
C ARG D 448 -15.88 -30.22 -28.26
N ILE D 449 -15.28 -29.11 -28.70
CA ILE D 449 -15.53 -28.59 -30.09
C ILE D 449 -15.05 -29.63 -31.09
N LEU D 450 -13.81 -30.10 -31.01
CA LEU D 450 -13.24 -31.06 -31.97
C LEU D 450 -14.13 -32.31 -32.02
N LYS D 451 -14.53 -32.83 -30.87
CA LYS D 451 -15.28 -34.09 -30.79
C LYS D 451 -16.72 -33.90 -31.28
N GLN D 452 -17.35 -32.74 -31.05
CA GLN D 452 -18.75 -32.53 -31.49
C GLN D 452 -18.76 -32.55 -33.03
N LEU D 453 -17.72 -32.08 -33.69
CA LEU D 453 -17.71 -32.00 -35.19
C LEU D 453 -17.37 -33.37 -35.81
N GLU D 454 -16.72 -34.27 -35.09
CA GLU D 454 -16.43 -35.66 -35.56
C GLU D 454 -17.70 -36.48 -35.73
N LYS D 455 -18.79 -36.09 -35.06
CA LYS D 455 -20.15 -36.68 -35.18
C LYS D 455 -21.06 -35.76 -36.02
#